data_7AKS
#
_entry.id   7AKS
#
_cell.length_a   123.360
_cell.length_b   158.638
_cell.length_c   74.920
_cell.angle_alpha   90.000
_cell.angle_beta   90.000
_cell.angle_gamma   90.000
#
_symmetry.space_group_name_H-M   'P 21 21 2'
#
loop_
_entity.id
_entity.type
_entity.pdbx_description
1 polymer 'ADP-ribose glycohydrolase ARH3'
2 polymer 'modified peptide'
3 non-polymer 'MAGNESIUM ION'
4 non-polymer 1,2-ETHANEDIOL
5 non-polymer 'ACETATE ION'
6 non-polymer '[(2R,3S,4R,5R)-5-(6-AMINOPURIN-9-YL)-3,4-DIHYDROXY-OXOLAN-2-YL]METHYL [HYDROXY-[[(2R,3S,4R,5S)-3,4,5-TRIHYDROXYOXOLAN-2-YL]METHOXY]PHOSPHORYL] HYDROGEN PHOSPHATE'
7 water water
#
loop_
_entity_poly.entity_id
_entity_poly.type
_entity_poly.pdbx_seq_one_letter_code
_entity_poly.pdbx_strand_id
1 'polypeptide(L)'
;GPGSSLSRFRGCLAGALLGDCVGSFYAAHDTVDLTSVLRHVQSLEPDPGTPGSERTEALYYTDDTAMARALVQSLLAKEA
FDEVDMAHRFAQEYKKDPDRGYGAGVVTVFKKLLNPKCRDVFEPARAQFNGKGSYGNGGAMRVAGISLAYSSVQDVQKFA
RLSAQLTHASSLGYNGAILQALAVHLALQGESSSEHFLKQLLGHMEDLEGDAQSVLDARELGMEERPYSSRLKKIGELLD
QASVTREEVVSELGNGIAAFESVPTAIYCFLRCMEPDPEIPSAFNSLQRTLIYSISLGGDTDTIATMAGAIAGAYYGMDQ
VPESWQQSCEGYEETDILAQSLHRVFQKS
;
AAA,CCC,EEE,GGG
2 'polypeptide(L)' (N7P)AKSAPAPKKG BaB,DaD,FaF,HaH
#
loop_
_chem_comp.id
_chem_comp.type
_chem_comp.name
_chem_comp.formula
ACT non-polymer 'ACETATE ION' 'C2 H3 O2 -1'
AR6 non-polymer '[(2R,3S,4R,5R)-5-(6-AMINOPURIN-9-YL)-3,4-DIHYDROXY-OXOLAN-2-YL]METHYL [HYDROXY-[[(2R,3S,4R,5S)-3,4,5-TRIHYDROXYOXOLAN-2-YL]METHOXY]PHOSPHORYL] HYDROGEN PHOSPHATE' 'C15 H23 N5 O14 P2'
EDO non-polymer 1,2-ETHANEDIOL 'C2 H6 O2'
MG non-polymer 'MAGNESIUM ION' 'Mg 2'
#
# COMPACT_ATOMS: atom_id res chain seq x y z
N SER A 4 27.73 24.01 -10.42
CA SER A 4 27.60 25.47 -10.87
C SER A 4 28.14 25.68 -12.30
N SER A 5 29.39 25.34 -12.58
CA SER A 5 29.98 25.66 -13.89
C SER A 5 29.34 24.74 -14.96
N LEU A 6 29.32 25.26 -16.17
CA LEU A 6 29.04 24.48 -17.39
C LEU A 6 29.93 23.23 -17.44
N SER A 7 31.19 23.33 -17.06
CA SER A 7 32.13 22.21 -17.09
C SER A 7 31.60 21.06 -16.22
N ARG A 8 31.01 21.39 -15.06
CA ARG A 8 30.48 20.36 -14.12
C ARG A 8 29.23 19.73 -14.72
N PHE A 9 28.36 20.51 -15.35
CA PHE A 9 27.14 19.98 -15.99
C PHE A 9 27.56 19.00 -17.10
N ARG A 10 28.48 19.42 -17.97
CA ARG A 10 28.93 18.61 -19.12
C ARG A 10 29.66 17.37 -18.60
N GLY A 11 30.53 17.52 -17.59
CA GLY A 11 31.29 16.42 -17.03
C GLY A 11 30.33 15.40 -16.39
N CYS A 12 29.32 15.87 -15.69
CA CYS A 12 28.30 15.00 -15.04
C CYS A 12 27.64 14.10 -16.11
N LEU A 13 27.07 14.69 -17.16
CA LEU A 13 26.32 13.85 -18.14
C LEU A 13 27.29 13.04 -19.00
N ALA A 14 28.47 13.57 -19.32
CA ALA A 14 29.49 12.79 -20.09
C ALA A 14 29.97 11.61 -19.25
N GLY A 15 30.25 11.84 -17.98
CA GLY A 15 30.68 10.80 -17.02
C GLY A 15 29.65 9.68 -16.94
N ALA A 16 28.37 10.02 -16.86
CA ALA A 16 27.27 9.04 -16.85
C ALA A 16 27.28 8.26 -18.17
N LEU A 17 27.42 8.95 -19.30
CA LEU A 17 27.39 8.31 -20.62
C LEU A 17 28.58 7.33 -20.72
N LEU A 18 29.76 7.76 -20.29
CA LEU A 18 30.98 6.88 -20.32
C LEU A 18 30.71 5.63 -19.46
N GLY A 19 30.18 5.80 -18.26
CA GLY A 19 29.89 4.67 -17.35
C GLY A 19 28.98 3.67 -18.03
N ASP A 20 27.88 4.14 -18.63
CA ASP A 20 26.92 3.29 -19.33
C ASP A 20 27.63 2.58 -20.49
N CYS A 21 28.26 3.32 -21.39
CA CYS A 21 28.83 2.78 -22.65
C CYS A 21 29.96 1.82 -22.32
N VAL A 22 30.88 2.24 -21.46
CA VAL A 22 32.09 1.44 -21.14
C VAL A 22 31.66 0.28 -20.24
N GLY A 23 30.82 0.56 -19.24
CA GLY A 23 30.31 -0.50 -18.36
C GLY A 23 29.52 -1.56 -19.10
N SER A 24 28.67 -1.17 -20.06
CA SER A 24 27.85 -2.10 -20.88
C SER A 24 28.76 -2.97 -21.75
N PHE A 25 29.80 -2.35 -22.29
CA PHE A 25 30.78 -3.08 -23.13
C PHE A 25 31.34 -4.23 -22.31
N TYR A 26 31.75 -4.01 -21.05
CA TYR A 26 32.33 -5.07 -20.16
CA TYR A 26 32.32 -5.08 -20.19
C TYR A 26 31.24 -6.08 -19.77
N ALA A 27 30.04 -5.64 -19.43
CA ALA A 27 28.91 -6.55 -19.07
C ALA A 27 28.59 -7.53 -20.22
N ALA A 28 28.84 -7.16 -21.49
CA ALA A 28 28.51 -7.98 -22.69
C ALA A 28 29.69 -8.87 -23.10
N HIS A 29 30.95 -8.51 -22.80
CA HIS A 29 32.16 -9.26 -23.27
C HIS A 29 32.91 -9.74 -22.02
N ASP A 30 33.08 -11.05 -21.83
CA ASP A 30 33.71 -11.63 -20.61
C ASP A 30 35.20 -11.25 -20.57
N THR A 35 43.59 -5.77 -16.62
CA THR A 35 44.66 -5.62 -17.66
C THR A 35 44.02 -5.63 -19.06
N SER A 36 43.08 -6.53 -19.33
CA SER A 36 42.30 -6.54 -20.60
C SER A 36 41.44 -5.27 -20.67
N VAL A 37 40.85 -4.86 -19.54
CA VAL A 37 40.01 -3.64 -19.40
C VAL A 37 40.86 -2.41 -19.75
N LEU A 38 42.01 -2.27 -19.05
CA LEU A 38 42.97 -1.14 -19.20
C LEU A 38 43.46 -1.11 -20.66
N ARG A 39 43.61 -2.27 -21.31
CA ARG A 39 44.09 -2.38 -22.70
C ARG A 39 43.03 -1.84 -23.67
N HIS A 40 41.77 -2.24 -23.55
CA HIS A 40 40.67 -1.90 -24.50
C HIS A 40 40.21 -0.44 -24.33
N VAL A 41 40.45 0.20 -23.19
CA VAL A 41 40.05 1.64 -22.96
C VAL A 41 41.11 2.56 -23.61
N GLN A 42 42.39 2.18 -23.50
CA GLN A 42 43.53 2.88 -24.14
C GLN A 42 43.45 2.76 -25.67
N SER A 43 42.93 1.64 -26.18
CA SER A 43 42.66 1.32 -27.61
C SER A 43 41.87 2.43 -28.29
N LEU A 44 40.95 3.07 -27.57
CA LEU A 44 39.98 4.06 -28.11
C LEU A 44 40.68 5.34 -28.63
N ALA A 58 31.92 2.30 -32.43
CA ALA A 58 31.26 3.16 -31.39
C ALA A 58 30.67 2.29 -30.27
N LEU A 59 30.81 2.74 -29.03
CA LEU A 59 30.18 2.11 -27.85
C LEU A 59 28.71 2.54 -27.77
N TYR A 60 27.78 1.60 -27.84
CA TYR A 60 26.33 1.87 -27.73
C TYR A 60 25.96 2.10 -26.25
N TYR A 61 25.02 3.02 -26.03
CA TYR A 61 24.46 3.25 -24.67
C TYR A 61 23.29 2.27 -24.46
N THR A 62 22.77 2.21 -23.24
CA THR A 62 21.69 1.26 -22.90
C THR A 62 20.49 2.04 -22.39
N ASP A 63 19.59 1.36 -21.70
CA ASP A 63 18.40 1.97 -21.05
C ASP A 63 18.82 3.07 -20.08
N ASP A 64 19.99 2.97 -19.44
CA ASP A 64 20.47 3.97 -18.46
C ASP A 64 20.47 5.35 -19.14
N THR A 65 21.13 5.43 -20.30
CA THR A 65 21.26 6.71 -21.03
C THR A 65 19.91 7.02 -21.69
N ALA A 66 19.22 6.03 -22.25
CA ALA A 66 17.94 6.30 -22.95
C ALA A 66 17.01 7.01 -21.96
N MET A 67 16.93 6.53 -20.72
CA MET A 67 16.02 7.11 -19.72
C MET A 67 16.58 8.42 -19.18
N ALA A 68 17.89 8.54 -18.99
CA ALA A 68 18.50 9.80 -18.54
C ALA A 68 18.19 10.89 -19.59
N ARG A 69 18.28 10.54 -20.87
CA ARG A 69 18.00 11.49 -21.96
C ARG A 69 16.53 11.94 -21.87
N ALA A 70 15.60 11.01 -21.76
CA ALA A 70 14.15 11.30 -21.69
C ALA A 70 13.90 12.19 -20.46
N LEU A 71 14.54 11.91 -19.32
CA LEU A 71 14.31 12.70 -18.09
C LEU A 71 14.74 14.16 -18.33
N VAL A 72 15.94 14.33 -18.89
CA VAL A 72 16.54 15.66 -19.14
C VAL A 72 15.69 16.39 -20.19
N GLN A 73 15.29 15.70 -21.26
CA GLN A 73 14.47 16.33 -22.32
C GLN A 73 13.13 16.78 -21.74
N SER A 74 12.55 16.04 -20.80
CA SER A 74 11.29 16.44 -20.13
C SER A 74 11.51 17.71 -19.31
N LEU A 75 12.55 17.75 -18.50
CA LEU A 75 12.87 18.93 -17.66
C LEU A 75 13.08 20.16 -18.57
N LEU A 76 13.74 20.00 -19.71
CA LEU A 76 13.99 21.13 -20.65
C LEU A 76 12.69 21.55 -21.33
N ALA A 77 11.86 20.60 -21.78
CA ALA A 77 10.60 20.90 -22.49
C ALA A 77 9.64 21.67 -21.58
N LYS A 78 9.55 21.35 -20.29
CA LYS A 78 8.55 21.98 -19.38
C LYS A 78 9.24 22.98 -18.43
N GLU A 79 10.55 23.06 -18.47
CA GLU A 79 11.38 23.93 -17.58
C GLU A 79 11.01 23.65 -16.13
N ALA A 80 10.72 22.40 -15.83
CA ALA A 80 10.26 21.91 -14.51
C ALA A 80 9.98 20.40 -14.62
N PHE A 81 9.91 19.75 -13.49
CA PHE A 81 9.38 18.37 -13.37
C PHE A 81 7.88 18.37 -13.74
N ASP A 82 7.53 17.55 -14.72
CA ASP A 82 6.13 17.33 -15.12
C ASP A 82 5.92 15.82 -15.26
N GLU A 83 5.21 15.21 -14.32
CA GLU A 83 5.11 13.72 -14.24
C GLU A 83 4.48 13.15 -15.53
N VAL A 84 3.50 13.84 -16.12
CA VAL A 84 2.82 13.31 -17.34
C VAL A 84 3.80 13.40 -18.52
N ASP A 85 4.48 14.54 -18.69
CA ASP A 85 5.42 14.73 -19.82
C ASP A 85 6.53 13.67 -19.68
N MET A 86 7.07 13.51 -18.49
CA MET A 86 8.21 12.59 -18.28
C MET A 86 7.77 11.14 -18.47
N ALA A 87 6.59 10.76 -17.94
CA ALA A 87 6.04 9.40 -18.14
C ALA A 87 5.89 9.14 -19.65
N HIS A 88 5.38 10.09 -20.40
CA HIS A 88 5.13 9.94 -21.87
C HIS A 88 6.48 9.77 -22.56
N ARG A 89 7.48 10.54 -22.17
CA ARG A 89 8.81 10.48 -22.82
C ARG A 89 9.46 9.14 -22.50
N PHE A 90 9.34 8.62 -21.28
CA PHE A 90 9.88 7.28 -20.92
C PHE A 90 9.21 6.22 -21.81
N ALA A 91 7.88 6.23 -21.87
CA ALA A 91 7.10 5.22 -22.63
C ALA A 91 7.46 5.30 -24.11
N GLN A 92 7.58 6.51 -24.67
CA GLN A 92 7.87 6.72 -26.11
C GLN A 92 9.30 6.25 -26.39
N GLU A 93 10.24 6.53 -25.48
CA GLU A 93 11.64 6.10 -25.70
C GLU A 93 11.69 4.57 -25.74
N TYR A 94 10.99 3.94 -24.81
CA TYR A 94 10.90 2.46 -24.76
C TYR A 94 10.34 1.94 -26.09
N LYS A 95 9.23 2.50 -26.54
CA LYS A 95 8.55 2.04 -27.79
C LYS A 95 9.52 2.17 -28.97
N LYS A 96 10.30 3.25 -29.01
CA LYS A 96 11.25 3.54 -30.10
C LYS A 96 12.38 2.51 -30.09
N ASP A 97 12.88 2.10 -28.94
CA ASP A 97 13.94 1.05 -28.91
C ASP A 97 13.80 0.23 -27.65
N PRO A 98 12.96 -0.83 -27.70
CA PRO A 98 12.69 -1.65 -26.53
C PRO A 98 13.82 -2.59 -26.14
N ASP A 99 14.88 -2.69 -26.95
CA ASP A 99 15.94 -3.71 -26.80
C ASP A 99 17.20 -3.09 -26.18
N ARG A 100 17.12 -1.90 -25.61
CA ARG A 100 18.33 -1.19 -25.07
C ARG A 100 18.87 -1.87 -23.81
N GLY A 101 18.11 -2.72 -23.12
CA GLY A 101 18.58 -3.51 -21.96
C GLY A 101 17.81 -3.20 -20.68
N TYR A 102 16.54 -2.84 -20.79
CA TYR A 102 15.64 -2.48 -19.65
C TYR A 102 15.51 -3.68 -18.72
N GLY A 103 15.34 -3.39 -17.43
CA GLY A 103 14.90 -4.39 -16.45
C GLY A 103 13.63 -5.08 -16.90
N ALA A 104 13.50 -6.37 -16.63
CA ALA A 104 12.35 -7.16 -17.11
C ALA A 104 11.09 -6.65 -16.42
N GLY A 105 11.21 -6.13 -15.20
CA GLY A 105 10.06 -5.60 -14.46
C GLY A 105 9.54 -4.30 -15.02
N VAL A 106 10.40 -3.31 -15.25
CA VAL A 106 9.99 -1.92 -15.60
C VAL A 106 9.27 -1.91 -16.95
N VAL A 107 9.53 -2.87 -17.83
CA VAL A 107 8.83 -2.86 -19.15
CA VAL A 107 8.84 -2.98 -19.14
C VAL A 107 7.31 -2.93 -18.93
N THR A 108 6.82 -3.58 -17.88
CA THR A 108 5.37 -3.60 -17.55
C THR A 108 4.84 -2.18 -17.40
N VAL A 109 5.58 -1.30 -16.70
CA VAL A 109 5.18 0.11 -16.53
C VAL A 109 5.07 0.79 -17.90
N PHE A 110 6.06 0.60 -18.78
CA PHE A 110 6.03 1.27 -20.12
C PHE A 110 4.84 0.75 -20.95
N LYS A 111 4.55 -0.54 -20.88
CA LYS A 111 3.45 -1.15 -21.68
C LYS A 111 2.11 -0.60 -21.17
N LYS A 112 1.97 -0.40 -19.86
CA LYS A 112 0.73 0.23 -19.33
C LYS A 112 0.63 1.67 -19.84
N LEU A 113 1.73 2.43 -19.76
CA LEU A 113 1.69 3.88 -20.12
C LEU A 113 1.43 4.02 -21.65
N LEU A 114 1.81 3.02 -22.44
CA LEU A 114 1.61 3.07 -23.92
C LEU A 114 0.16 2.72 -24.26
N ASN A 115 -0.53 1.96 -23.43
CA ASN A 115 -1.89 1.53 -23.83
C ASN A 115 -2.84 2.74 -23.61
N PRO A 116 -3.97 2.77 -24.33
CA PRO A 116 -4.81 3.97 -24.36
C PRO A 116 -5.57 4.23 -23.05
N LYS A 117 -5.53 3.31 -22.09
CA LYS A 117 -6.34 3.38 -20.85
C LYS A 117 -6.16 4.72 -20.11
N CYS A 118 -7.26 5.26 -19.60
CA CYS A 118 -7.31 6.43 -18.70
C CYS A 118 -6.74 6.02 -17.35
N ARG A 119 -5.69 6.67 -16.85
CA ARG A 119 -5.04 6.29 -15.56
C ARG A 119 -4.24 7.47 -14.98
N ASP A 120 -3.95 7.41 -13.69
CA ASP A 120 -2.89 8.19 -13.00
C ASP A 120 -1.54 7.66 -13.47
N VAL A 121 -0.65 8.48 -14.05
CA VAL A 121 0.64 8.00 -14.61
C VAL A 121 1.51 7.33 -13.52
N PHE A 122 1.27 7.57 -12.23
CA PHE A 122 2.02 6.94 -11.12
C PHE A 122 1.48 5.56 -10.76
N GLU A 123 0.30 5.18 -11.27
CA GLU A 123 -0.39 3.95 -10.82
C GLU A 123 0.37 2.72 -11.33
N PRO A 124 0.84 2.63 -12.59
CA PRO A 124 1.57 1.42 -13.01
C PRO A 124 2.76 1.10 -12.10
N ALA A 125 3.55 2.09 -11.71
CA ALA A 125 4.70 1.85 -10.81
C ALA A 125 4.20 1.29 -9.46
N ARG A 126 3.08 1.81 -8.95
CA ARG A 126 2.54 1.39 -7.63
C ARG A 126 2.10 -0.08 -7.69
N ALA A 127 1.63 -0.54 -8.83
CA ALA A 127 1.07 -1.90 -9.00
C ALA A 127 2.19 -2.94 -9.12
N GLN A 128 3.42 -2.52 -9.44
CA GLN A 128 4.56 -3.46 -9.63
C GLN A 128 4.77 -4.36 -8.41
N PHE A 129 5.16 -5.60 -8.69
CA PHE A 129 5.58 -6.60 -7.68
C PHE A 129 4.50 -6.68 -6.59
N ASN A 130 3.27 -7.00 -7.00
CA ASN A 130 2.15 -7.26 -6.07
C ASN A 130 1.90 -5.99 -5.25
N GLY A 131 2.05 -4.81 -5.85
CA GLY A 131 1.73 -3.51 -5.21
C GLY A 131 2.83 -3.03 -4.29
N LYS A 132 4.00 -3.66 -4.25
CA LYS A 132 5.07 -3.21 -3.33
C LYS A 132 6.01 -2.22 -4.04
N GLY A 133 5.99 -2.18 -5.36
CA GLY A 133 6.85 -1.28 -6.13
C GLY A 133 8.22 -1.90 -6.37
N SER A 134 8.95 -1.40 -7.36
CA SER A 134 10.32 -1.88 -7.70
C SER A 134 11.33 -1.23 -6.78
N TYR A 135 12.28 -2.02 -6.27
CA TYR A 135 13.48 -1.52 -5.57
C TYR A 135 14.70 -1.59 -6.51
N GLY A 136 14.49 -1.78 -7.80
CA GLY A 136 15.60 -1.78 -8.78
C GLY A 136 16.33 -0.43 -8.84
N ASN A 137 17.53 -0.41 -9.42
CA ASN A 137 18.38 0.81 -9.54
C ASN A 137 17.98 1.68 -10.73
N GLY A 138 16.90 1.36 -11.46
CA GLY A 138 16.51 2.13 -12.65
C GLY A 138 16.07 3.56 -12.34
N GLY A 139 15.50 3.81 -11.16
CA GLY A 139 15.15 5.18 -10.77
C GLY A 139 16.41 6.01 -10.54
N ALA A 140 17.46 5.39 -10.01
CA ALA A 140 18.72 6.08 -9.67
C ALA A 140 19.62 6.21 -10.91
N MET A 141 19.53 5.29 -11.88
CA MET A 141 20.52 5.23 -12.99
C MET A 141 20.37 6.50 -13.84
N ARG A 142 19.18 7.12 -13.82
CA ARG A 142 18.78 8.19 -14.75
C ARG A 142 18.63 9.56 -14.06
N VAL A 143 18.89 9.64 -12.76
CA VAL A 143 18.36 10.75 -11.91
C VAL A 143 19.27 11.99 -11.95
N ALA A 144 20.50 11.92 -12.46
CA ALA A 144 21.51 12.99 -12.29
C ALA A 144 20.96 14.33 -12.76
N GLY A 145 20.23 14.33 -13.87
CA GLY A 145 19.59 15.52 -14.44
C GLY A 145 18.78 16.34 -13.43
N ILE A 146 18.17 15.68 -12.47
CA ILE A 146 17.39 16.39 -11.40
C ILE A 146 18.32 17.35 -10.66
N SER A 147 19.54 16.92 -10.36
CA SER A 147 20.47 17.74 -9.54
C SER A 147 21.11 18.83 -10.41
N LEU A 148 20.99 18.75 -11.73
CA LEU A 148 21.43 19.84 -12.63
C LEU A 148 20.28 20.89 -12.75
N ALA A 149 19.02 20.48 -12.64
CA ALA A 149 17.86 21.37 -12.85
C ALA A 149 17.54 22.10 -11.53
N TYR A 150 17.68 21.44 -10.38
CA TYR A 150 17.21 21.95 -9.07
C TYR A 150 18.44 22.19 -8.18
N SER A 151 18.62 23.42 -7.71
CA SER A 151 19.82 23.78 -6.91
C SER A 151 19.55 23.52 -5.41
N SER A 152 18.31 23.60 -4.97
CA SER A 152 17.95 23.43 -3.55
C SER A 152 17.94 21.93 -3.18
N VAL A 153 18.54 21.56 -2.05
CA VAL A 153 18.63 20.15 -1.59
C VAL A 153 17.21 19.60 -1.34
N GLN A 154 16.27 20.43 -0.91
CA GLN A 154 14.85 20.05 -0.71
C GLN A 154 14.23 19.67 -2.05
N ASP A 155 14.43 20.47 -3.09
CA ASP A 155 13.89 20.19 -4.45
C ASP A 155 14.58 18.95 -5.05
N VAL A 156 15.87 18.79 -4.83
CA VAL A 156 16.63 17.60 -5.32
C VAL A 156 15.96 16.33 -4.76
N GLN A 157 15.69 16.30 -3.45
CA GLN A 157 15.01 15.13 -2.80
C GLN A 157 13.60 14.96 -3.36
N LYS A 158 12.83 16.03 -3.43
CA LYS A 158 11.41 15.99 -3.86
C LYS A 158 11.31 15.45 -5.28
N PHE A 159 12.10 15.98 -6.21
CA PHE A 159 11.97 15.65 -7.65
C PHE A 159 12.77 14.40 -7.99
N ALA A 160 13.82 14.05 -7.27
CA ALA A 160 14.46 12.73 -7.42
C ALA A 160 13.42 11.67 -7.04
N ARG A 161 12.70 11.88 -5.93
CA ARG A 161 11.65 10.93 -5.47
C ARG A 161 10.57 10.81 -6.57
N LEU A 162 10.00 11.93 -7.03
CA LEU A 162 8.86 11.91 -7.96
C LEU A 162 9.29 11.31 -9.31
N SER A 163 10.46 11.70 -9.82
CA SER A 163 10.94 11.14 -11.11
C SER A 163 11.13 9.62 -10.95
N ALA A 164 11.67 9.16 -9.83
CA ALA A 164 11.87 7.71 -9.58
C ALA A 164 10.51 6.99 -9.50
N GLN A 165 9.51 7.60 -8.86
CA GLN A 165 8.19 6.97 -8.60
C GLN A 165 7.44 6.71 -9.90
N LEU A 166 7.82 7.31 -11.03
CA LEU A 166 7.21 6.95 -12.32
C LEU A 166 7.45 5.47 -12.66
N THR A 167 8.53 4.88 -12.14
CA THR A 167 8.83 3.45 -12.40
C THR A 167 9.03 2.67 -11.09
N HIS A 168 9.43 3.33 -10.01
CA HIS A 168 9.98 2.72 -8.78
C HIS A 168 9.22 3.26 -7.56
N ALA A 169 8.11 2.58 -7.18
CA ALA A 169 7.19 3.04 -6.11
C ALA A 169 7.66 2.55 -4.73
N SER A 170 8.57 1.60 -4.67
CA SER A 170 9.17 1.14 -3.40
C SER A 170 10.13 2.22 -2.90
N SER A 171 10.05 2.60 -1.63
CA SER A 171 11.04 3.50 -1.01
C SER A 171 12.44 2.87 -1.14
N LEU A 172 12.59 1.57 -1.19
CA LEU A 172 13.93 0.93 -1.35
C LEU A 172 14.47 1.34 -2.74
N GLY A 173 13.58 1.57 -3.72
CA GLY A 173 13.95 2.07 -5.05
C GLY A 173 14.14 3.57 -5.07
N TYR A 174 13.15 4.34 -4.62
CA TYR A 174 13.21 5.81 -4.78
C TYR A 174 14.19 6.42 -3.76
N ASN A 175 14.45 5.80 -2.60
CA ASN A 175 15.47 6.37 -1.67
C ASN A 175 16.86 6.19 -2.29
N GLY A 176 17.08 5.17 -3.10
CA GLY A 176 18.34 5.04 -3.85
C GLY A 176 18.48 6.15 -4.89
N ALA A 177 17.41 6.49 -5.59
CA ALA A 177 17.41 7.63 -6.55
C ALA A 177 17.72 8.95 -5.79
N ILE A 178 17.10 9.15 -4.63
CA ILE A 178 17.35 10.37 -3.82
C ILE A 178 18.83 10.37 -3.43
N LEU A 179 19.37 9.26 -2.98
CA LEU A 179 20.79 9.20 -2.53
C LEU A 179 21.72 9.57 -3.70
N GLN A 180 21.47 9.03 -4.88
CA GLN A 180 22.30 9.30 -6.09
C GLN A 180 22.15 10.79 -6.47
N ALA A 181 20.93 11.33 -6.46
CA ALA A 181 20.70 12.75 -6.79
C ALA A 181 21.42 13.63 -5.75
N LEU A 182 21.40 13.24 -4.48
CA LEU A 182 22.10 14.02 -3.43
C LEU A 182 23.61 13.96 -3.64
N ALA A 183 24.15 12.81 -4.05
CA ALA A 183 25.61 12.66 -4.27
C ALA A 183 26.02 13.58 -5.44
N VAL A 184 25.24 13.62 -6.51
CA VAL A 184 25.55 14.52 -7.66
C VAL A 184 25.46 15.97 -7.17
N HIS A 185 24.40 16.32 -6.44
CA HIS A 185 24.20 17.67 -5.85
C HIS A 185 25.44 18.07 -5.05
N LEU A 186 25.93 17.22 -4.17
CA LEU A 186 27.13 17.53 -3.36
C LEU A 186 28.37 17.64 -4.24
N ALA A 187 28.52 16.77 -5.23
CA ALA A 187 29.72 16.75 -6.11
C ALA A 187 29.81 18.09 -6.85
N LEU A 188 28.67 18.66 -7.26
CA LEU A 188 28.61 19.96 -7.97
C LEU A 188 29.15 21.10 -7.11
N GLN A 189 29.17 20.98 -5.78
CA GLN A 189 29.68 22.06 -4.89
C GLN A 189 31.20 22.00 -4.82
N GLY A 190 31.84 21.00 -5.42
CA GLY A 190 33.29 20.96 -5.54
C GLY A 190 33.96 20.40 -4.33
N GLU A 191 35.22 20.80 -4.13
CA GLU A 191 36.20 20.07 -3.29
C GLU A 191 35.63 19.83 -1.90
N SER A 192 35.75 18.59 -1.47
CA SER A 192 35.21 18.06 -0.20
C SER A 192 36.12 16.92 0.26
N SER A 193 36.29 16.81 1.57
CA SER A 193 36.80 15.57 2.20
C SER A 193 35.76 14.48 1.96
N SER A 194 36.23 13.24 1.86
CA SER A 194 35.33 12.07 1.82
C SER A 194 34.47 12.05 3.09
N GLU A 195 35.03 12.42 4.24
CA GLU A 195 34.31 12.42 5.54
C GLU A 195 33.12 13.39 5.48
N HIS A 196 33.32 14.62 4.99
CA HIS A 196 32.23 15.63 4.89
C HIS A 196 31.14 15.14 3.91
N PHE A 197 31.57 14.58 2.78
CA PHE A 197 30.65 14.09 1.72
C PHE A 197 29.73 13.01 2.29
N LEU A 198 30.36 12.02 2.92
CA LEU A 198 29.68 10.85 3.52
C LEU A 198 28.74 11.28 4.64
N LYS A 199 29.20 12.17 5.54
CA LYS A 199 28.36 12.61 6.68
C LYS A 199 27.11 13.32 6.18
N GLN A 200 27.26 14.17 5.17
CA GLN A 200 26.10 14.87 4.59
C GLN A 200 25.11 13.84 4.05
N LEU A 201 25.58 12.88 3.26
CA LEU A 201 24.66 11.85 2.69
C LEU A 201 24.02 11.06 3.84
N LEU A 202 24.81 10.67 4.85
CA LEU A 202 24.29 9.83 5.96
C LEU A 202 23.21 10.59 6.71
N GLY A 203 23.40 11.89 6.92
CA GLY A 203 22.42 12.76 7.62
C GLY A 203 21.08 12.71 6.93
N HIS A 204 21.06 12.89 5.59
CA HIS A 204 19.82 12.82 4.77
C HIS A 204 19.24 11.41 4.83
N MET A 205 20.05 10.36 4.64
CA MET A 205 19.49 9.00 4.52
C MET A 205 18.95 8.52 5.89
N GLU A 206 19.59 8.87 7.00
CA GLU A 206 19.07 8.46 8.34
CA GLU A 206 19.07 8.46 8.34
C GLU A 206 17.69 9.10 8.52
N ASP A 207 17.53 10.34 8.08
CA ASP A 207 16.25 11.07 8.09
C ASP A 207 15.22 10.30 7.23
N LEU A 208 15.54 10.02 5.98
CA LEU A 208 14.58 9.41 5.01
C LEU A 208 14.23 7.99 5.44
N GLU A 209 15.18 7.23 5.97
CA GLU A 209 14.95 5.80 6.31
C GLU A 209 14.18 5.67 7.64
N GLY A 210 14.08 6.74 8.41
CA GLY A 210 13.24 6.80 9.63
C GLY A 210 11.80 7.11 9.28
N ASP A 211 11.50 7.56 8.05
CA ASP A 211 10.11 7.82 7.62
C ASP A 211 9.28 6.51 7.65
N ALA A 212 8.00 6.60 8.03
CA ALA A 212 7.08 5.44 8.15
C ALA A 212 7.09 4.60 6.86
N GLN A 213 7.03 5.24 5.69
CA GLN A 213 6.99 4.52 4.38
C GLN A 213 8.28 3.68 4.22
N SER A 214 9.44 4.24 4.55
CA SER A 214 10.74 3.54 4.45
C SER A 214 10.75 2.35 5.42
N VAL A 215 10.30 2.57 6.67
CA VAL A 215 10.31 1.48 7.69
C VAL A 215 9.42 0.34 7.18
N LEU A 216 8.21 0.68 6.72
CA LEU A 216 7.20 -0.29 6.26
C LEU A 216 7.77 -1.08 5.08
N ASP A 217 8.29 -0.39 4.05
CA ASP A 217 8.78 -1.07 2.83
C ASP A 217 9.88 -2.07 3.21
N ALA A 218 10.82 -1.69 4.07
CA ALA A 218 11.95 -2.55 4.48
C ALA A 218 11.41 -3.82 5.14
N ARG A 219 10.47 -3.67 6.09
CA ARG A 219 10.01 -4.81 6.90
C ARG A 219 9.16 -5.74 6.02
N GLU A 220 8.34 -5.21 5.12
CA GLU A 220 7.49 -6.07 4.25
C GLU A 220 8.33 -6.93 3.30
N LEU A 221 9.61 -6.62 3.11
CA LEU A 221 10.51 -7.42 2.24
C LEU A 221 11.49 -8.23 3.09
N GLY A 222 11.27 -8.32 4.41
CA GLY A 222 12.15 -9.06 5.31
C GLY A 222 13.59 -8.55 5.23
N MET A 223 13.77 -7.24 5.08
CA MET A 223 15.10 -6.61 4.96
C MET A 223 15.47 -5.95 6.27
N GLU A 224 16.77 -5.75 6.48
CA GLU A 224 17.33 -4.80 7.48
C GLU A 224 16.59 -3.46 7.36
N GLU A 225 16.38 -2.78 8.49
CA GLU A 225 15.90 -1.39 8.42
C GLU A 225 17.11 -0.57 8.00
N ARG A 226 16.85 0.53 7.29
CA ARG A 226 17.86 1.55 6.97
C ARG A 226 18.99 0.91 6.20
N PRO A 227 18.73 0.25 5.05
CA PRO A 227 19.81 -0.32 4.24
C PRO A 227 20.79 0.73 3.67
N TYR A 228 20.34 1.94 3.36
CA TYR A 228 21.24 2.95 2.75
C TYR A 228 22.18 3.47 3.84
N SER A 229 21.63 3.81 4.99
CA SER A 229 22.38 4.40 6.13
C SER A 229 23.41 3.38 6.59
N SER A 230 23.02 2.11 6.69
CA SER A 230 23.95 1.03 7.09
CA SER A 230 23.95 1.03 7.09
C SER A 230 25.10 0.95 6.08
N ARG A 231 24.79 0.98 4.78
CA ARG A 231 25.86 0.84 3.77
C ARG A 231 26.73 2.10 3.78
N LEU A 232 26.18 3.29 4.04
CA LEU A 232 27.00 4.53 4.08
C LEU A 232 27.97 4.44 5.28
N LYS A 233 27.53 3.88 6.42
CA LYS A 233 28.44 3.68 7.58
C LYS A 233 29.51 2.67 7.21
N LYS A 234 29.16 1.60 6.47
CA LYS A 234 30.15 0.58 6.02
C LYS A 234 31.13 1.23 5.06
N ILE A 235 30.68 2.16 4.21
CA ILE A 235 31.60 2.89 3.28
C ILE A 235 32.67 3.58 4.12
N GLY A 236 32.27 4.30 5.18
CA GLY A 236 33.22 4.99 6.08
C GLY A 236 34.27 4.03 6.65
N GLU A 237 33.81 2.87 7.12
CA GLU A 237 34.70 1.81 7.65
C GLU A 237 35.62 1.29 6.54
N LEU A 238 35.09 1.07 5.32
CA LEU A 238 35.88 0.55 4.19
C LEU A 238 36.97 1.56 3.83
N LEU A 239 36.63 2.84 3.75
CA LEU A 239 37.58 3.93 3.37
C LEU A 239 38.65 4.08 4.47
N ASP A 240 38.34 3.75 5.71
CA ASP A 240 39.32 3.85 6.82
C ASP A 240 40.36 2.72 6.71
N GLN A 241 40.08 1.64 5.99
CA GLN A 241 40.95 0.43 5.96
C GLN A 241 42.10 0.65 4.97
N ALA A 242 43.27 0.15 5.32
CA ALA A 242 44.53 0.32 4.54
C ALA A 242 44.31 -0.26 3.15
N SER A 243 43.75 -1.46 3.07
CA SER A 243 43.40 -2.08 1.77
C SER A 243 42.15 -2.92 1.94
N VAL A 244 41.35 -2.97 0.89
CA VAL A 244 40.08 -3.72 0.84
C VAL A 244 40.04 -4.38 -0.54
N THR A 245 39.69 -5.65 -0.57
CA THR A 245 39.58 -6.41 -1.83
C THR A 245 38.23 -6.07 -2.46
N ARG A 246 38.14 -6.31 -3.76
CA ARG A 246 36.88 -6.17 -4.53
CA ARG A 246 36.88 -6.17 -4.53
C ARG A 246 35.82 -7.10 -3.93
N GLU A 247 36.23 -8.30 -3.54
CA GLU A 247 35.33 -9.29 -2.90
C GLU A 247 34.73 -8.66 -1.64
N GLU A 248 35.52 -8.02 -0.79
CA GLU A 248 34.99 -7.41 0.46
C GLU A 248 34.02 -6.30 0.09
N VAL A 249 34.36 -5.46 -0.90
CA VAL A 249 33.47 -4.33 -1.29
C VAL A 249 32.13 -4.90 -1.72
N VAL A 250 32.14 -5.89 -2.60
CA VAL A 250 30.91 -6.48 -3.19
C VAL A 250 30.11 -7.20 -2.07
N SER A 251 30.80 -7.92 -1.19
CA SER A 251 30.16 -8.64 -0.07
C SER A 251 29.41 -7.64 0.82
N GLU A 252 30.03 -6.53 1.15
CA GLU A 252 29.49 -5.53 2.10
C GLU A 252 28.45 -4.64 1.42
N LEU A 253 28.67 -4.21 0.16
CA LEU A 253 27.82 -3.15 -0.42
C LEU A 253 26.95 -3.73 -1.54
N GLY A 254 27.43 -4.72 -2.29
CA GLY A 254 26.72 -5.26 -3.44
C GLY A 254 27.27 -4.76 -4.76
N ASN A 255 26.84 -5.40 -5.84
CA ASN A 255 27.12 -4.97 -7.23
C ASN A 255 25.97 -5.36 -8.12
N GLY A 256 24.75 -5.23 -7.63
CA GLY A 256 23.55 -5.85 -8.21
C GLY A 256 22.55 -4.87 -8.80
N ILE A 257 21.41 -5.41 -9.21
CA ILE A 257 20.34 -4.64 -9.89
C ILE A 257 19.45 -3.90 -8.88
N ALA A 258 19.50 -4.24 -7.59
CA ALA A 258 18.76 -3.51 -6.55
C ALA A 258 19.47 -2.18 -6.25
N ALA A 259 18.69 -1.13 -6.03
CA ALA A 259 19.22 0.22 -5.78
C ALA A 259 20.12 0.15 -4.55
N PHE A 260 19.75 -0.66 -3.56
CA PHE A 260 20.49 -0.67 -2.28
C PHE A 260 21.77 -1.49 -2.42
N GLU A 261 21.95 -2.24 -3.51
CA GLU A 261 23.20 -3.02 -3.78
C GLU A 261 23.99 -2.41 -4.94
N SER A 262 23.73 -1.15 -5.29
CA SER A 262 24.45 -0.49 -6.41
C SER A 262 24.72 0.99 -6.11
N VAL A 263 23.75 1.76 -5.60
CA VAL A 263 23.97 3.22 -5.38
C VAL A 263 25.07 3.45 -4.34
N PRO A 264 25.06 2.82 -3.15
CA PRO A 264 26.18 3.03 -2.21
C PRO A 264 27.52 2.54 -2.81
N THR A 265 27.50 1.48 -3.61
CA THR A 265 28.71 0.97 -4.29
C THR A 265 29.28 2.05 -5.21
N ALA A 266 28.45 2.70 -6.00
CA ALA A 266 28.88 3.82 -6.87
C ALA A 266 29.53 4.93 -6.04
N ILE A 267 28.91 5.29 -4.93
CA ILE A 267 29.44 6.36 -4.05
C ILE A 267 30.79 5.94 -3.45
N TYR A 268 30.91 4.68 -3.03
CA TYR A 268 32.19 4.12 -2.54
C TYR A 268 33.26 4.28 -3.61
N CYS A 269 32.96 3.93 -4.86
CA CYS A 269 33.95 3.99 -5.96
C CYS A 269 34.41 5.45 -6.12
N PHE A 270 33.47 6.39 -6.08
CA PHE A 270 33.80 7.82 -6.23
C PHE A 270 34.74 8.25 -5.09
N LEU A 271 34.39 7.93 -3.85
CA LEU A 271 35.18 8.39 -2.66
C LEU A 271 36.54 7.68 -2.64
N ARG A 272 36.56 6.38 -2.89
CA ARG A 272 37.80 5.57 -2.88
C ARG A 272 38.78 6.13 -3.92
N CYS A 273 38.30 6.40 -5.13
CA CYS A 273 39.19 6.70 -6.28
C CYS A 273 39.65 8.17 -6.29
N MET A 274 39.29 8.98 -5.29
CA MET A 274 39.97 10.28 -5.08
C MET A 274 41.46 10.03 -4.81
N GLU A 275 41.83 8.85 -4.27
CA GLU A 275 43.24 8.45 -4.03
C GLU A 275 43.75 7.58 -5.17
N PRO A 276 45.06 7.62 -5.49
CA PRO A 276 45.63 6.68 -6.47
C PRO A 276 45.54 5.23 -5.96
N ASP A 277 45.53 4.30 -6.91
CA ASP A 277 45.37 2.84 -6.71
C ASP A 277 46.63 2.18 -7.28
N PRO A 278 47.42 1.44 -6.46
CA PRO A 278 48.61 0.74 -6.97
C PRO A 278 48.30 -0.15 -8.19
N GLU A 279 47.08 -0.66 -8.31
CA GLU A 279 46.67 -1.60 -9.38
C GLU A 279 46.18 -0.87 -10.65
N ILE A 280 46.00 0.47 -10.62
CA ILE A 280 45.51 1.23 -11.80
C ILE A 280 46.61 2.22 -12.21
N PRO A 281 47.14 2.12 -13.45
CA PRO A 281 48.24 2.99 -13.90
C PRO A 281 47.96 4.47 -13.58
N SER A 282 49.01 5.18 -13.19
CA SER A 282 48.94 6.60 -12.75
C SER A 282 48.65 7.49 -13.97
N ALA A 283 48.80 6.97 -15.18
CA ALA A 283 48.46 7.68 -16.44
C ALA A 283 46.96 8.03 -16.44
N PHE A 284 46.11 7.24 -15.76
CA PHE A 284 44.64 7.48 -15.73
C PHE A 284 44.36 8.62 -14.74
N ASN A 285 43.48 9.57 -15.10
CA ASN A 285 43.07 10.64 -14.17
C ASN A 285 42.03 10.06 -13.20
N SER A 286 41.58 10.86 -12.25
CA SER A 286 40.68 10.41 -11.16
C SER A 286 39.34 9.92 -11.74
N LEU A 287 38.80 10.59 -12.76
CA LEU A 287 37.50 10.20 -13.37
CA LEU A 287 37.51 10.20 -13.37
C LEU A 287 37.68 8.82 -14.02
N GLN A 288 38.76 8.65 -14.78
CA GLN A 288 39.01 7.38 -15.48
C GLN A 288 39.17 6.27 -14.45
N ARG A 289 39.92 6.55 -13.37
CA ARG A 289 40.19 5.57 -12.29
C ARG A 289 38.85 5.14 -11.68
N THR A 290 37.98 6.10 -11.40
CA THR A 290 36.64 5.85 -10.80
C THR A 290 35.87 4.88 -11.70
N LEU A 291 35.84 5.15 -13.01
CA LEU A 291 35.10 4.29 -13.96
C LEU A 291 35.73 2.89 -14.02
N ILE A 292 37.05 2.82 -14.14
CA ILE A 292 37.78 1.51 -14.25
C ILE A 292 37.52 0.70 -13.00
N TYR A 293 37.67 1.30 -11.83
CA TYR A 293 37.51 0.58 -10.55
C TYR A 293 36.05 0.10 -10.44
N SER A 294 35.07 0.96 -10.70
CA SER A 294 33.65 0.54 -10.57
C SER A 294 33.40 -0.66 -11.49
N ILE A 295 33.90 -0.63 -12.73
CA ILE A 295 33.71 -1.75 -13.68
C ILE A 295 34.41 -3.02 -13.16
N SER A 296 35.55 -2.86 -12.48
CA SER A 296 36.32 -4.02 -11.94
C SER A 296 35.50 -4.76 -10.89
N LEU A 297 34.47 -4.15 -10.30
CA LEU A 297 33.65 -4.84 -9.26
C LEU A 297 32.72 -5.86 -9.91
N GLY A 298 32.50 -5.79 -11.23
CA GLY A 298 31.59 -6.73 -11.91
C GLY A 298 30.12 -6.50 -11.51
N GLY A 299 29.25 -7.46 -11.85
CA GLY A 299 27.81 -7.32 -11.63
C GLY A 299 27.19 -6.34 -12.59
N ASP A 300 26.34 -5.45 -12.09
CA ASP A 300 25.52 -4.55 -12.94
C ASP A 300 26.37 -3.33 -13.31
N THR A 301 27.41 -3.56 -14.12
CA THR A 301 28.53 -2.62 -14.33
C THR A 301 28.03 -1.38 -15.10
N ASP A 302 27.10 -1.53 -16.02
CA ASP A 302 26.52 -0.39 -16.76
C ASP A 302 25.99 0.63 -15.73
N THR A 303 25.22 0.17 -14.75
CA THR A 303 24.45 1.07 -13.86
C THR A 303 25.38 1.55 -12.74
N ILE A 304 26.23 0.71 -12.19
CA ILE A 304 27.16 1.18 -11.13
C ILE A 304 28.11 2.21 -11.75
N ALA A 305 28.65 1.96 -12.94
CA ALA A 305 29.60 2.89 -13.57
C ALA A 305 28.88 4.18 -14.03
N THR A 306 27.64 4.10 -14.52
CA THR A 306 26.90 5.32 -14.93
C THR A 306 26.71 6.22 -13.69
N MET A 307 26.41 5.65 -12.54
CA MET A 307 26.16 6.44 -11.32
C MET A 307 27.49 6.98 -10.76
N ALA A 308 28.52 6.15 -10.70
CA ALA A 308 29.85 6.60 -10.24
C ALA A 308 30.36 7.70 -11.19
N GLY A 309 30.12 7.54 -12.49
CA GLY A 309 30.53 8.50 -13.53
C GLY A 309 29.82 9.83 -13.42
N ALA A 310 28.53 9.83 -13.08
CA ALA A 310 27.74 11.04 -12.90
C ALA A 310 28.32 11.85 -11.74
N ILE A 311 28.63 11.19 -10.67
CA ILE A 311 29.16 11.87 -9.43
C ILE A 311 30.55 12.40 -9.77
N ALA A 312 31.42 11.55 -10.31
CA ALA A 312 32.83 11.89 -10.63
C ALA A 312 32.87 13.02 -11.66
N GLY A 313 32.00 12.97 -12.67
CA GLY A 313 31.91 14.00 -13.71
C GLY A 313 31.52 15.35 -13.14
N ALA A 314 30.53 15.38 -12.25
CA ALA A 314 30.05 16.60 -11.57
C ALA A 314 31.20 17.19 -10.73
N TYR A 315 32.03 16.33 -10.16
CA TYR A 315 33.08 16.71 -9.19
C TYR A 315 34.33 17.16 -9.94
N TYR A 316 34.82 16.40 -10.92
CA TYR A 316 36.10 16.68 -11.63
C TYR A 316 35.87 17.59 -12.83
N GLY A 317 34.66 17.60 -13.39
CA GLY A 317 34.32 18.43 -14.57
C GLY A 317 34.86 17.85 -15.86
N MET A 318 34.56 18.56 -16.92
CA MET A 318 34.82 18.15 -18.31
C MET A 318 36.33 18.02 -18.58
N ASP A 319 37.20 18.70 -17.81
CA ASP A 319 38.66 18.58 -18.00
C ASP A 319 39.14 17.13 -17.84
N GLN A 320 38.42 16.31 -17.06
CA GLN A 320 38.88 14.92 -16.81
C GLN A 320 38.17 13.94 -17.73
N VAL A 321 37.24 14.40 -18.56
CA VAL A 321 36.58 13.53 -19.55
C VAL A 321 37.52 13.44 -20.74
N PRO A 322 38.13 12.27 -21.01
CA PRO A 322 39.05 12.16 -22.13
C PRO A 322 38.27 12.21 -23.45
N GLU A 323 38.75 13.03 -24.39
CA GLU A 323 38.05 13.27 -25.67
C GLU A 323 37.91 11.95 -26.42
N SER A 324 38.95 11.12 -26.43
CA SER A 324 38.96 9.83 -27.15
C SER A 324 37.88 8.90 -26.55
N TRP A 325 37.63 8.95 -25.24
CA TRP A 325 36.57 8.12 -24.59
C TRP A 325 35.19 8.71 -24.95
N GLN A 326 35.00 10.00 -24.73
CA GLN A 326 33.72 10.72 -24.99
C GLN A 326 33.30 10.47 -26.43
N GLN A 327 34.21 10.64 -27.38
CA GLN A 327 33.89 10.57 -28.84
C GLN A 327 33.65 9.12 -29.27
N SER A 328 34.01 8.15 -28.46
CA SER A 328 33.67 6.72 -28.74
C SER A 328 32.23 6.39 -28.35
N CYS A 329 31.51 7.28 -27.66
CA CYS A 329 30.19 6.97 -27.05
C CYS A 329 29.06 7.46 -27.96
N GLU A 330 28.13 6.56 -28.26
CA GLU A 330 26.92 6.86 -29.04
C GLU A 330 26.22 8.05 -28.37
N GLY A 331 25.92 9.07 -29.16
CA GLY A 331 25.11 10.22 -28.72
C GLY A 331 25.86 11.21 -27.85
N TYR A 332 27.20 11.21 -27.82
CA TYR A 332 27.93 12.13 -26.91
C TYR A 332 27.61 13.57 -27.32
N GLU A 333 27.33 13.82 -28.60
CA GLU A 333 27.08 15.21 -29.09
C GLU A 333 25.78 15.70 -28.46
N GLU A 334 24.74 14.88 -28.48
CA GLU A 334 23.43 15.22 -27.89
C GLU A 334 23.55 15.35 -26.36
N THR A 335 24.33 14.51 -25.71
CA THR A 335 24.56 14.60 -24.25
C THR A 335 25.16 15.99 -23.94
N ASP A 336 26.13 16.44 -24.69
CA ASP A 336 26.81 17.75 -24.46
C ASP A 336 25.81 18.90 -24.68
N ILE A 337 24.99 18.82 -25.73
CA ILE A 337 23.90 19.79 -26.01
CA ILE A 337 23.89 19.79 -26.03
C ILE A 337 22.96 19.84 -24.81
N LEU A 338 22.55 18.69 -24.28
CA LEU A 338 21.57 18.63 -23.19
C LEU A 338 22.20 19.20 -21.90
N ALA A 339 23.48 18.95 -21.64
CA ALA A 339 24.18 19.52 -20.46
C ALA A 339 24.18 21.07 -20.55
N GLN A 340 24.52 21.58 -21.72
CA GLN A 340 24.57 23.04 -21.98
C GLN A 340 23.17 23.61 -21.84
N SER A 341 22.14 22.96 -22.38
CA SER A 341 20.74 23.43 -22.28
C SER A 341 20.29 23.48 -20.82
N LEU A 342 20.55 22.43 -20.05
CA LEU A 342 20.22 22.42 -18.62
C LEU A 342 20.89 23.64 -17.96
N HIS A 343 22.16 23.88 -18.26
CA HIS A 343 22.93 24.99 -17.66
C HIS A 343 22.26 26.33 -17.99
N ARG A 344 21.84 26.50 -19.24
CA ARG A 344 21.21 27.77 -19.72
C ARG A 344 19.84 27.94 -19.05
N VAL A 345 19.03 26.88 -19.02
CA VAL A 345 17.61 27.00 -18.56
C VAL A 345 17.60 27.15 -17.04
N PHE A 346 18.45 26.44 -16.30
CA PHE A 346 18.25 26.29 -14.85
C PHE A 346 19.35 26.99 -14.05
N GLN A 347 20.51 27.24 -14.63
CA GLN A 347 21.69 27.77 -13.87
C GLN A 347 21.85 29.25 -14.25
C N7P B 1 21.00 -10.72 -11.65
O N7P B 1 20.75 -9.76 -10.94
CA N7P B 1 20.01 -11.75 -12.10
N N7P B 1 18.70 -11.49 -11.52
C1 N7P B 1 18.52 -11.67 -10.20
O1 N7P B 1 19.36 -12.13 -9.45
C2 N7P B 1 17.15 -11.35 -9.71
CD N7P B 1 17.76 -11.10 -12.55
CG N7P B 1 18.60 -10.92 -13.79
CB N7P B 1 19.86 -11.70 -13.63
N ALA B 2 22.48 -11.18 -11.76
CA ALA B 2 23.62 -10.39 -11.31
C ALA B 2 23.59 -9.00 -12.01
N LYS B 3 23.00 -8.90 -13.23
CA LYS B 3 22.99 -7.64 -13.99
C LYS B 3 21.89 -7.66 -15.03
N SER B 4 21.72 -6.52 -15.69
CA SER B 4 20.87 -6.37 -16.90
C SER B 4 21.80 -5.78 -17.95
N ALA B 5 21.81 -6.44 -19.10
CA ALA B 5 22.60 -6.09 -20.30
C ALA B 5 21.71 -6.33 -21.50
N PRO B 6 21.81 -5.53 -22.58
CA PRO B 6 21.05 -5.81 -23.80
C PRO B 6 21.44 -7.21 -24.33
N ALA B 7 20.52 -7.91 -25.02
CA ALA B 7 20.74 -9.26 -25.60
C ALA B 7 21.95 -9.25 -26.53
N PRO B 8 22.72 -10.36 -26.62
CA PRO B 8 23.69 -10.56 -27.70
C PRO B 8 23.04 -10.58 -29.09
N SER C 4 25.04 -48.77 -2.21
CA SER C 4 23.70 -49.06 -1.62
C SER C 4 22.75 -47.93 -2.03
N SER C 5 21.61 -48.26 -2.58
CA SER C 5 20.54 -47.31 -2.87
CA SER C 5 20.54 -47.28 -2.87
C SER C 5 20.10 -46.57 -1.57
N LEU C 6 19.92 -47.29 -0.46
CA LEU C 6 19.51 -46.65 0.82
C LEU C 6 20.55 -45.60 1.23
N SER C 7 21.81 -45.93 1.09
CA SER C 7 22.92 -45.03 1.48
C SER C 7 22.80 -43.75 0.63
N ARG C 8 22.47 -43.88 -0.65
CA ARG C 8 22.38 -42.73 -1.58
C ARG C 8 21.15 -41.89 -1.21
N PHE C 9 20.03 -42.50 -0.84
CA PHE C 9 18.82 -41.76 -0.44
C PHE C 9 19.16 -40.93 0.80
N ARG C 10 19.74 -41.58 1.81
CA ARG C 10 20.05 -40.91 3.10
C ARG C 10 21.09 -39.80 2.85
N GLY C 11 22.13 -40.11 2.08
CA GLY C 11 23.18 -39.14 1.74
C GLY C 11 22.63 -37.94 0.99
N CYS C 12 21.73 -38.17 0.05
CA CYS C 12 21.10 -37.09 -0.76
C CYS C 12 20.39 -36.12 0.17
N LEU C 13 19.47 -36.59 1.01
CA LEU C 13 18.69 -35.65 1.86
C LEU C 13 19.57 -35.06 2.95
N ALA C 14 20.53 -35.82 3.50
CA ALA C 14 21.43 -35.27 4.53
C ALA C 14 22.33 -34.19 3.90
N GLY C 15 22.86 -34.46 2.70
CA GLY C 15 23.67 -33.49 1.96
C GLY C 15 22.91 -32.19 1.72
N ALA C 16 21.66 -32.26 1.32
CA ALA C 16 20.80 -31.09 1.12
C ALA C 16 20.62 -30.34 2.45
N LEU C 17 20.37 -31.06 3.53
CA LEU C 17 20.16 -30.43 4.85
C LEU C 17 21.46 -29.72 5.26
N LEU C 18 22.60 -30.39 5.10
CA LEU C 18 23.91 -29.78 5.46
C LEU C 18 24.12 -28.49 4.65
N GLY C 19 23.85 -28.53 3.34
CA GLY C 19 24.04 -27.35 2.49
C GLY C 19 23.21 -26.19 2.98
N ASP C 20 21.95 -26.42 3.27
CA ASP C 20 21.04 -25.38 3.77
C ASP C 20 21.57 -24.85 5.11
N CYS C 21 21.76 -25.71 6.09
CA CYS C 21 22.08 -25.30 7.47
C CYS C 21 23.45 -24.63 7.50
N VAL C 22 24.44 -25.25 6.86
CA VAL C 22 25.83 -24.74 6.89
C VAL C 22 25.90 -23.51 5.98
N GLY C 23 25.29 -23.58 4.80
CA GLY C 23 25.24 -22.43 3.87
C GLY C 23 24.54 -21.22 4.48
N SER C 24 23.46 -21.41 5.23
CA SER C 24 22.66 -20.32 5.87
C SER C 24 23.49 -19.66 6.96
N PHE C 25 24.34 -20.40 7.66
CA PHE C 25 25.26 -19.80 8.65
C PHE C 25 26.06 -18.67 7.98
N TYR C 26 26.65 -18.93 6.81
CA TYR C 26 27.52 -17.96 6.07
C TYR C 26 26.64 -16.88 5.44
N ALA C 27 25.48 -17.21 4.89
CA ALA C 27 24.52 -16.24 4.29
C ALA C 27 24.10 -15.18 5.32
N ALA C 28 24.11 -15.49 6.63
CA ALA C 28 23.69 -14.58 7.73
C ALA C 28 24.75 -13.47 7.95
N HIS C 29 25.90 -13.56 7.29
CA HIS C 29 27.02 -12.59 7.38
C HIS C 29 27.24 -11.83 6.05
N ASP C 30 27.93 -10.68 6.10
CA ASP C 30 28.14 -9.85 4.89
C ASP C 30 29.35 -10.38 4.10
N THR C 31 30.17 -11.29 4.63
CA THR C 31 31.44 -11.72 3.98
C THR C 31 31.64 -13.22 4.18
N VAL C 32 32.27 -13.83 3.19
CA VAL C 32 32.63 -15.27 3.13
C VAL C 32 33.72 -15.45 2.07
N ASP C 33 34.79 -16.15 2.43
CA ASP C 33 35.83 -16.67 1.50
C ASP C 33 36.24 -18.05 2.06
N LEU C 34 37.17 -18.73 1.38
CA LEU C 34 37.61 -20.07 1.78
C LEU C 34 38.12 -20.06 3.23
N THR C 35 38.98 -19.10 3.58
CA THR C 35 39.60 -19.00 4.93
C THR C 35 38.50 -18.87 6.00
N SER C 36 37.47 -18.04 5.77
CA SER C 36 36.39 -17.81 6.78
C SER C 36 35.56 -19.09 6.90
N VAL C 37 35.30 -19.78 5.78
CA VAL C 37 34.52 -21.05 5.77
C VAL C 37 35.30 -22.12 6.56
N LEU C 38 36.58 -22.32 6.24
CA LEU C 38 37.45 -23.32 6.92
C LEU C 38 37.55 -23.00 8.41
N ARG C 39 37.52 -21.71 8.79
CA ARG C 39 37.58 -21.27 10.19
C ARG C 39 36.29 -21.68 10.93
N HIS C 40 35.10 -21.40 10.38
CA HIS C 40 33.81 -21.61 11.09
C HIS C 40 33.34 -23.07 11.01
N VAL C 41 33.93 -23.93 10.15
CA VAL C 41 33.57 -25.38 10.11
C VAL C 41 34.32 -26.13 11.22
N GLN C 42 35.26 -25.50 11.94
CA GLN C 42 35.82 -25.99 13.24
C GLN C 42 34.71 -26.15 14.29
N SER C 43 33.75 -25.21 14.30
CA SER C 43 32.58 -25.17 15.24
C SER C 43 31.77 -26.46 15.15
N LEU C 44 31.68 -27.06 13.95
CA LEU C 44 30.89 -28.29 13.70
C LEU C 44 31.68 -29.53 14.20
N GLU C 45 32.83 -29.34 14.86
CA GLU C 45 33.76 -30.43 15.31
C GLU C 45 34.24 -30.14 16.74
N THR C 56 24.40 -29.23 19.67
CA THR C 56 23.43 -30.06 18.91
C THR C 56 22.31 -29.20 18.33
N GLU C 57 21.95 -29.42 17.06
CA GLU C 57 20.96 -28.68 16.21
C GLU C 57 21.07 -27.16 16.45
N ALA C 58 22.29 -26.67 16.63
CA ALA C 58 22.64 -25.24 16.64
C ALA C 58 22.22 -24.61 15.29
N LEU C 59 22.41 -25.30 14.15
CA LEU C 59 22.19 -24.59 12.84
C LEU C 59 20.73 -24.78 12.42
N TYR C 60 20.00 -23.69 12.25
N TYR C 60 20.01 -23.69 12.24
CA TYR C 60 18.60 -23.71 11.77
CA TYR C 60 18.61 -23.66 11.75
C TYR C 60 18.58 -23.97 10.25
C TYR C 60 18.60 -23.98 10.24
N TYR C 61 17.57 -24.67 9.77
CA TYR C 61 17.31 -24.82 8.33
C TYR C 61 16.44 -23.64 7.88
N THR C 62 16.28 -23.48 6.57
CA THR C 62 15.54 -22.33 6.00
C THR C 62 14.42 -22.89 5.14
N ASP C 63 13.87 -22.05 4.27
CA ASP C 63 12.81 -22.43 3.32
C ASP C 63 13.26 -23.58 2.42
N ASP C 64 14.55 -23.70 2.13
CA ASP C 64 15.07 -24.77 1.25
C ASP C 64 14.65 -26.12 1.84
N THR C 65 14.94 -26.35 3.13
CA THR C 65 14.62 -27.60 3.82
C THR C 65 13.11 -27.66 4.07
N ALA C 66 12.48 -26.56 4.48
CA ALA C 66 11.04 -26.61 4.79
C ALA C 66 10.27 -27.12 3.56
N MET C 67 10.62 -26.61 2.38
CA MET C 67 9.91 -27.00 1.13
C MET C 67 10.36 -28.39 0.68
N ALA C 68 11.63 -28.75 0.85
CA ALA C 68 12.09 -30.11 0.47
C ALA C 68 11.33 -31.11 1.35
N ARG C 69 11.14 -30.82 2.63
CA ARG C 69 10.41 -31.73 3.56
C ARG C 69 8.96 -31.89 3.07
N ALA C 70 8.29 -30.80 2.75
CA ALA C 70 6.89 -30.81 2.29
C ALA C 70 6.81 -31.64 0.99
N LEU C 71 7.76 -31.48 0.07
CA LEU C 71 7.72 -32.22 -1.22
C LEU C 71 7.87 -33.72 -0.94
N VAL C 72 8.83 -34.11 -0.10
CA VAL C 72 9.08 -35.52 0.25
C VAL C 72 7.87 -36.10 1.01
N GLN C 73 7.31 -35.37 1.95
CA GLN C 73 6.12 -35.83 2.72
C GLN C 73 4.95 -36.04 1.77
N SER C 74 4.79 -35.18 0.75
CA SER C 74 3.71 -35.36 -0.25
C SER C 74 3.93 -36.65 -1.05
N LEU C 75 5.14 -36.87 -1.53
CA LEU C 75 5.47 -38.10 -2.31
C LEU C 75 5.19 -39.33 -1.43
N LEU C 76 5.54 -39.30 -0.15
CA LEU C 76 5.33 -40.43 0.78
C LEU C 76 3.84 -40.63 1.03
N ALA C 77 3.08 -39.57 1.30
CA ALA C 77 1.65 -39.65 1.62
C ALA C 77 0.88 -40.25 0.43
N LYS C 78 1.19 -39.86 -0.82
CA LYS C 78 0.38 -40.29 -1.98
C LYS C 78 1.10 -41.39 -2.76
N GLU C 79 2.34 -41.72 -2.39
CA GLU C 79 3.18 -42.74 -3.08
C GLU C 79 3.26 -42.39 -4.56
N ALA C 80 3.29 -41.08 -4.85
CA ALA C 80 3.29 -40.51 -6.21
C ALA C 80 3.32 -38.99 -6.08
N PHE C 81 3.67 -38.31 -7.18
CA PHE C 81 3.44 -36.87 -7.35
C PHE C 81 1.93 -36.64 -7.40
N ASP C 82 1.44 -35.77 -6.52
CA ASP C 82 0.03 -35.34 -6.48
C ASP C 82 0.04 -33.82 -6.33
N GLU C 83 -0.27 -33.10 -7.40
CA GLU C 83 -0.08 -31.62 -7.43
C GLU C 83 -0.93 -30.97 -6.33
N VAL C 84 -2.14 -31.50 -6.07
CA VAL C 84 -3.05 -30.86 -5.07
C VAL C 84 -2.47 -31.11 -3.67
N ASP C 85 -2.09 -32.34 -3.37
CA ASP C 85 -1.51 -32.67 -2.05
C ASP C 85 -0.26 -31.81 -1.82
N MET C 86 0.63 -31.74 -2.81
CA MET C 86 1.93 -31.04 -2.62
C MET C 86 1.69 -29.53 -2.51
N ALA C 87 0.82 -28.96 -3.33
CA ALA C 87 0.46 -27.52 -3.24
C ALA C 87 -0.06 -27.23 -1.81
N HIS C 88 -0.94 -28.09 -1.29
CA HIS C 88 -1.53 -27.87 0.06
C HIS C 88 -0.42 -27.95 1.12
N ARG C 89 0.49 -28.90 0.96
CA ARG C 89 1.60 -29.08 1.93
C ARG C 89 2.54 -27.86 1.91
N PHE C 90 2.83 -27.31 0.72
CA PHE C 90 3.68 -26.09 0.62
C PHE C 90 2.99 -24.94 1.36
N ALA C 91 1.72 -24.71 1.07
CA ALA C 91 0.95 -23.61 1.66
C ALA C 91 0.86 -23.78 3.18
N GLN C 92 0.62 -24.99 3.66
CA GLN C 92 0.47 -25.27 5.11
C GLN C 92 1.83 -25.09 5.79
N GLU C 93 2.93 -25.49 5.13
CA GLU C 93 4.27 -25.38 5.75
C GLU C 93 4.57 -23.88 5.90
N TYR C 94 4.28 -23.11 4.86
CA TYR C 94 4.49 -21.65 4.89
C TYR C 94 3.68 -21.07 6.05
N LYS C 95 2.39 -21.41 6.14
CA LYS C 95 1.49 -20.84 7.18
C LYS C 95 2.05 -21.15 8.57
N LYS C 96 2.56 -22.35 8.77
CA LYS C 96 3.10 -22.83 10.06
C LYS C 96 4.38 -22.07 10.41
N ASP C 97 5.25 -21.76 9.44
CA ASP C 97 6.47 -20.98 9.76
C ASP C 97 6.85 -20.11 8.58
N PRO C 98 6.24 -18.91 8.48
CA PRO C 98 6.47 -18.02 7.36
C PRO C 98 7.82 -17.31 7.37
N ASP C 99 8.59 -17.43 8.45
CA ASP C 99 9.81 -16.61 8.67
C ASP C 99 11.08 -17.43 8.35
N ARG C 100 10.96 -18.57 7.70
CA ARG C 100 12.11 -19.46 7.38
C ARG C 100 13.07 -18.85 6.34
N GLY C 101 12.69 -17.83 5.56
CA GLY C 101 13.60 -17.16 4.60
C GLY C 101 13.17 -17.27 3.14
N TYR C 102 11.86 -17.38 2.91
CA TYR C 102 11.22 -17.52 1.59
C TYR C 102 11.55 -16.31 0.72
N GLY C 103 11.65 -16.56 -0.59
CA GLY C 103 11.68 -15.49 -1.60
C GLY C 103 10.44 -14.61 -1.46
N ALA C 104 10.61 -13.33 -1.72
CA ALA C 104 9.57 -12.31 -1.53
C ALA C 104 8.42 -12.61 -2.46
N GLY C 105 8.71 -13.16 -3.63
CA GLY C 105 7.70 -13.44 -4.66
C GLY C 105 6.76 -14.56 -4.26
N VAL C 106 7.36 -15.71 -3.93
CA VAL C 106 6.64 -17.00 -3.77
C VAL C 106 5.59 -16.91 -2.64
N VAL C 107 5.74 -16.01 -1.69
CA VAL C 107 4.78 -15.95 -0.54
CA VAL C 107 4.79 -15.79 -0.54
C VAL C 107 3.37 -15.68 -1.08
N THR C 108 3.22 -14.92 -2.17
CA THR C 108 1.91 -14.66 -2.80
C THR C 108 1.26 -15.97 -3.23
N VAL C 109 2.06 -16.90 -3.78
CA VAL C 109 1.56 -18.22 -4.21
C VAL C 109 1.00 -18.97 -2.99
N PHE C 110 1.71 -18.98 -1.86
CA PHE C 110 1.29 -19.78 -0.69
C PHE C 110 0.01 -19.19 -0.11
N LYS C 111 -0.13 -17.86 -0.14
CA LYS C 111 -1.35 -17.20 0.41
C LYS C 111 -2.55 -17.60 -0.46
N LYS C 112 -2.38 -17.65 -1.77
CA LYS C 112 -3.48 -18.07 -2.68
C LYS C 112 -3.81 -19.53 -2.43
N LEU C 113 -2.80 -20.39 -2.30
CA LEU C 113 -3.02 -21.84 -2.22
C LEU C 113 -3.71 -22.22 -0.91
N LEU C 114 -3.71 -21.35 0.11
CA LEU C 114 -4.50 -21.57 1.34
C LEU C 114 -6.01 -21.43 1.08
N ASN C 115 -6.40 -20.83 -0.03
CA ASN C 115 -7.83 -20.61 -0.40
C ASN C 115 -8.34 -21.77 -1.25
N PRO C 116 -9.41 -22.51 -0.86
CA PRO C 116 -9.93 -23.59 -1.71
C PRO C 116 -10.58 -23.10 -3.02
N LYS C 117 -10.78 -21.78 -3.18
CA LYS C 117 -11.16 -21.20 -4.50
C LYS C 117 -10.09 -21.53 -5.55
N CYS C 118 -8.81 -21.65 -5.16
CA CYS C 118 -7.71 -21.93 -6.12
C CYS C 118 -7.76 -23.41 -6.47
N ARG C 119 -8.76 -23.82 -7.26
CA ARG C 119 -8.99 -25.24 -7.63
C ARG C 119 -7.92 -25.71 -8.62
N ASP C 120 -7.47 -24.80 -9.47
CA ASP C 120 -6.26 -25.04 -10.33
C ASP C 120 -5.00 -24.60 -9.54
N VAL C 121 -4.32 -25.56 -8.97
CA VAL C 121 -3.21 -25.29 -8.02
C VAL C 121 -2.01 -24.69 -8.78
N PHE C 122 -2.00 -24.71 -10.11
CA PHE C 122 -0.89 -24.12 -10.92
C PHE C 122 -1.17 -22.66 -11.22
N GLU C 123 -2.38 -22.16 -10.96
CA GLU C 123 -2.79 -20.81 -11.43
C GLU C 123 -2.05 -19.73 -10.63
N PRO C 124 -1.92 -19.80 -9.27
CA PRO C 124 -1.14 -18.79 -8.56
C PRO C 124 0.28 -18.55 -9.14
N ALA C 125 1.01 -19.63 -9.44
CA ALA C 125 2.39 -19.51 -9.94
C ALA C 125 2.34 -18.81 -11.31
N ARG C 126 1.33 -19.11 -12.15
CA ARG C 126 1.20 -18.52 -13.50
C ARG C 126 0.98 -17.02 -13.43
N ALA C 127 0.35 -16.50 -12.38
CA ALA C 127 -0.01 -15.08 -12.25
C ALA C 127 1.19 -14.27 -11.77
N GLN C 128 2.19 -14.90 -11.19
CA GLN C 128 3.36 -14.18 -10.59
C GLN C 128 4.08 -13.33 -11.68
N PHE C 129 4.61 -12.17 -11.26
CA PHE C 129 5.49 -11.31 -12.08
C PHE C 129 4.77 -11.00 -13.40
N ASN C 130 3.57 -10.44 -13.29
CA ASN C 130 2.81 -9.96 -14.47
C ASN C 130 2.51 -11.14 -15.38
N GLY C 131 2.27 -12.32 -14.82
CA GLY C 131 1.89 -13.51 -15.60
C GLY C 131 3.07 -14.21 -16.25
N LYS C 132 4.31 -13.84 -15.97
CA LYS C 132 5.49 -14.47 -16.62
C LYS C 132 6.02 -15.61 -15.74
N GLY C 133 5.69 -15.64 -14.46
CA GLY C 133 6.21 -16.67 -13.55
C GLY C 133 7.60 -16.36 -13.00
N SER C 134 7.96 -16.99 -11.89
CA SER C 134 9.27 -16.81 -11.22
C SER C 134 10.36 -17.62 -11.92
N TYR C 135 11.53 -17.04 -12.13
CA TYR C 135 12.76 -17.72 -12.56
C TYR C 135 13.70 -17.92 -11.37
N GLY C 136 13.19 -17.78 -10.15
CA GLY C 136 14.00 -18.02 -8.93
C GLY C 136 14.41 -19.47 -8.80
N ASN C 137 15.42 -19.74 -7.94
CA ASN C 137 15.94 -21.10 -7.70
C ASN C 137 15.08 -21.87 -6.69
N GLY C 138 13.93 -21.35 -6.23
CA GLY C 138 13.09 -22.07 -5.25
C GLY C 138 12.53 -23.39 -5.77
N GLY C 139 12.24 -23.49 -7.07
CA GLY C 139 11.73 -24.77 -7.61
C GLY C 139 12.82 -25.82 -7.60
N ALA C 140 14.06 -25.40 -7.81
CA ALA C 140 15.23 -26.29 -7.87
C ALA C 140 15.71 -26.64 -6.45
N MET C 141 15.59 -25.75 -5.47
CA MET C 141 16.23 -25.93 -4.15
C MET C 141 15.63 -27.15 -3.45
N ARG C 142 14.42 -27.54 -3.80
CA ARG C 142 13.61 -28.52 -3.05
C ARG C 142 13.39 -29.81 -3.86
N VAL C 143 13.90 -29.91 -5.09
CA VAL C 143 13.40 -30.89 -6.09
C VAL C 143 14.02 -32.29 -5.91
N ALA C 144 15.11 -32.44 -5.14
CA ALA C 144 15.91 -33.70 -5.14
C ALA C 144 15.03 -34.93 -4.88
N GLY C 145 14.05 -34.79 -3.99
CA GLY C 145 13.10 -35.86 -3.65
C GLY C 145 12.46 -36.49 -4.89
N ILE C 146 12.20 -35.71 -5.93
CA ILE C 146 11.61 -36.22 -7.20
C ILE C 146 12.52 -37.33 -7.76
N SER C 147 13.83 -37.13 -7.72
CA SER C 147 14.79 -38.06 -8.34
C SER C 147 14.99 -39.28 -7.43
N LEU C 148 14.61 -39.20 -6.15
CA LEU C 148 14.60 -40.37 -5.25
C LEU C 148 13.33 -41.20 -5.50
N ALA C 149 12.21 -40.57 -5.83
CA ALA C 149 10.91 -41.24 -5.98
C ALA C 149 10.79 -41.87 -7.37
N TYR C 150 11.31 -41.21 -8.41
CA TYR C 150 11.11 -41.60 -9.83
C TYR C 150 12.44 -42.06 -10.41
N SER C 151 12.53 -43.33 -10.83
CA SER C 151 13.79 -43.88 -11.36
C SER C 151 13.95 -43.56 -12.86
N SER C 152 12.87 -43.37 -13.61
CA SER C 152 12.96 -43.10 -15.06
C SER C 152 13.31 -41.62 -15.30
N VAL C 153 14.25 -41.35 -16.20
CA VAL C 153 14.67 -39.98 -16.59
C VAL C 153 13.48 -39.17 -17.13
N GLN C 154 12.55 -39.82 -17.82
N GLN C 154 12.55 -39.82 -17.81
CA GLN C 154 11.33 -39.19 -18.39
CA GLN C 154 11.34 -39.17 -18.38
C GLN C 154 10.44 -38.70 -17.24
C GLN C 154 10.44 -38.70 -17.24
N ASP C 155 10.25 -39.53 -16.22
CA ASP C 155 9.44 -39.16 -15.02
C ASP C 155 10.16 -38.06 -14.21
N VAL C 156 11.48 -38.16 -14.09
CA VAL C 156 12.29 -37.14 -13.36
C VAL C 156 12.02 -35.77 -13.98
N GLN C 157 12.10 -35.66 -15.32
CA GLN C 157 11.84 -34.38 -16.01
C GLN C 157 10.37 -33.96 -15.84
N LYS C 158 9.43 -34.87 -16.03
CA LYS C 158 7.98 -34.57 -15.96
C LYS C 158 7.62 -34.02 -14.56
N PHE C 159 8.05 -34.70 -13.51
CA PHE C 159 7.59 -34.39 -12.13
C PHE C 159 8.48 -33.31 -11.52
N ALA C 160 9.74 -33.15 -11.95
CA ALA C 160 10.55 -31.98 -11.55
C ALA C 160 9.85 -30.75 -12.11
N ARG C 161 9.39 -30.80 -13.36
CA ARG C 161 8.73 -29.65 -14.00
C ARG C 161 7.44 -29.34 -13.23
N LEU C 162 6.59 -30.33 -13.01
CA LEU C 162 5.27 -30.08 -12.37
C LEU C 162 5.46 -29.62 -10.92
N SER C 163 6.37 -30.23 -10.15
CA SER C 163 6.63 -29.81 -8.75
C SER C 163 7.11 -28.36 -8.76
N ALA C 164 7.99 -27.99 -9.68
CA ALA C 164 8.51 -26.61 -9.78
C ALA C 164 7.37 -25.63 -10.14
N GLN C 165 6.48 -26.01 -11.07
CA GLN C 165 5.42 -25.13 -11.61
C GLN C 165 4.37 -24.80 -10.53
N LEU C 166 4.33 -25.51 -9.41
CA LEU C 166 3.47 -25.09 -8.27
C LEU C 166 3.88 -23.69 -7.76
N THR C 167 5.14 -23.29 -7.94
CA THR C 167 5.62 -21.96 -7.49
C THR C 167 6.29 -21.17 -8.63
N HIS C 168 6.84 -21.85 -9.63
CA HIS C 168 7.78 -21.27 -10.62
C HIS C 168 7.27 -21.61 -12.03
N ALA C 169 6.47 -20.74 -12.62
CA ALA C 169 5.78 -20.96 -13.91
C ALA C 169 6.65 -20.50 -15.09
N SER C 170 7.73 -19.77 -14.84
CA SER C 170 8.68 -19.37 -15.89
C SER C 170 9.52 -20.58 -16.26
N SER C 171 9.70 -20.83 -17.56
CA SER C 171 10.63 -21.90 -18.01
C SER C 171 12.03 -21.68 -17.43
N LEU C 172 12.47 -20.44 -17.20
CA LEU C 172 13.82 -20.21 -16.63
CA LEU C 172 13.82 -20.22 -16.63
C LEU C 172 13.85 -20.78 -15.21
N GLY C 173 12.69 -20.80 -14.52
CA GLY C 173 12.58 -21.38 -13.17
C GLY C 173 12.42 -22.88 -13.23
N TYR C 174 11.46 -23.41 -14.00
CA TYR C 174 11.21 -24.86 -13.98
C TYR C 174 12.30 -25.62 -14.74
N ASN C 175 12.97 -25.03 -15.72
CA ASN C 175 14.05 -25.77 -16.43
C ASN C 175 15.25 -25.88 -15.49
N GLY C 176 15.45 -24.93 -14.59
CA GLY C 176 16.46 -25.04 -13.53
C GLY C 176 16.16 -26.20 -12.60
N ALA C 177 14.89 -26.39 -12.22
CA ALA C 177 14.47 -27.50 -11.34
C ALA C 177 14.69 -28.81 -12.07
N ILE C 178 14.36 -28.87 -13.36
CA ILE C 178 14.59 -30.08 -14.16
C ILE C 178 16.08 -30.39 -14.17
N LEU C 179 16.91 -29.39 -14.43
CA LEU C 179 18.38 -29.61 -14.50
C LEU C 179 18.90 -30.19 -13.18
N GLN C 180 18.49 -29.63 -12.06
CA GLN C 180 18.91 -30.06 -10.71
C GLN C 180 18.40 -31.49 -10.48
N ALA C 181 17.15 -31.81 -10.83
CA ALA C 181 16.59 -33.17 -10.65
C ALA C 181 17.37 -34.15 -11.54
N LEU C 182 17.75 -33.73 -12.75
CA LEU C 182 18.53 -34.62 -13.65
C LEU C 182 19.92 -34.84 -13.06
N ALA C 183 20.54 -33.80 -12.47
CA ALA C 183 21.90 -33.96 -11.88
C ALA C 183 21.83 -34.96 -10.72
N VAL C 184 20.82 -34.87 -9.87
CA VAL C 184 20.64 -35.83 -8.76
C VAL C 184 20.43 -37.24 -9.35
N HIS C 185 19.55 -37.37 -10.33
CA HIS C 185 19.24 -38.64 -11.02
C HIS C 185 20.54 -39.27 -11.52
N LEU C 186 21.41 -38.50 -12.19
CA LEU C 186 22.67 -39.05 -12.72
C LEU C 186 23.61 -39.40 -11.58
N ALA C 187 23.67 -38.59 -10.52
CA ALA C 187 24.55 -38.87 -9.37
C ALA C 187 24.18 -40.23 -8.74
N LEU C 188 22.90 -40.55 -8.67
CA LEU C 188 22.37 -41.83 -8.12
C LEU C 188 22.82 -43.02 -8.96
N GLN C 189 23.13 -42.84 -10.24
CA GLN C 189 23.61 -43.97 -11.09
C GLN C 189 25.09 -44.23 -10.79
N GLY C 190 25.73 -43.42 -9.96
CA GLY C 190 27.10 -43.63 -9.48
C GLY C 190 28.10 -43.19 -10.53
N GLU C 191 29.23 -43.88 -10.58
CA GLU C 191 30.53 -43.33 -11.01
C GLU C 191 30.37 -42.78 -12.42
N SER C 192 30.82 -41.54 -12.60
CA SER C 192 30.77 -40.89 -13.92
C SER C 192 32.00 -40.02 -14.11
N SER C 193 32.50 -39.96 -15.32
CA SER C 193 33.35 -38.84 -15.77
C SER C 193 32.47 -37.58 -15.73
N SER C 194 33.06 -36.45 -15.44
CA SER C 194 32.41 -35.14 -15.57
C SER C 194 31.98 -34.95 -17.03
N GLU C 195 32.78 -35.40 -18.01
CA GLU C 195 32.43 -35.27 -19.45
C GLU C 195 31.11 -35.99 -19.74
N HIS C 196 30.96 -37.24 -19.29
CA HIS C 196 29.75 -38.06 -19.55
C HIS C 196 28.54 -37.44 -18.83
N PHE C 197 28.74 -36.98 -17.61
CA PHE C 197 27.67 -36.36 -16.76
C PHE C 197 27.14 -35.13 -17.49
N LEU C 198 28.05 -34.24 -17.90
CA LEU C 198 27.71 -32.98 -18.60
C LEU C 198 27.06 -33.26 -19.95
N LYS C 199 27.58 -34.19 -20.75
CA LYS C 199 26.98 -34.51 -22.07
C LYS C 199 25.55 -35.00 -21.92
N GLN C 200 25.31 -35.85 -20.92
CA GLN C 200 23.95 -36.35 -20.66
C GLN C 200 23.05 -35.16 -20.33
N LEU C 201 23.47 -34.30 -19.40
CA LEU C 201 22.63 -33.12 -19.00
C LEU C 201 22.42 -32.24 -20.23
N LEU C 202 23.47 -32.00 -21.02
CA LEU C 202 23.42 -31.07 -22.17
C LEU C 202 22.42 -31.61 -23.19
N GLY C 203 22.41 -32.92 -23.43
CA GLY C 203 21.48 -33.58 -24.35
C GLY C 203 20.04 -33.26 -23.98
N HIS C 204 19.69 -33.42 -22.68
CA HIS C 204 18.32 -33.13 -22.16
C HIS C 204 18.02 -31.64 -22.31
N MET C 205 18.95 -30.77 -21.87
CA MET C 205 18.66 -29.32 -21.80
C MET C 205 18.55 -28.75 -23.22
N GLU C 206 19.36 -29.21 -24.19
CA GLU C 206 19.27 -28.68 -25.58
CA GLU C 206 19.27 -28.68 -25.59
C GLU C 206 17.87 -28.98 -26.13
N ASP C 207 17.34 -30.17 -25.82
CA ASP C 207 15.97 -30.55 -26.22
C ASP C 207 14.96 -29.60 -25.55
N LEU C 208 15.02 -29.48 -24.23
CA LEU C 208 13.98 -28.75 -23.45
C LEU C 208 14.00 -27.27 -23.77
N GLU C 209 15.19 -26.70 -23.97
CA GLU C 209 15.29 -25.24 -24.13
C GLU C 209 14.99 -24.82 -25.57
N GLY C 210 14.80 -25.76 -26.50
CA GLY C 210 14.38 -25.46 -27.88
C GLY C 210 12.90 -25.18 -27.99
N ASP C 211 12.11 -25.50 -26.96
CA ASP C 211 10.65 -25.23 -26.92
C ASP C 211 10.38 -23.72 -27.05
N ALA C 212 9.29 -23.35 -27.73
CA ALA C 212 8.89 -21.94 -27.98
C ALA C 212 8.85 -21.16 -26.64
N GLN C 213 8.22 -21.73 -25.61
CA GLN C 213 8.09 -21.07 -24.28
C GLN C 213 9.49 -20.78 -23.71
N SER C 214 10.42 -21.73 -23.80
CA SER C 214 11.81 -21.56 -23.29
C SER C 214 12.51 -20.45 -24.09
N VAL C 215 12.38 -20.46 -25.41
CA VAL C 215 13.07 -19.46 -26.27
C VAL C 215 12.52 -18.07 -25.93
N LEU C 216 11.21 -17.94 -25.82
CA LEU C 216 10.51 -16.66 -25.50
C LEU C 216 10.98 -16.15 -24.13
N ASP C 217 10.92 -16.98 -23.09
CA ASP C 217 11.29 -16.56 -21.72
C ASP C 217 12.74 -16.05 -21.73
N ALA C 218 13.67 -16.76 -22.41
CA ALA C 218 15.10 -16.38 -22.46
C ALA C 218 15.25 -15.00 -23.13
N ARG C 219 14.57 -14.78 -24.25
CA ARG C 219 14.68 -13.52 -25.05
C ARG C 219 14.12 -12.35 -24.23
N GLU C 220 13.02 -12.53 -23.52
CA GLU C 220 12.40 -11.44 -22.73
C GLU C 220 13.31 -11.00 -21.57
N LEU C 221 14.36 -11.75 -21.23
CA LEU C 221 15.36 -11.32 -20.21
C LEU C 221 16.68 -10.96 -20.89
N GLY C 222 16.70 -10.81 -22.21
CA GLY C 222 17.92 -10.46 -22.96
C GLY C 222 19.02 -11.49 -22.75
N MET C 223 18.66 -12.78 -22.69
CA MET C 223 19.62 -13.89 -22.55
C MET C 223 19.82 -14.53 -23.91
N GLU C 224 20.95 -15.20 -24.13
CA GLU C 224 21.09 -16.19 -25.24
C GLU C 224 19.92 -17.17 -25.17
N GLU C 225 19.50 -17.75 -26.29
CA GLU C 225 18.57 -18.91 -26.23
C GLU C 225 19.37 -20.09 -25.66
N ARG C 226 18.69 -20.99 -24.97
CA ARG C 226 19.29 -22.16 -24.32
C ARG C 226 20.34 -21.69 -23.31
N PRO C 227 19.95 -20.86 -22.32
CA PRO C 227 20.88 -20.44 -21.28
C PRO C 227 21.43 -21.58 -20.40
N TYR C 228 20.66 -22.63 -20.10
CA TYR C 228 21.21 -23.74 -19.28
C TYR C 228 22.25 -24.50 -20.11
N SER C 229 21.93 -24.77 -21.38
CA SER C 229 22.83 -25.49 -22.33
C SER C 229 24.16 -24.74 -22.44
N SER C 230 24.08 -23.43 -22.62
CA SER C 230 25.29 -22.57 -22.69
CA SER C 230 25.29 -22.56 -22.68
C SER C 230 26.09 -22.68 -21.40
N ARG C 231 25.43 -22.63 -20.23
CA ARG C 231 26.18 -22.69 -18.95
C ARG C 231 26.77 -24.07 -18.76
N LEU C 232 26.10 -25.14 -19.21
CA LEU C 232 26.66 -26.51 -19.09
C LEU C 232 27.95 -26.61 -19.94
N LYS C 233 27.97 -25.98 -21.12
CA LYS C 233 29.20 -25.95 -21.96
C LYS C 233 30.28 -25.13 -21.23
N LYS C 234 29.93 -24.04 -20.57
CA LYS C 234 30.90 -23.22 -19.79
C LYS C 234 31.44 -24.04 -18.61
N ILE C 235 30.60 -24.88 -18.00
CA ILE C 235 31.09 -25.77 -16.90
C ILE C 235 32.23 -26.65 -17.44
N GLY C 236 31.99 -27.25 -18.60
CA GLY C 236 33.01 -28.11 -19.26
C GLY C 236 34.31 -27.35 -19.51
N GLU C 237 34.25 -26.13 -19.99
CA GLU C 237 35.44 -25.26 -20.23
C GLU C 237 36.13 -24.95 -18.90
N LEU C 238 35.36 -24.66 -17.84
CA LEU C 238 35.96 -24.36 -16.52
C LEU C 238 36.71 -25.59 -15.99
N LEU C 239 36.09 -26.78 -16.08
CA LEU C 239 36.68 -28.05 -15.60
C LEU C 239 37.89 -28.42 -16.45
N ASP C 240 37.98 -27.98 -17.70
CA ASP C 240 39.13 -28.30 -18.58
C ASP C 240 40.37 -27.48 -18.14
N GLN C 241 40.22 -26.41 -17.38
CA GLN C 241 41.35 -25.58 -16.92
C GLN C 241 42.05 -26.28 -15.75
N ALA C 242 43.38 -26.14 -15.65
CA ALA C 242 44.14 -26.69 -14.49
C ALA C 242 43.63 -26.05 -13.20
N SER C 243 43.40 -24.75 -13.23
CA SER C 243 42.86 -24.01 -12.07
C SER C 243 42.04 -22.83 -12.56
N VAL C 244 41.06 -22.42 -11.78
CA VAL C 244 40.18 -21.25 -12.06
C VAL C 244 39.99 -20.52 -10.74
N THR C 245 39.90 -19.21 -10.75
CA THR C 245 39.60 -18.41 -9.54
C THR C 245 38.09 -18.45 -9.28
N ARG C 246 37.70 -18.17 -8.03
CA ARG C 246 36.28 -18.04 -7.64
C ARG C 246 35.65 -16.93 -8.47
N GLU C 247 36.38 -15.84 -8.70
CA GLU C 247 35.90 -14.70 -9.51
C GLU C 247 35.50 -15.21 -10.90
N GLU C 248 36.35 -15.99 -11.55
CA GLU C 248 36.03 -16.51 -12.90
C GLU C 248 34.79 -17.40 -12.83
N VAL C 249 34.70 -18.28 -11.82
CA VAL C 249 33.54 -19.22 -11.70
C VAL C 249 32.26 -18.39 -11.61
N VAL C 250 32.24 -17.43 -10.70
CA VAL C 250 31.03 -16.64 -10.41
C VAL C 250 30.70 -15.76 -11.62
N SER C 251 31.72 -15.20 -12.27
CA SER C 251 31.54 -14.35 -13.46
C SER C 251 30.87 -15.15 -14.58
N GLU C 252 31.27 -16.40 -14.78
CA GLU C 252 30.71 -17.25 -15.85
C GLU C 252 29.34 -17.83 -15.47
N LEU C 253 29.18 -18.29 -14.23
CA LEU C 253 27.99 -19.13 -13.89
C LEU C 253 27.01 -18.35 -12.99
N GLY C 254 27.50 -17.46 -12.15
CA GLY C 254 26.67 -16.75 -11.17
C GLY C 254 26.66 -17.40 -9.80
N ASN C 255 26.11 -16.71 -8.81
CA ASN C 255 25.95 -17.23 -7.43
C ASN C 255 24.71 -16.60 -6.79
N GLY C 256 23.65 -16.48 -7.56
CA GLY C 256 22.49 -15.67 -7.19
C GLY C 256 21.20 -16.44 -6.99
N ILE C 257 20.12 -15.68 -6.83
CA ILE C 257 18.77 -16.22 -6.51
C ILE C 257 18.06 -16.71 -7.76
N ALA C 258 18.50 -16.35 -8.97
CA ALA C 258 17.92 -16.91 -10.22
C ALA C 258 18.39 -18.34 -10.41
N ALA C 259 17.49 -19.22 -10.87
CA ALA C 259 17.80 -20.65 -11.10
C ALA C 259 18.97 -20.74 -12.07
N PHE C 260 19.06 -19.85 -13.05
CA PHE C 260 20.09 -19.97 -14.10
C PHE C 260 21.44 -19.46 -13.60
N GLU C 261 21.48 -18.80 -12.43
CA GLU C 261 22.73 -18.31 -11.81
C GLU C 261 23.04 -19.07 -10.53
N SER C 262 22.48 -20.28 -10.36
CA SER C 262 22.69 -21.06 -9.13
C SER C 262 22.73 -22.56 -9.43
N VAL C 263 21.81 -23.07 -10.25
CA VAL C 263 21.79 -24.54 -10.51
C VAL C 263 23.07 -24.95 -11.25
N PRO C 264 23.49 -24.31 -12.35
CA PRO C 264 24.75 -24.68 -12.99
C PRO C 264 25.93 -24.54 -12.04
N THR C 265 25.92 -23.53 -11.19
CA THR C 265 26.99 -23.30 -10.19
C THR C 265 27.10 -24.50 -9.26
N ALA C 266 25.97 -24.97 -8.72
CA ALA C 266 25.94 -26.18 -7.86
C ALA C 266 26.53 -27.37 -8.61
N ILE C 267 26.15 -27.56 -9.88
CA ILE C 267 26.66 -28.73 -10.67
C ILE C 267 28.17 -28.60 -10.90
N TYR C 268 28.65 -27.41 -11.19
CA TYR C 268 30.11 -27.13 -11.31
C TYR C 268 30.79 -27.53 -10.00
N CYS C 269 30.25 -27.13 -8.84
CA CYS C 269 30.90 -27.43 -7.54
C CYS C 269 30.95 -28.95 -7.35
N PHE C 270 29.86 -29.65 -7.67
CA PHE C 270 29.84 -31.11 -7.55
C PHE C 270 30.93 -31.74 -8.45
N LEU C 271 30.99 -31.35 -9.72
CA LEU C 271 31.94 -31.97 -10.69
C LEU C 271 33.36 -31.57 -10.32
N ARG C 272 33.61 -30.29 -10.01
CA ARG C 272 34.97 -29.81 -9.64
C ARG C 272 35.49 -30.58 -8.42
N CYS C 273 34.67 -30.72 -7.39
CA CYS C 273 35.12 -31.22 -6.07
C CYS C 273 35.19 -32.75 -6.04
N MET C 274 34.94 -33.45 -7.15
CA MET C 274 35.32 -34.88 -7.27
CA MET C 274 35.32 -34.88 -7.27
C MET C 274 36.85 -35.00 -7.13
N GLU C 275 37.58 -33.95 -7.50
CA GLU C 275 39.07 -33.90 -7.36
C GLU C 275 39.43 -33.15 -6.08
N PRO C 276 40.56 -33.47 -5.43
CA PRO C 276 41.04 -32.69 -4.30
C PRO C 276 41.40 -31.26 -4.73
N ASP C 277 41.35 -30.35 -3.76
CA ASP C 277 41.65 -28.90 -3.92
C ASP C 277 42.91 -28.61 -3.12
N PRO C 278 43.97 -28.10 -3.75
CA PRO C 278 45.20 -27.73 -3.04
C PRO C 278 44.92 -26.85 -1.80
N GLU C 279 43.82 -26.07 -1.82
CA GLU C 279 43.52 -25.07 -0.74
C GLU C 279 42.55 -25.64 0.29
N ILE C 280 42.07 -26.88 0.15
CA ILE C 280 41.11 -27.48 1.13
C ILE C 280 41.80 -28.67 1.77
N PRO C 281 41.94 -28.66 3.12
CA PRO C 281 42.67 -29.72 3.82
C PRO C 281 42.17 -31.12 3.41
N SER C 282 43.12 -32.06 3.29
CA SER C 282 42.83 -33.44 2.82
CA SER C 282 42.86 -33.45 2.83
C SER C 282 42.02 -34.20 3.87
N ALA C 283 41.94 -33.67 5.09
CA ALA C 283 41.15 -34.28 6.18
C ALA C 283 39.66 -34.25 5.81
N PHE C 284 39.23 -33.30 4.94
CA PHE C 284 37.80 -33.22 4.53
C PHE C 284 37.53 -34.27 3.46
N ASN C 285 36.42 -35.00 3.54
CA ASN C 285 36.04 -35.97 2.47
C ASN C 285 35.45 -35.17 1.30
N SER C 286 35.07 -35.85 0.23
CA SER C 286 34.59 -35.26 -1.02
C SER C 286 33.31 -34.47 -0.79
N LEU C 287 32.40 -35.00 0.01
CA LEU C 287 31.10 -34.32 0.30
CA LEU C 287 31.12 -34.30 0.29
C LEU C 287 31.40 -33.01 1.04
N GLN C 288 32.25 -33.06 2.07
CA GLN C 288 32.60 -31.86 2.87
C GLN C 288 33.29 -30.84 1.96
N ARG C 289 34.18 -31.30 1.11
CA ARG C 289 34.92 -30.40 0.16
C ARG C 289 33.90 -29.68 -0.73
N THR C 290 32.94 -30.43 -1.27
CA THR C 290 31.90 -29.88 -2.17
C THR C 290 31.15 -28.77 -1.44
N LEU C 291 30.77 -29.00 -0.19
CA LEU C 291 29.99 -28.01 0.61
C LEU C 291 30.87 -26.78 0.88
N ILE C 292 32.11 -26.99 1.31
CA ILE C 292 33.04 -25.88 1.67
C ILE C 292 33.23 -25.02 0.43
N TYR C 293 33.54 -25.65 -0.70
CA TYR C 293 33.87 -24.90 -1.93
C TYR C 293 32.61 -24.12 -2.36
N SER C 294 31.45 -24.76 -2.42
CA SER C 294 30.22 -24.08 -2.89
C SER C 294 29.98 -22.85 -2.01
N ILE C 295 30.12 -22.97 -0.70
CA ILE C 295 29.88 -21.82 0.23
C ILE C 295 30.94 -20.75 -0.02
N SER C 296 32.17 -21.13 -0.36
CA SER C 296 33.26 -20.16 -0.61
C SER C 296 32.93 -19.25 -1.80
N LEU C 297 31.99 -19.63 -2.68
CA LEU C 297 31.65 -18.79 -3.85
C LEU C 297 30.80 -17.60 -3.41
N GLY C 298 30.19 -17.65 -2.23
CA GLY C 298 29.36 -16.55 -1.72
C GLY C 298 28.04 -16.47 -2.47
N GLY C 299 27.34 -15.34 -2.31
CA GLY C 299 25.99 -15.14 -2.88
C GLY C 299 24.95 -15.94 -2.12
N ASP C 300 24.07 -16.61 -2.85
CA ASP C 300 22.91 -17.34 -2.27
C ASP C 300 23.39 -18.71 -1.79
N THR C 301 24.20 -18.70 -0.72
CA THR C 301 25.01 -19.87 -0.30
C THR C 301 24.12 -21.00 0.21
N ASP C 302 23.02 -20.66 0.89
CA ASP C 302 22.06 -21.69 1.37
C ASP C 302 21.60 -22.55 0.19
N THR C 303 21.22 -21.93 -0.92
CA THR C 303 20.56 -22.64 -2.02
C THR C 303 21.61 -23.30 -2.90
N ILE C 304 22.72 -22.64 -3.17
CA ILE C 304 23.77 -23.28 -3.99
C ILE C 304 24.32 -24.50 -3.22
N ALA C 305 24.57 -24.38 -1.91
CA ALA C 305 25.11 -25.50 -1.13
C ALA C 305 24.05 -26.60 -0.94
N THR C 306 22.78 -26.27 -0.76
CA THR C 306 21.73 -27.31 -0.63
C THR C 306 21.67 -28.13 -1.93
N MET C 307 21.81 -27.50 -3.08
CA MET C 307 21.71 -28.22 -4.38
C MET C 307 23.00 -29.01 -4.60
N ALA C 308 24.17 -28.41 -4.36
CA ALA C 308 25.45 -29.14 -4.52
C ALA C 308 25.45 -30.32 -3.54
N GLY C 309 24.92 -30.13 -2.33
CA GLY C 309 24.87 -31.16 -1.29
C GLY C 309 23.94 -32.32 -1.64
N ALA C 310 22.82 -32.04 -2.27
CA ALA C 310 21.87 -33.08 -2.71
C ALA C 310 22.56 -33.96 -3.76
N ILE C 311 23.26 -33.32 -4.70
CA ILE C 311 23.92 -34.07 -5.80
C ILE C 311 25.06 -34.91 -5.17
N ALA C 312 25.92 -34.27 -4.39
CA ALA C 312 27.10 -34.91 -3.75
C ALA C 312 26.64 -36.05 -2.84
N GLY C 313 25.57 -35.84 -2.07
CA GLY C 313 25.01 -36.85 -1.17
C GLY C 313 24.53 -38.08 -1.92
N ALA C 314 23.82 -37.89 -3.02
CA ALA C 314 23.32 -38.96 -3.90
C ALA C 314 24.50 -39.74 -4.47
N TYR C 315 25.60 -39.06 -4.75
CA TYR C 315 26.79 -39.64 -5.41
C TYR C 315 27.67 -40.38 -4.40
N TYR C 316 28.03 -39.75 -3.27
CA TYR C 316 29.00 -40.30 -2.30
C TYR C 316 28.30 -41.18 -1.25
N GLY C 317 27.01 -40.94 -1.00
CA GLY C 317 26.25 -41.68 -0.01
C GLY C 317 26.52 -41.27 1.43
N MET C 318 25.82 -41.94 2.33
CA MET C 318 25.70 -41.57 3.75
C MET C 318 27.05 -41.79 4.46
N ASP C 319 27.93 -42.63 3.91
CA ASP C 319 29.25 -42.85 4.54
C ASP C 319 30.04 -41.54 4.56
N GLN C 320 29.76 -40.57 3.69
CA GLN C 320 30.55 -39.32 3.65
C GLN C 320 29.84 -38.20 4.41
N VAL C 321 28.66 -38.47 4.98
CA VAL C 321 28.00 -37.47 5.85
C VAL C 321 28.67 -37.50 7.22
N PRO C 322 29.41 -36.47 7.64
CA PRO C 322 30.07 -36.50 8.93
C PRO C 322 29.02 -36.35 10.06
N GLU C 323 29.09 -37.21 11.07
CA GLU C 323 28.15 -37.19 12.22
C GLU C 323 28.20 -35.82 12.89
N SER C 324 29.38 -35.24 13.10
CA SER C 324 29.52 -33.97 13.85
C SER C 324 28.80 -32.84 13.06
N TRP C 325 28.84 -32.88 11.72
CA TRP C 325 28.13 -31.87 10.87
C TRP C 325 26.63 -32.15 10.92
N GLN C 326 26.23 -33.38 10.64
CA GLN C 326 24.81 -33.82 10.60
C GLN C 326 24.13 -33.43 11.91
N GLN C 327 24.76 -33.72 13.05
CA GLN C 327 24.13 -33.53 14.39
C GLN C 327 24.05 -32.05 14.74
N SER C 328 24.76 -31.17 14.03
CA SER C 328 24.65 -29.72 14.22
C SER C 328 23.42 -29.16 13.48
N CYS C 329 22.71 -29.95 12.67
CA CYS C 329 21.63 -29.46 11.78
C CYS C 329 20.25 -29.72 12.41
N GLU C 330 19.44 -28.66 12.52
CA GLU C 330 18.03 -28.78 12.91
C GLU C 330 17.35 -29.85 12.04
N GLY C 331 16.72 -30.83 12.67
CA GLY C 331 15.84 -31.80 11.98
C GLY C 331 16.59 -32.96 11.36
N TYR C 332 17.87 -33.17 11.66
CA TYR C 332 18.66 -34.21 10.96
C TYR C 332 18.04 -35.61 11.14
N GLU C 333 17.41 -35.85 12.31
CA GLU C 333 16.81 -37.17 12.64
C GLU C 333 15.64 -37.40 11.68
N GLU C 334 14.77 -36.40 11.53
CA GLU C 334 13.57 -36.51 10.68
C GLU C 334 13.99 -36.69 9.21
N THR C 335 15.05 -36.00 8.78
CA THR C 335 15.54 -36.10 7.40
C THR C 335 15.91 -37.57 7.11
N ASP C 336 16.64 -38.20 8.03
CA ASP C 336 17.09 -39.60 7.84
C ASP C 336 15.87 -40.56 7.78
N ILE C 337 14.90 -40.34 8.66
CA ILE C 337 13.62 -41.12 8.69
C ILE C 337 12.90 -41.00 7.35
N LEU C 338 12.84 -39.77 6.80
CA LEU C 338 12.16 -39.54 5.50
C LEU C 338 12.91 -40.24 4.36
N ALA C 339 14.24 -40.26 4.40
CA ALA C 339 15.06 -40.92 3.36
C ALA C 339 14.77 -42.42 3.39
N GLN C 340 14.75 -43.02 4.58
CA GLN C 340 14.45 -44.46 4.75
C GLN C 340 13.05 -44.75 4.18
N SER C 341 12.06 -43.93 4.51
CA SER C 341 10.67 -44.14 4.05
C SER C 341 10.60 -44.06 2.52
N LEU C 342 11.24 -43.04 1.93
CA LEU C 342 11.26 -42.91 0.45
C LEU C 342 11.85 -44.18 -0.15
N HIS C 343 12.95 -44.67 0.42
CA HIS C 343 13.62 -45.88 -0.08
C HIS C 343 12.65 -47.08 -0.02
N ARG C 344 11.90 -47.22 1.06
CA ARG C 344 10.94 -48.36 1.25
CA ARG C 344 10.96 -48.36 1.22
C ARG C 344 9.82 -48.22 0.20
N VAL C 345 9.27 -47.03 0.06
CA VAL C 345 8.08 -46.83 -0.82
C VAL C 345 8.48 -46.94 -2.31
N PHE C 346 9.61 -46.39 -2.71
CA PHE C 346 9.89 -46.16 -4.16
C PHE C 346 11.00 -47.06 -4.68
N GLN C 347 11.84 -47.60 -3.80
CA GLN C 347 13.04 -48.36 -4.23
C GLN C 347 12.77 -49.83 -3.94
C N7P D 1 20.07 -10.04 -4.68
O N7P D 1 19.85 -11.20 -5.09
CA N7P D 1 19.10 -9.01 -4.15
N N7P D 1 17.95 -8.99 -4.99
C1 N7P D 1 18.10 -8.80 -6.32
O1 N7P D 1 19.22 -8.66 -6.84
C2 N7P D 1 16.89 -8.83 -7.18
CD N7P D 1 16.77 -9.21 -4.19
CG N7P D 1 17.27 -9.72 -2.85
CB N7P D 1 18.70 -9.31 -2.72
N ALA D 2 21.58 -10.28 -4.01
CA ALA D 2 22.64 -11.23 -4.17
C ALA D 2 22.20 -12.55 -3.53
N LYS D 3 21.28 -12.49 -2.54
CA LYS D 3 20.92 -13.71 -1.77
C LYS D 3 19.60 -13.50 -1.05
N SER D 4 19.02 -14.61 -0.58
CA SER D 4 17.85 -14.65 0.33
C SER D 4 18.28 -15.41 1.59
N ALA D 5 17.99 -14.77 2.74
CA ALA D 5 18.31 -15.23 4.11
C ALA D 5 17.13 -14.87 5.01
N PRO D 6 16.86 -15.62 6.09
CA PRO D 6 15.87 -15.18 7.07
C PRO D 6 16.23 -13.79 7.59
N ALA D 7 15.22 -12.96 7.84
CA ALA D 7 15.35 -11.54 8.31
C ALA D 7 16.15 -11.50 9.62
N PRO D 8 16.98 -10.45 9.83
CA PRO D 8 17.52 -10.15 11.18
C PRO D 8 16.43 -9.64 12.12
N SER E 4 -31.50 44.62 -8.37
CA SER E 4 -30.22 44.64 -9.12
C SER E 4 -29.69 43.19 -9.25
N SER E 5 -29.64 42.73 -10.48
CA SER E 5 -29.00 41.45 -10.84
CA SER E 5 -29.00 41.45 -10.86
C SER E 5 -27.52 41.47 -10.43
N LEU E 6 -26.81 42.58 -10.62
CA LEU E 6 -25.36 42.64 -10.25
C LEU E 6 -25.21 42.41 -8.75
N SER E 7 -26.09 43.02 -7.96
CA SER E 7 -26.04 42.90 -6.49
C SER E 7 -26.22 41.40 -6.12
N ARG E 8 -27.10 40.69 -6.82
CA ARG E 8 -27.39 39.26 -6.54
C ARG E 8 -26.17 38.41 -6.93
N PHE E 9 -25.52 38.72 -8.05
CA PHE E 9 -24.34 37.95 -8.52
C PHE E 9 -23.23 38.12 -7.47
N ARG E 10 -22.96 39.36 -7.07
CA ARG E 10 -21.87 39.67 -6.12
C ARG E 10 -22.21 39.03 -4.76
N GLY E 11 -23.46 39.18 -4.32
CA GLY E 11 -23.89 38.63 -3.03
C GLY E 11 -23.81 37.10 -3.02
N CYS E 12 -24.16 36.47 -4.12
CA CYS E 12 -24.09 34.99 -4.26
C CYS E 12 -22.64 34.53 -4.04
N LEU E 13 -21.69 35.07 -4.78
CA LEU E 13 -20.30 34.57 -4.66
C LEU E 13 -19.69 35.02 -3.32
N ALA E 14 -20.03 36.21 -2.83
CA ALA E 14 -19.48 36.68 -1.52
C ALA E 14 -20.04 35.78 -0.40
N GLY E 15 -21.35 35.50 -0.47
CA GLY E 15 -22.01 34.61 0.48
C GLY E 15 -21.37 33.24 0.56
N ALA E 16 -21.08 32.65 -0.61
CA ALA E 16 -20.39 31.36 -0.69
C ALA E 16 -19.01 31.47 -0.06
N LEU E 17 -18.27 32.54 -0.38
CA LEU E 17 -16.89 32.70 0.16
C LEU E 17 -16.98 32.81 1.69
N LEU E 18 -17.91 33.60 2.22
CA LEU E 18 -18.05 33.79 3.68
C LEU E 18 -18.34 32.42 4.32
N GLY E 19 -19.27 31.66 3.76
CA GLY E 19 -19.61 30.33 4.26
C GLY E 19 -18.40 29.42 4.35
N ASP E 20 -17.61 29.35 3.29
CA ASP E 20 -16.39 28.51 3.25
C ASP E 20 -15.41 29.02 4.32
N CYS E 21 -15.04 30.29 4.28
CA CYS E 21 -13.97 30.85 5.14
C CYS E 21 -14.38 30.79 6.61
N VAL E 22 -15.59 31.25 6.91
CA VAL E 22 -16.06 31.31 8.33
C VAL E 22 -16.43 29.90 8.76
N GLY E 23 -17.10 29.10 7.91
CA GLY E 23 -17.41 27.71 8.24
C GLY E 23 -16.16 26.88 8.51
N SER E 24 -15.11 27.03 7.70
CA SER E 24 -13.84 26.28 7.85
C SER E 24 -13.16 26.67 9.16
N PHE E 25 -13.20 27.94 9.47
CA PHE E 25 -12.59 28.48 10.69
C PHE E 25 -13.22 27.80 11.89
N TYR E 26 -14.54 27.64 11.95
CA TYR E 26 -15.25 26.95 13.06
C TYR E 26 -14.95 25.45 13.06
N ALA E 27 -14.93 24.78 11.89
CA ALA E 27 -14.56 23.34 11.79
C ALA E 27 -13.15 23.08 12.37
N ALA E 28 -12.23 24.05 12.35
CA ALA E 28 -10.80 23.91 12.74
C ALA E 28 -10.58 24.36 14.20
N HIS E 29 -11.48 25.14 14.82
CA HIS E 29 -11.31 25.69 16.19
C HIS E 29 -12.42 25.18 17.11
N ASP E 30 -12.09 24.83 18.35
CA ASP E 30 -13.06 24.28 19.35
C ASP E 30 -13.99 25.37 19.84
N THR E 31 -13.48 26.59 19.99
CA THR E 31 -14.27 27.78 20.40
C THR E 31 -13.79 28.98 19.58
N VAL E 32 -14.73 29.86 19.26
CA VAL E 32 -14.56 30.95 18.27
C VAL E 32 -15.33 32.19 18.75
N ASP E 33 -14.64 33.33 18.79
CA ASP E 33 -15.25 34.67 18.90
C ASP E 33 -15.11 35.28 17.50
N LEU E 34 -16.18 35.26 16.68
CA LEU E 34 -16.12 35.78 15.29
C LEU E 34 -15.61 37.23 15.30
N THR E 35 -16.10 38.07 16.22
CA THR E 35 -15.72 39.50 16.30
C THR E 35 -14.21 39.60 16.61
N SER E 36 -13.64 38.77 17.49
CA SER E 36 -12.18 38.77 17.82
C SER E 36 -11.37 38.36 16.58
N VAL E 37 -11.86 37.37 15.82
CA VAL E 37 -11.21 36.88 14.57
C VAL E 37 -11.21 38.01 13.53
N LEU E 38 -12.37 38.61 13.27
CA LEU E 38 -12.55 39.73 12.30
C LEU E 38 -11.67 40.92 12.72
N ARG E 39 -11.46 41.13 14.02
CA ARG E 39 -10.61 42.23 14.57
C ARG E 39 -9.14 41.95 14.24
N HIS E 40 -8.62 40.74 14.51
CA HIS E 40 -7.18 40.38 14.35
C HIS E 40 -6.77 40.25 12.87
N VAL E 41 -7.71 39.99 11.95
CA VAL E 41 -7.40 39.86 10.49
C VAL E 41 -7.26 41.27 9.88
N GLN E 42 -8.13 42.20 10.30
CA GLN E 42 -7.97 43.67 10.06
C GLN E 42 -7.35 44.27 11.31
N ALA E 58 -5.93 36.82 7.42
CA ALA E 58 -7.13 36.50 6.61
C ALA E 58 -7.61 35.09 6.97
N LEU E 59 -8.92 34.87 6.92
CA LEU E 59 -9.53 33.50 6.93
C LEU E 59 -9.29 32.82 5.57
N TYR E 60 -8.64 31.67 5.59
N TYR E 60 -8.63 31.66 5.59
CA TYR E 60 -8.30 30.92 4.34
CA TYR E 60 -8.29 30.86 4.39
C TYR E 60 -9.57 30.23 3.81
C TYR E 60 -9.57 30.23 3.81
N TYR E 61 -9.69 30.20 2.49
CA TYR E 61 -10.76 29.42 1.82
C TYR E 61 -10.23 27.98 1.65
N THR E 62 -11.13 27.07 1.27
CA THR E 62 -10.78 25.64 1.15
C THR E 62 -11.05 25.20 -0.28
N ASP E 63 -11.16 23.88 -0.47
CA ASP E 63 -11.48 23.27 -1.78
C ASP E 63 -12.81 23.81 -2.30
N ASP E 64 -13.74 24.16 -1.41
CA ASP E 64 -15.09 24.65 -1.81
C ASP E 64 -14.89 25.87 -2.74
N THR E 65 -14.14 26.87 -2.28
CA THR E 65 -13.89 28.10 -3.04
C THR E 65 -12.92 27.78 -4.20
N ALA E 66 -11.88 26.99 -3.98
CA ALA E 66 -10.90 26.70 -5.05
C ALA E 66 -11.64 26.13 -6.26
N MET E 67 -12.57 25.22 -6.05
CA MET E 67 -13.32 24.59 -7.16
C MET E 67 -14.38 25.53 -7.70
N ALA E 68 -15.04 26.31 -6.86
CA ALA E 68 -16.05 27.28 -7.32
C ALA E 68 -15.34 28.30 -8.23
N ARG E 69 -14.12 28.70 -7.86
N ARG E 69 -14.11 28.69 -7.88
CA ARG E 69 -13.34 29.68 -8.66
CA ARG E 69 -13.33 29.67 -8.67
C ARG E 69 -13.04 29.06 -10.03
C ARG E 69 -13.04 29.06 -10.03
N ALA E 70 -12.54 27.82 -10.06
CA ALA E 70 -12.21 27.10 -11.32
C ALA E 70 -13.47 26.99 -12.17
N LEU E 71 -14.62 26.67 -11.58
CA LEU E 71 -15.88 26.51 -12.36
C LEU E 71 -16.25 27.87 -13.00
N VAL E 72 -16.22 28.94 -12.23
CA VAL E 72 -16.57 30.30 -12.70
C VAL E 72 -15.54 30.76 -13.76
N GLN E 73 -14.26 30.51 -13.55
CA GLN E 73 -13.21 30.89 -14.51
C GLN E 73 -13.41 30.14 -15.83
N SER E 74 -13.84 28.87 -15.77
CA SER E 74 -14.15 28.08 -16.99
C SER E 74 -15.32 28.72 -17.73
N LEU E 75 -16.42 29.01 -17.02
CA LEU E 75 -17.61 29.64 -17.64
C LEU E 75 -17.22 30.96 -18.32
N LEU E 76 -16.37 31.77 -17.68
CA LEU E 76 -15.94 33.09 -18.21
C LEU E 76 -15.03 32.88 -19.43
N ALA E 77 -14.08 31.96 -19.37
CA ALA E 77 -13.10 31.73 -20.46
C ALA E 77 -13.84 31.27 -21.72
N LYS E 78 -14.85 30.41 -21.61
CA LYS E 78 -15.50 29.80 -22.80
C LYS E 78 -16.87 30.43 -23.04
N GLU E 79 -17.33 31.30 -22.14
CA GLU E 79 -18.64 31.99 -22.22
C GLU E 79 -19.73 30.93 -22.38
N ALA E 80 -19.53 29.77 -21.74
CA ALA E 80 -20.43 28.61 -21.80
C ALA E 80 -19.84 27.52 -20.89
N PHE E 81 -20.66 26.55 -20.55
CA PHE E 81 -20.19 25.27 -19.99
C PHE E 81 -19.34 24.55 -21.03
N ASP E 82 -18.13 24.19 -20.67
CA ASP E 82 -17.22 23.39 -21.53
C ASP E 82 -16.57 22.32 -20.64
N GLU E 83 -17.02 21.08 -20.77
CA GLU E 83 -16.63 20.00 -19.82
C GLU E 83 -15.11 19.79 -19.85
N VAL E 84 -14.48 19.90 -21.03
CA VAL E 84 -13.02 19.67 -21.14
C VAL E 84 -12.28 20.81 -20.46
N ASP E 85 -12.64 22.06 -20.74
CA ASP E 85 -11.98 23.23 -20.13
C ASP E 85 -12.15 23.14 -18.61
N MET E 86 -13.35 22.84 -18.13
CA MET E 86 -13.62 22.84 -16.68
C MET E 86 -12.88 21.68 -16.02
N ALA E 87 -12.87 20.49 -16.62
CA ALA E 87 -12.12 19.35 -16.09
C ALA E 87 -10.63 19.72 -15.95
N HIS E 88 -10.06 20.37 -16.97
CA HIS E 88 -8.63 20.77 -16.95
C HIS E 88 -8.40 21.79 -15.83
N ARG E 89 -9.33 22.72 -15.66
CA ARG E 89 -9.17 23.79 -14.64
C ARG E 89 -9.25 23.17 -13.24
N PHE E 90 -10.14 22.19 -13.02
CA PHE E 90 -10.22 21.47 -11.72
C PHE E 90 -8.89 20.79 -11.45
N ALA E 91 -8.39 20.02 -12.43
CA ALA E 91 -7.17 19.21 -12.29
C ALA E 91 -5.97 20.13 -12.03
N GLN E 92 -5.90 21.26 -12.75
CA GLN E 92 -4.75 22.20 -12.61
C GLN E 92 -4.84 22.88 -11.25
N GLU E 93 -6.03 23.22 -10.78
CA GLU E 93 -6.19 23.91 -9.48
C GLU E 93 -5.69 22.95 -8.39
N TYR E 94 -6.11 21.69 -8.47
CA TYR E 94 -5.69 20.66 -7.51
C TYR E 94 -4.16 20.55 -7.53
N LYS E 95 -3.57 20.44 -8.72
CA LYS E 95 -2.11 20.26 -8.84
C LYS E 95 -1.38 21.45 -8.18
N LYS E 96 -1.89 22.65 -8.38
CA LYS E 96 -1.28 23.91 -7.91
C LYS E 96 -1.42 23.99 -6.38
N ASP E 97 -2.54 23.54 -5.79
CA ASP E 97 -2.68 23.58 -4.32
C ASP E 97 -3.52 22.40 -3.84
N PRO E 98 -2.87 21.24 -3.66
CA PRO E 98 -3.57 20.02 -3.26
C PRO E 98 -4.02 19.99 -1.79
N ASP E 99 -3.59 20.96 -0.98
CA ASP E 99 -3.75 20.91 0.49
C ASP E 99 -4.93 21.75 0.96
N ARG E 100 -5.81 22.21 0.05
CA ARG E 100 -6.95 23.08 0.41
C ARG E 100 -8.01 22.38 1.25
N GLY E 101 -8.10 21.04 1.30
CA GLY E 101 -9.08 20.31 2.14
C GLY E 101 -10.01 19.40 1.33
N TYR E 102 -9.57 18.92 0.17
CA TYR E 102 -10.36 18.07 -0.76
C TYR E 102 -10.78 16.78 -0.06
N GLY E 103 -11.96 16.25 -0.44
CA GLY E 103 -12.37 14.90 -0.09
C GLY E 103 -11.31 13.90 -0.56
N ALA E 104 -11.14 12.84 0.22
CA ALA E 104 -10.07 11.85 0.00
C ALA E 104 -10.30 11.17 -1.34
N GLY E 105 -11.57 11.02 -1.74
CA GLY E 105 -11.93 10.30 -2.96
C GLY E 105 -11.51 11.05 -4.21
N VAL E 106 -11.99 12.31 -4.31
CA VAL E 106 -11.97 13.10 -5.57
C VAL E 106 -10.53 13.32 -6.05
N VAL E 107 -9.52 13.24 -5.16
CA VAL E 107 -8.13 13.50 -5.61
CA VAL E 107 -8.04 13.30 -5.47
C VAL E 107 -7.76 12.51 -6.75
N THR E 108 -8.28 11.28 -6.74
CA THR E 108 -8.01 10.28 -7.79
C THR E 108 -8.49 10.79 -9.14
N VAL E 109 -9.65 11.44 -9.16
CA VAL E 109 -10.22 12.04 -10.39
C VAL E 109 -9.24 13.10 -10.92
N PHE E 110 -8.71 13.98 -10.07
CA PHE E 110 -7.83 15.09 -10.53
C PHE E 110 -6.53 14.50 -11.10
N LYS E 111 -6.02 13.43 -10.49
CA LYS E 111 -4.75 12.81 -10.96
C LYS E 111 -4.95 12.22 -12.35
N LYS E 112 -6.10 11.60 -12.59
CA LYS E 112 -6.39 11.00 -13.91
C LYS E 112 -6.58 12.13 -14.92
N LEU E 113 -7.24 13.23 -14.55
CA LEU E 113 -7.56 14.30 -15.51
C LEU E 113 -6.28 15.03 -15.95
N LEU E 114 -5.17 14.91 -15.25
CA LEU E 114 -3.88 15.49 -15.71
C LEU E 114 -3.31 14.71 -16.90
N ASN E 115 -3.80 13.51 -17.16
CA ASN E 115 -3.28 12.63 -18.23
C ASN E 115 -4.11 12.81 -19.49
N PRO E 116 -3.55 13.20 -20.65
CA PRO E 116 -4.37 13.39 -21.85
C PRO E 116 -4.90 12.06 -22.43
N LYS E 117 -4.44 10.92 -21.92
CA LYS E 117 -5.08 9.61 -22.21
C LYS E 117 -6.57 9.64 -21.78
N CYS E 118 -6.92 10.38 -20.73
CA CYS E 118 -8.32 10.49 -20.24
C CYS E 118 -9.06 11.44 -21.18
N ARG E 119 -9.33 11.01 -22.40
CA ARG E 119 -9.95 11.82 -23.47
C ARG E 119 -11.42 12.04 -23.14
N ASP E 120 -12.05 11.06 -22.51
CA ASP E 120 -13.42 11.21 -21.94
C ASP E 120 -13.29 11.75 -20.50
N VAL E 121 -13.57 13.04 -20.34
CA VAL E 121 -13.30 13.73 -19.05
C VAL E 121 -14.26 13.24 -17.96
N PHE E 122 -15.33 12.53 -18.32
CA PHE E 122 -16.30 11.98 -17.33
C PHE E 122 -15.86 10.60 -16.82
N GLU E 123 -14.87 9.97 -17.44
CA GLU E 123 -14.53 8.56 -17.16
C GLU E 123 -13.91 8.42 -15.76
N PRO E 124 -12.97 9.28 -15.32
CA PRO E 124 -12.41 9.11 -13.97
C PRO E 124 -13.48 9.12 -12.86
N ALA E 125 -14.46 10.01 -12.95
CA ALA E 125 -15.53 10.13 -11.94
C ALA E 125 -16.31 8.81 -11.94
N ARG E 126 -16.58 8.20 -13.11
CA ARG E 126 -17.38 6.96 -13.21
C ARG E 126 -16.67 5.79 -12.52
N ALA E 127 -15.34 5.78 -12.46
CA ALA E 127 -14.58 4.66 -11.89
C ALA E 127 -14.51 4.76 -10.37
N GLN E 128 -14.84 5.91 -9.79
CA GLN E 128 -14.70 6.09 -8.31
C GLN E 128 -15.58 5.09 -7.54
N PHE E 129 -15.11 4.64 -6.38
CA PHE E 129 -15.90 3.83 -5.43
C PHE E 129 -16.46 2.61 -6.16
N ASN E 130 -15.54 1.82 -6.73
CA ASN E 130 -15.87 0.53 -7.37
C ASN E 130 -16.85 0.78 -8.53
N GLY E 131 -16.71 1.91 -9.24
CA GLY E 131 -17.55 2.20 -10.41
C GLY E 131 -18.91 2.76 -10.06
N LYS E 132 -19.20 3.11 -8.82
CA LYS E 132 -20.54 3.64 -8.43
C LYS E 132 -20.54 5.17 -8.44
N GLY E 133 -19.38 5.81 -8.34
CA GLY E 133 -19.28 7.27 -8.29
C GLY E 133 -19.47 7.81 -6.87
N SER E 134 -19.02 9.03 -6.65
CA SER E 134 -19.08 9.70 -5.33
C SER E 134 -20.45 10.29 -5.10
N TYR E 135 -21.00 10.13 -3.90
CA TYR E 135 -22.24 10.82 -3.46
C TYR E 135 -21.85 11.97 -2.52
N GLY E 136 -20.57 12.36 -2.47
CA GLY E 136 -20.15 13.50 -1.66
C GLY E 136 -20.76 14.81 -2.11
N ASN E 137 -20.68 15.85 -1.26
CA ASN E 137 -21.25 17.18 -1.52
C ASN E 137 -20.29 18.06 -2.36
N GLY E 138 -19.16 17.55 -2.84
CA GLY E 138 -18.22 18.34 -3.64
C GLY E 138 -18.77 18.84 -4.96
N GLY E 139 -19.68 18.12 -5.60
CA GLY E 139 -20.31 18.61 -6.82
C GLY E 139 -21.19 19.82 -6.54
N ALA E 140 -21.88 19.78 -5.40
CA ALA E 140 -22.84 20.82 -4.99
C ALA E 140 -22.11 22.04 -4.41
N MET E 141 -20.94 21.86 -3.75
CA MET E 141 -20.31 22.95 -2.99
C MET E 141 -19.88 24.07 -3.96
N ARG E 142 -19.68 23.74 -5.23
CA ARG E 142 -19.01 24.62 -6.22
C ARG E 142 -19.97 25.08 -7.32
N VAL E 143 -21.24 24.67 -7.28
CA VAL E 143 -22.12 24.69 -8.50
C VAL E 143 -22.78 26.06 -8.73
N ALA E 144 -22.78 26.97 -7.77
CA ALA E 144 -23.62 28.19 -7.79
C ALA E 144 -23.39 28.98 -9.09
N GLY E 145 -22.14 29.04 -9.57
CA GLY E 145 -21.80 29.77 -10.80
C GLY E 145 -22.66 29.35 -12.00
N ILE E 146 -23.09 28.09 -12.06
CA ILE E 146 -23.95 27.58 -13.16
C ILE E 146 -25.23 28.40 -13.20
N SER E 147 -25.81 28.69 -12.03
CA SER E 147 -27.12 29.39 -11.96
C SER E 147 -26.94 30.88 -12.22
N LEU E 148 -25.72 31.39 -12.16
CA LEU E 148 -25.43 32.80 -12.53
C LEU E 148 -25.24 32.88 -14.06
N ALA E 149 -24.75 31.82 -14.70
CA ALA E 149 -24.42 31.83 -16.14
C ALA E 149 -25.68 31.50 -16.94
N TYR E 150 -26.55 30.60 -16.46
CA TYR E 150 -27.69 30.07 -17.23
C TYR E 150 -28.99 30.54 -16.59
N SER E 151 -29.84 31.26 -17.31
CA SER E 151 -31.12 31.76 -16.74
C SER E 151 -32.24 30.72 -16.87
N SER E 152 -32.19 29.83 -17.86
CA SER E 152 -33.28 28.82 -18.04
C SER E 152 -33.12 27.66 -17.04
N VAL E 153 -34.21 27.24 -16.41
CA VAL E 153 -34.20 26.15 -15.40
C VAL E 153 -33.74 24.84 -16.06
N GLN E 154 -34.05 24.63 -17.34
CA GLN E 154 -33.62 23.41 -18.07
C GLN E 154 -32.09 23.40 -18.20
N ASP E 155 -31.50 24.53 -18.57
CA ASP E 155 -30.02 24.67 -18.69
C ASP E 155 -29.36 24.54 -17.30
N VAL E 156 -29.95 25.14 -16.25
CA VAL E 156 -29.43 25.05 -14.87
C VAL E 156 -29.31 23.57 -14.48
N GLN E 157 -30.36 22.77 -14.71
CA GLN E 157 -30.36 21.32 -14.37
C GLN E 157 -29.30 20.59 -15.22
N LYS E 158 -29.30 20.84 -16.53
CA LYS E 158 -28.39 20.14 -17.46
C LYS E 158 -26.92 20.42 -17.10
N PHE E 159 -26.56 21.68 -16.88
CA PHE E 159 -25.14 22.05 -16.69
C PHE E 159 -24.72 21.89 -15.22
N ALA E 160 -25.64 21.98 -14.27
CA ALA E 160 -25.33 21.58 -12.89
C ALA E 160 -24.99 20.08 -12.90
N ARG E 161 -25.76 19.26 -13.60
CA ARG E 161 -25.53 17.80 -13.65
C ARG E 161 -24.15 17.54 -14.27
N LEU E 162 -23.87 18.13 -15.43
CA LEU E 162 -22.62 17.85 -16.16
C LEU E 162 -21.42 18.37 -15.37
N SER E 163 -21.49 19.56 -14.77
CA SER E 163 -20.37 20.11 -13.96
C SER E 163 -20.13 19.15 -12.78
N ALA E 164 -21.18 18.64 -12.14
CA ALA E 164 -21.03 17.71 -10.99
C ALA E 164 -20.40 16.38 -11.44
N GLN E 165 -20.80 15.87 -12.62
CA GLN E 165 -20.37 14.54 -13.11
C GLN E 165 -18.87 14.52 -13.45
N LEU E 166 -18.23 15.65 -13.57
CA LEU E 166 -16.74 15.71 -13.71
C LEU E 166 -16.05 15.05 -12.51
N THR E 167 -16.68 15.05 -11.33
CA THR E 167 -16.11 14.43 -10.11
C THR E 167 -17.07 13.44 -9.46
N HIS E 168 -18.38 13.61 -9.65
CA HIS E 168 -19.45 12.93 -8.86
C HIS E 168 -20.38 12.22 -9.82
N ALA E 169 -20.13 10.93 -10.10
CA ALA E 169 -20.86 10.12 -11.09
C ALA E 169 -22.08 9.45 -10.46
N SER E 170 -22.18 9.42 -9.14
CA SER E 170 -23.37 8.85 -8.46
C SER E 170 -24.51 9.86 -8.58
N SER E 171 -25.70 9.39 -8.93
CA SER E 171 -26.90 10.26 -8.94
C SER E 171 -27.10 10.90 -7.56
N LEU E 172 -26.70 10.25 -6.46
CA LEU E 172 -26.88 10.86 -5.11
C LEU E 172 -25.95 12.07 -5.02
N GLY E 173 -24.82 12.09 -5.74
CA GLY E 173 -23.91 13.24 -5.80
C GLY E 173 -24.39 14.30 -6.79
N TYR E 174 -24.69 13.93 -8.04
CA TYR E 174 -25.03 14.95 -9.05
C TYR E 174 -26.44 15.50 -8.81
N ASN E 175 -27.37 14.74 -8.25
CA ASN E 175 -28.74 15.28 -8.00
C ASN E 175 -28.65 16.29 -6.84
N GLY E 176 -27.73 16.12 -5.91
CA GLY E 176 -27.47 17.16 -4.88
C GLY E 176 -26.97 18.45 -5.50
N ALA E 177 -26.07 18.36 -6.49
CA ALA E 177 -25.57 19.54 -7.20
C ALA E 177 -26.73 20.20 -7.95
N ILE E 178 -27.59 19.42 -8.60
CA ILE E 178 -28.74 20.00 -9.33
C ILE E 178 -29.63 20.74 -8.32
N LEU E 179 -29.93 20.12 -7.18
CA LEU E 179 -30.82 20.74 -6.17
C LEU E 179 -30.24 22.08 -5.71
N GLN E 180 -28.95 22.13 -5.44
CA GLN E 180 -28.26 23.37 -4.96
C GLN E 180 -28.31 24.41 -6.07
N ALA E 181 -28.02 24.03 -7.33
CA ALA E 181 -28.08 24.97 -8.49
C ALA E 181 -29.52 25.49 -8.63
N LEU E 182 -30.52 24.63 -8.44
CA LEU E 182 -31.93 25.07 -8.56
C LEU E 182 -32.27 26.03 -7.41
N ALA E 183 -31.75 25.81 -6.20
CA ALA E 183 -32.05 26.70 -5.05
C ALA E 183 -31.46 28.08 -5.33
N VAL E 184 -30.25 28.15 -5.85
CA VAL E 184 -29.63 29.45 -6.22
C VAL E 184 -30.46 30.11 -7.34
N HIS E 185 -30.83 29.34 -8.36
CA HIS E 185 -31.68 29.82 -9.48
C HIS E 185 -32.94 30.45 -8.94
N LEU E 186 -33.64 29.78 -8.02
CA LEU E 186 -34.92 30.33 -7.47
C LEU E 186 -34.63 31.58 -6.61
N ALA E 187 -33.54 31.56 -5.82
CA ALA E 187 -33.18 32.69 -4.93
C ALA E 187 -33.00 33.97 -5.78
N LEU E 188 -32.44 33.84 -6.97
CA LEU E 188 -32.19 34.98 -7.91
C LEU E 188 -33.49 35.63 -8.34
N GLN E 189 -34.62 34.92 -8.30
CA GLN E 189 -35.94 35.47 -8.72
C GLN E 189 -36.52 36.33 -7.60
N GLY E 190 -35.90 36.38 -6.44
CA GLY E 190 -36.29 37.28 -5.35
C GLY E 190 -37.48 36.77 -4.55
N GLU E 191 -38.23 37.68 -3.95
CA GLU E 191 -39.11 37.37 -2.79
C GLU E 191 -40.07 36.24 -3.11
N SER E 192 -40.15 35.26 -2.22
CA SER E 192 -40.99 34.05 -2.34
C SER E 192 -41.38 33.59 -0.95
N SER E 193 -42.55 32.97 -0.82
CA SER E 193 -42.88 32.13 0.36
C SER E 193 -41.92 30.93 0.35
N SER E 194 -41.57 30.43 1.52
CA SER E 194 -40.84 29.15 1.66
C SER E 194 -41.67 28.04 1.00
N GLU E 195 -43.01 28.04 1.12
CA GLU E 195 -43.86 26.98 0.53
C GLU E 195 -43.70 26.98 -1.00
N HIS E 196 -43.76 28.14 -1.65
CA HIS E 196 -43.63 28.25 -3.14
C HIS E 196 -42.22 27.78 -3.57
N PHE E 197 -41.19 28.19 -2.83
CA PHE E 197 -39.78 27.86 -3.09
C PHE E 197 -39.63 26.33 -3.05
N LEU E 198 -40.06 25.73 -1.96
CA LEU E 198 -39.96 24.27 -1.73
C LEU E 198 -40.76 23.49 -2.77
N LYS E 199 -41.98 23.92 -3.10
CA LYS E 199 -42.81 23.17 -4.07
C LYS E 199 -42.14 23.18 -5.43
N GLN E 200 -41.57 24.31 -5.83
CA GLN E 200 -40.83 24.39 -7.09
C GLN E 200 -39.69 23.37 -7.08
N LEU E 201 -38.86 23.36 -6.04
CA LEU E 201 -37.72 22.42 -5.94
C LEU E 201 -38.26 20.99 -5.96
N LEU E 202 -39.34 20.71 -5.22
CA LEU E 202 -39.87 19.33 -5.09
C LEU E 202 -40.35 18.86 -6.46
N GLY E 203 -41.00 19.74 -7.22
CA GLY E 203 -41.49 19.41 -8.58
C GLY E 203 -40.35 18.91 -9.46
N HIS E 204 -39.22 19.63 -9.46
CA HIS E 204 -38.01 19.25 -10.25
C HIS E 204 -37.44 17.94 -9.74
N MET E 205 -37.28 17.81 -8.40
CA MET E 205 -36.57 16.62 -7.86
C MET E 205 -37.43 15.35 -8.05
N GLU E 206 -38.76 15.45 -7.94
CA GLU E 206 -39.65 14.26 -8.13
CA GLU E 206 -39.64 14.26 -8.13
C GLU E 206 -39.46 13.76 -9.56
N ASP E 207 -39.34 14.69 -10.52
CA ASP E 207 -39.08 14.33 -11.94
CA ASP E 207 -39.09 14.34 -11.95
C ASP E 207 -37.73 13.61 -12.06
N LEU E 208 -36.67 14.22 -11.54
CA LEU E 208 -35.28 13.71 -11.72
C LEU E 208 -35.12 12.38 -11.01
N GLU E 209 -35.71 12.19 -9.84
CA GLU E 209 -35.38 11.01 -9.01
C GLU E 209 -36.21 9.79 -9.44
N GLY E 210 -37.14 9.92 -10.42
CA GLY E 210 -37.87 8.76 -11.00
C GLY E 210 -37.02 7.80 -11.83
N ASP E 211 -35.87 8.23 -12.32
CA ASP E 211 -35.00 7.44 -13.23
C ASP E 211 -34.45 6.18 -12.53
N ALA E 212 -34.26 5.09 -13.29
CA ALA E 212 -33.70 3.80 -12.81
C ALA E 212 -32.36 4.00 -12.09
N GLN E 213 -31.44 4.80 -12.63
CA GLN E 213 -30.11 5.07 -11.99
C GLN E 213 -30.33 5.70 -10.60
N SER E 214 -31.26 6.67 -10.48
CA SER E 214 -31.56 7.35 -9.19
C SER E 214 -32.15 6.30 -8.22
N VAL E 215 -33.11 5.50 -8.67
CA VAL E 215 -33.77 4.48 -7.81
C VAL E 215 -32.72 3.48 -7.31
N LEU E 216 -31.85 2.99 -8.20
CA LEU E 216 -30.78 2.00 -7.89
C LEU E 216 -29.83 2.60 -6.87
N ASP E 217 -29.30 3.80 -7.12
CA ASP E 217 -28.30 4.42 -6.22
C ASP E 217 -28.94 4.56 -4.83
N ALA E 218 -30.20 5.02 -4.74
CA ALA E 218 -30.89 5.24 -3.44
C ALA E 218 -31.00 3.89 -2.69
N ARG E 219 -31.45 2.84 -3.37
CA ARG E 219 -31.70 1.52 -2.72
C ARG E 219 -30.37 0.89 -2.29
N GLU E 220 -29.27 1.04 -3.03
CA GLU E 220 -27.95 0.47 -2.65
C GLU E 220 -27.42 1.13 -1.37
N LEU E 221 -27.97 2.27 -0.94
CA LEU E 221 -27.60 2.91 0.35
C LEU E 221 -28.73 2.75 1.37
N GLY E 222 -29.69 1.87 1.11
CA GLY E 222 -30.82 1.60 2.02
C GLY E 222 -31.64 2.84 2.29
N MET E 223 -31.82 3.70 1.28
CA MET E 223 -32.61 4.95 1.39
C MET E 223 -33.97 4.69 0.75
N GLU E 224 -34.98 5.44 1.15
CA GLU E 224 -36.25 5.60 0.39
C GLU E 224 -35.88 5.97 -1.06
N GLU E 225 -36.74 5.61 -2.02
CA GLU E 225 -36.66 6.14 -3.40
C GLU E 225 -36.95 7.64 -3.31
N ARG E 226 -36.35 8.42 -4.20
CA ARG E 226 -36.51 9.89 -4.22
C ARG E 226 -36.05 10.46 -2.88
N PRO E 227 -34.78 10.25 -2.48
CA PRO E 227 -34.26 10.79 -1.24
C PRO E 227 -34.26 12.33 -1.17
N TYR E 228 -33.98 13.05 -2.26
CA TYR E 228 -34.01 14.53 -2.19
C TYR E 228 -35.47 15.01 -2.03
N SER E 229 -36.39 14.43 -2.78
CA SER E 229 -37.84 14.72 -2.70
C SER E 229 -38.34 14.54 -1.24
N SER E 230 -38.01 13.40 -0.64
CA SER E 230 -38.37 13.09 0.76
CA SER E 230 -38.36 13.07 0.76
C SER E 230 -37.78 14.14 1.70
N ARG E 231 -36.51 14.51 1.51
CA ARG E 231 -35.87 15.48 2.43
CA ARG E 231 -35.87 15.48 2.43
C ARG E 231 -36.49 16.87 2.20
N LEU E 232 -36.87 17.22 0.97
CA LEU E 232 -37.53 18.53 0.72
C LEU E 232 -38.88 18.56 1.46
N LYS E 233 -39.60 17.44 1.47
CA LYS E 233 -40.88 17.35 2.26
C LYS E 233 -40.58 17.49 3.75
N LYS E 234 -39.48 16.91 4.24
CA LYS E 234 -39.08 17.01 5.67
C LYS E 234 -38.73 18.46 5.99
N ILE E 235 -38.11 19.18 5.05
CA ILE E 235 -37.78 20.62 5.27
C ILE E 235 -39.10 21.37 5.54
N GLY E 236 -40.10 21.15 4.70
CA GLY E 236 -41.43 21.74 4.84
C GLY E 236 -42.06 21.46 6.19
N GLU E 237 -41.98 20.21 6.67
CA GLU E 237 -42.50 19.81 7.99
C GLU E 237 -41.72 20.53 9.09
N LEU E 238 -40.38 20.63 8.95
CA LEU E 238 -39.55 21.32 9.97
C LEU E 238 -39.93 22.79 10.06
N LEU E 239 -40.06 23.45 8.90
CA LEU E 239 -40.38 24.89 8.81
C LEU E 239 -41.80 25.13 9.35
N ASP E 240 -42.70 24.15 9.27
CA ASP E 240 -44.10 24.32 9.72
C ASP E 240 -44.14 24.33 11.25
N GLN E 241 -43.11 23.80 11.95
CA GLN E 241 -43.06 23.74 13.42
C GLN E 241 -42.64 25.11 13.98
N ALA E 242 -43.18 25.48 15.13
CA ALA E 242 -42.93 26.78 15.79
C ALA E 242 -41.44 26.85 16.14
N SER E 243 -40.91 25.77 16.72
CA SER E 243 -39.47 25.72 17.02
C SER E 243 -38.99 24.28 16.88
N VAL E 244 -37.76 24.16 16.41
CA VAL E 244 -37.09 22.86 16.21
C VAL E 244 -35.68 23.04 16.75
N THR E 245 -35.18 22.05 17.46
CA THR E 245 -33.82 22.09 18.02
C THR E 245 -32.83 21.74 16.89
N ARG E 246 -31.58 22.14 17.08
N ARG E 246 -31.58 22.15 17.06
CA ARG E 246 -30.46 21.79 16.15
CA ARG E 246 -30.46 21.79 16.15
C ARG E 246 -30.36 20.26 16.03
C ARG E 246 -30.36 20.26 16.03
N GLU E 247 -30.55 19.57 17.15
CA GLU E 247 -30.51 18.09 17.22
C GLU E 247 -31.58 17.55 16.27
N GLU E 248 -32.80 18.06 16.31
CA GLU E 248 -33.88 17.56 15.43
C GLU E 248 -33.51 17.86 13.97
N VAL E 249 -32.98 19.05 13.67
CA VAL E 249 -32.64 19.40 12.26
C VAL E 249 -31.62 18.40 11.74
N VAL E 250 -30.57 18.17 12.52
CA VAL E 250 -29.43 17.32 12.09
C VAL E 250 -29.90 15.86 12.01
N SER E 251 -30.74 15.43 12.93
CA SER E 251 -31.31 14.06 12.96
CA SER E 251 -31.30 14.05 12.95
C SER E 251 -32.10 13.81 11.67
N GLU E 252 -32.91 14.79 11.27
CA GLU E 252 -33.80 14.64 10.09
C GLU E 252 -33.04 14.86 8.78
N LEU E 253 -32.14 15.83 8.71
CA LEU E 253 -31.59 16.28 7.38
C LEU E 253 -30.12 15.88 7.27
N GLY E 254 -29.38 15.83 8.37
CA GLY E 254 -27.93 15.57 8.35
C GLY E 254 -27.12 16.85 8.40
N ASN E 255 -25.81 16.68 8.61
CA ASN E 255 -24.84 17.80 8.57
C ASN E 255 -23.50 17.25 8.10
N GLY E 256 -23.52 16.37 7.12
CA GLY E 256 -22.36 15.53 6.77
C GLY E 256 -21.77 15.80 5.40
N ILE E 257 -20.81 14.97 5.01
CA ILE E 257 -20.05 15.11 3.75
C ILE E 257 -20.84 14.55 2.55
N ALA E 258 -21.91 13.79 2.77
CA ALA E 258 -22.79 13.32 1.67
C ALA E 258 -23.69 14.45 1.19
N ALA E 259 -23.89 14.53 -0.11
CA ALA E 259 -24.72 15.58 -0.74
C ALA E 259 -26.12 15.54 -0.13
N PHE E 260 -26.62 14.36 0.16
CA PHE E 260 -28.02 14.20 0.61
C PHE E 260 -28.13 14.55 2.08
N GLU E 261 -27.02 14.73 2.80
CA GLU E 261 -27.02 15.12 4.24
C GLU E 261 -26.44 16.53 4.42
N SER E 262 -26.40 17.33 3.36
CA SER E 262 -25.83 18.69 3.43
C SER E 262 -26.61 19.67 2.55
N VAL E 263 -26.96 19.30 1.31
CA VAL E 263 -27.67 20.25 0.42
C VAL E 263 -29.06 20.56 0.99
N PRO E 264 -29.90 19.58 1.40
CA PRO E 264 -31.20 19.93 2.00
C PRO E 264 -31.02 20.77 3.28
N THR E 265 -30.00 20.46 4.08
CA THR E 265 -29.68 21.20 5.31
C THR E 265 -29.42 22.67 4.99
N ALA E 266 -28.58 22.95 3.98
CA ALA E 266 -28.29 24.32 3.54
C ALA E 266 -29.60 25.04 3.14
N ILE E 267 -30.46 24.36 2.40
CA ILE E 267 -31.75 24.97 1.95
C ILE E 267 -32.63 25.26 3.16
N TYR E 268 -32.69 24.33 4.12
CA TYR E 268 -33.43 24.54 5.39
C TYR E 268 -32.91 25.80 6.09
N CYS E 269 -31.60 25.95 6.20
CA CYS E 269 -30.98 27.11 6.92
C CYS E 269 -31.41 28.40 6.21
N PHE E 270 -31.38 28.41 4.89
CA PHE E 270 -31.77 29.61 4.11
C PHE E 270 -33.25 29.95 4.40
N LEU E 271 -34.15 28.96 4.30
CA LEU E 271 -35.59 29.22 4.47
C LEU E 271 -35.88 29.59 5.95
N ARG E 272 -35.30 28.88 6.90
CA ARG E 272 -35.58 29.12 8.34
C ARG E 272 -35.16 30.55 8.72
N CYS E 273 -33.99 30.99 8.25
CA CYS E 273 -33.35 32.23 8.75
C CYS E 273 -33.92 33.46 8.06
N MET E 274 -34.91 33.32 7.18
CA MET E 274 -35.70 34.49 6.70
CA MET E 274 -35.70 34.49 6.72
C MET E 274 -36.39 35.14 7.93
N GLU E 275 -36.66 34.36 8.99
CA GLU E 275 -37.29 34.86 10.24
C GLU E 275 -36.23 35.11 11.30
N PRO E 276 -36.43 36.08 12.20
CA PRO E 276 -35.51 36.27 13.33
C PRO E 276 -35.57 35.06 14.28
N ASP E 277 -34.46 34.86 15.00
CA ASP E 277 -34.20 33.70 15.90
C ASP E 277 -33.90 34.32 17.27
N PRO E 278 -34.70 34.00 18.32
CA PRO E 278 -34.45 34.55 19.66
C PRO E 278 -33.01 34.28 20.16
N GLU E 279 -32.36 33.22 19.67
CA GLU E 279 -30.98 32.84 20.10
C GLU E 279 -29.88 33.56 19.29
N ILE E 280 -30.20 34.30 18.23
CA ILE E 280 -29.19 35.06 17.43
C ILE E 280 -29.51 36.56 17.55
N PRO E 281 -28.58 37.39 18.07
CA PRO E 281 -28.84 38.82 18.25
C PRO E 281 -29.44 39.48 17.01
N SER E 282 -30.39 40.39 17.23
CA SER E 282 -31.18 41.04 16.16
C SER E 282 -30.28 42.03 15.41
N ALA E 283 -29.11 42.35 15.94
CA ALA E 283 -28.13 43.21 15.25
C ALA E 283 -27.65 42.53 13.95
N PHE E 284 -27.71 41.19 13.86
CA PHE E 284 -27.27 40.46 12.64
C PHE E 284 -28.36 40.57 11.57
N ASN E 285 -28.00 40.81 10.30
CA ASN E 285 -28.97 40.80 9.18
C ASN E 285 -29.27 39.34 8.80
N SER E 286 -30.19 39.13 7.86
CA SER E 286 -30.68 37.79 7.48
C SER E 286 -29.54 36.93 6.91
N LEU E 287 -28.63 37.52 6.13
CA LEU E 287 -27.49 36.75 5.53
CA LEU E 287 -27.50 36.74 5.53
C LEU E 287 -26.59 36.28 6.67
N GLN E 288 -26.25 37.18 7.59
CA GLN E 288 -25.36 36.84 8.72
C GLN E 288 -26.03 35.74 9.57
N ARG E 289 -27.34 35.87 9.81
CA ARG E 289 -28.10 34.91 10.63
C ARG E 289 -28.05 33.55 9.95
N THR E 290 -28.24 33.51 8.65
CA THR E 290 -28.21 32.25 7.86
C THR E 290 -26.85 31.58 8.07
N LEU E 291 -25.75 32.32 7.94
CA LEU E 291 -24.38 31.76 8.08
C LEU E 291 -24.18 31.26 9.52
N ILE E 292 -24.54 32.09 10.52
CA ILE E 292 -24.31 31.74 11.94
C ILE E 292 -25.08 30.46 12.26
N TYR E 293 -26.35 30.40 11.87
CA TYR E 293 -27.23 29.26 12.17
C TYR E 293 -26.64 28.00 11.48
N SER E 294 -26.31 28.08 10.19
CA SER E 294 -25.80 26.89 9.47
C SER E 294 -24.55 26.37 10.21
N ILE E 295 -23.64 27.26 10.61
CA ILE E 295 -22.40 26.84 11.31
C ILE E 295 -22.76 26.24 12.67
N SER E 296 -23.81 26.73 13.34
CA SER E 296 -24.21 26.21 14.68
C SER E 296 -24.67 24.75 14.56
N LEU E 297 -25.01 24.24 13.35
CA LEU E 297 -25.44 22.82 13.22
C LEU E 297 -24.23 21.90 13.31
N GLY E 298 -22.99 22.41 13.18
CA GLY E 298 -21.80 21.57 13.24
C GLY E 298 -21.70 20.64 12.01
N GLY E 299 -20.82 19.64 12.09
CA GLY E 299 -20.49 18.72 11.00
C GLY E 299 -19.68 19.41 9.93
N ASP E 300 -20.07 19.23 8.67
CA ASP E 300 -19.27 19.69 7.51
C ASP E 300 -19.61 21.17 7.25
N THR E 301 -19.19 22.03 8.19
CA THR E 301 -19.68 23.43 8.30
C THR E 301 -19.19 24.27 7.12
N ASP E 302 -17.98 24.02 6.62
CA ASP E 302 -17.47 24.73 5.42
C ASP E 302 -18.49 24.59 4.28
N THR E 303 -18.94 23.36 4.03
CA THR E 303 -19.73 23.08 2.81
C THR E 303 -21.19 23.43 3.03
N ILE E 304 -21.73 23.16 4.21
CA ILE E 304 -23.14 23.56 4.49
C ILE E 304 -23.24 25.08 4.45
N ALA E 305 -22.31 25.80 5.07
CA ALA E 305 -22.35 27.28 5.11
C ALA E 305 -22.05 27.85 3.72
N THR E 306 -21.15 27.27 2.93
CA THR E 306 -20.88 27.81 1.56
C THR E 306 -22.15 27.71 0.72
N MET E 307 -22.91 26.62 0.85
CA MET E 307 -24.12 26.43 0.04
C MET E 307 -25.25 27.30 0.57
N ALA E 308 -25.43 27.38 1.90
CA ALA E 308 -26.47 28.28 2.46
C ALA E 308 -26.11 29.71 2.08
N GLY E 309 -24.83 30.06 2.11
CA GLY E 309 -24.34 31.42 1.81
C GLY E 309 -24.58 31.79 0.35
N ALA E 310 -24.39 30.85 -0.58
CA ALA E 310 -24.63 31.10 -2.02
C ALA E 310 -26.10 31.42 -2.22
N ILE E 311 -26.97 30.66 -1.58
CA ILE E 311 -28.44 30.83 -1.78
C ILE E 311 -28.82 32.18 -1.16
N ALA E 312 -28.42 32.41 0.08
CA ALA E 312 -28.76 33.65 0.84
C ALA E 312 -28.20 34.89 0.12
N GLY E 313 -26.97 34.79 -0.38
CA GLY E 313 -26.34 35.88 -1.14
C GLY E 313 -27.10 36.23 -2.41
N ALA E 314 -27.53 35.24 -3.17
CA ALA E 314 -28.33 35.40 -4.40
C ALA E 314 -29.67 36.08 -4.06
N TYR E 315 -30.21 35.76 -2.90
CA TYR E 315 -31.55 36.23 -2.45
C TYR E 315 -31.47 37.64 -1.87
N TYR E 316 -30.56 37.90 -0.92
CA TYR E 316 -30.49 39.19 -0.18
C TYR E 316 -29.61 40.20 -0.93
N GLY E 317 -28.65 39.72 -1.72
CA GLY E 317 -27.74 40.60 -2.46
C GLY E 317 -26.63 41.17 -1.61
N MET E 318 -25.80 41.95 -2.29
CA MET E 318 -24.54 42.50 -1.77
C MET E 318 -24.80 43.46 -0.61
N ASP E 319 -25.99 44.06 -0.52
CA ASP E 319 -26.34 44.98 0.59
C ASP E 319 -26.22 44.28 1.94
N GLN E 320 -26.41 42.97 2.01
CA GLN E 320 -26.39 42.24 3.32
C GLN E 320 -25.02 41.62 3.57
N VAL E 321 -24.08 41.76 2.65
CA VAL E 321 -22.70 41.26 2.87
C VAL E 321 -21.97 42.30 3.71
N PRO E 322 -21.65 42.02 4.99
CA PRO E 322 -20.96 43.00 5.81
C PRO E 322 -19.51 43.14 5.33
N GLU E 323 -19.05 44.39 5.17
CA GLU E 323 -17.67 44.67 4.71
C GLU E 323 -16.66 44.04 5.66
N SER E 324 -16.87 44.12 6.97
CA SER E 324 -15.88 43.60 7.96
C SER E 324 -15.75 42.08 7.79
N TRP E 325 -16.83 41.38 7.46
CA TRP E 325 -16.79 39.91 7.24
C TRP E 325 -16.09 39.62 5.91
N GLN E 326 -16.58 40.25 4.84
CA GLN E 326 -16.05 40.02 3.47
C GLN E 326 -14.55 40.27 3.46
N GLN E 327 -14.08 41.37 4.07
CA GLN E 327 -12.65 41.79 4.00
C GLN E 327 -11.78 40.87 4.85
N SER E 328 -12.34 40.05 5.71
CA SER E 328 -11.59 39.02 6.47
C SER E 328 -11.31 37.78 5.62
N CYS E 329 -11.90 37.65 4.43
CA CYS E 329 -11.85 36.39 3.61
C CYS E 329 -10.74 36.46 2.55
N GLU E 330 -9.88 35.46 2.53
CA GLU E 330 -8.89 35.26 1.44
C GLU E 330 -9.60 35.34 0.09
N GLY E 331 -9.12 36.21 -0.79
CA GLY E 331 -9.59 36.28 -2.19
C GLY E 331 -10.88 37.03 -2.36
N TYR E 332 -11.35 37.81 -1.39
CA TYR E 332 -12.68 38.46 -1.52
C TYR E 332 -12.69 39.42 -2.73
N GLU E 333 -11.53 40.03 -3.06
CA GLU E 333 -11.45 41.02 -4.15
C GLU E 333 -11.65 40.27 -5.47
N GLU E 334 -10.98 39.14 -5.63
CA GLU E 334 -11.05 38.33 -6.86
C GLU E 334 -12.47 37.78 -7.03
N THR E 335 -13.11 37.34 -5.94
CA THR E 335 -14.51 36.85 -5.96
C THR E 335 -15.44 37.94 -6.52
N ASP E 336 -15.30 39.17 -6.05
CA ASP E 336 -16.14 40.30 -6.50
C ASP E 336 -15.91 40.58 -7.99
N ILE E 337 -14.65 40.56 -8.43
CA ILE E 337 -14.26 40.76 -9.86
C ILE E 337 -14.92 39.66 -10.71
N LEU E 338 -14.88 38.41 -10.23
CA LEU E 338 -15.47 37.28 -10.99
C LEU E 338 -17.00 37.45 -11.07
N ALA E 339 -17.64 37.91 -10.00
CA ALA E 339 -19.11 38.12 -9.97
C ALA E 339 -19.49 39.19 -11.01
N GLN E 340 -18.74 40.29 -11.04
CA GLN E 340 -18.96 41.40 -12.01
C GLN E 340 -18.81 40.85 -13.45
N SER E 341 -17.75 40.07 -13.70
CA SER E 341 -17.49 39.49 -15.04
C SER E 341 -18.61 38.55 -15.45
N LEU E 342 -19.04 37.66 -14.56
CA LEU E 342 -20.18 36.75 -14.87
C LEU E 342 -21.39 37.59 -15.26
N HIS E 343 -21.67 38.64 -14.48
CA HIS E 343 -22.83 39.53 -14.76
C HIS E 343 -22.70 40.15 -16.17
N ARG E 344 -21.51 40.61 -16.54
CA ARG E 344 -21.27 41.26 -17.86
CA ARG E 344 -21.30 41.26 -17.85
C ARG E 344 -21.43 40.21 -18.97
N VAL E 345 -20.84 39.03 -18.81
CA VAL E 345 -20.84 38.02 -19.89
C VAL E 345 -22.25 37.42 -20.07
N PHE E 346 -22.97 37.15 -18.99
CA PHE E 346 -24.16 36.25 -19.07
C PHE E 346 -25.46 36.99 -18.79
N GLN E 347 -25.41 38.14 -18.13
CA GLN E 347 -26.65 38.85 -17.71
C GLN E 347 -26.90 39.96 -18.72
N LYS E 348 -26.01 40.96 -18.77
CA LYS E 348 -25.83 41.87 -19.93
C LYS E 348 -25.22 41.07 -21.09
C N7P F 1 -17.07 12.12 8.92
O N7P F 1 -17.83 12.47 7.94
CA N7P F 1 -16.01 11.08 8.86
N N7P F 1 -16.16 10.27 7.66
C1 N7P F 1 -17.17 9.43 7.56
O1 N7P F 1 -18.06 9.42 8.39
C2 N7P F 1 -17.18 8.55 6.35
CD N7P F 1 -15.16 10.51 6.67
CG N7P F 1 -14.15 11.40 7.34
CB N7P F 1 -14.68 11.80 8.67
N ALA F 2 -17.51 12.98 10.07
CA ALA F 2 -18.48 14.02 10.30
C ALA F 2 -18.19 15.20 9.34
N LYS F 3 -16.93 15.40 8.90
CA LYS F 3 -16.56 16.61 8.11
C LYS F 3 -15.26 16.39 7.32
N SER F 4 -14.98 17.30 6.38
CA SER F 4 -13.67 17.42 5.68
C SER F 4 -13.18 18.85 5.97
N ALA F 5 -11.94 18.91 6.46
CA ALA F 5 -11.19 20.15 6.80
C ALA F 5 -9.75 20.00 6.29
N PRO F 6 -9.06 21.11 5.94
CA PRO F 6 -7.62 21.05 5.59
C PRO F 6 -6.81 20.53 6.79
N ALA F 7 -5.86 19.60 6.55
CA ALA F 7 -4.88 19.09 7.55
C ALA F 7 -3.89 20.20 7.92
N SER G 4 -14.07 -14.38 32.67
CA SER G 4 -13.96 -15.87 32.75
C SER G 4 -15.29 -16.61 33.03
N SER G 5 -16.26 -16.05 33.76
CA SER G 5 -17.50 -16.79 34.05
C SER G 5 -18.34 -16.92 32.74
N LEU G 6 -19.11 -17.99 32.68
CA LEU G 6 -20.14 -18.19 31.63
C LEU G 6 -21.10 -16.98 31.65
N SER G 7 -21.43 -16.43 32.82
CA SER G 7 -22.31 -15.26 32.93
C SER G 7 -21.73 -14.08 32.11
N ARG G 8 -20.42 -13.89 32.15
CA ARG G 8 -19.74 -12.77 31.42
C ARG G 8 -19.77 -13.06 29.91
N PHE G 9 -19.57 -14.29 29.50
CA PHE G 9 -19.62 -14.66 28.07
C PHE G 9 -21.03 -14.40 27.54
N ARG G 10 -22.05 -14.88 28.25
CA ARG G 10 -23.48 -14.74 27.85
C ARG G 10 -23.84 -13.26 27.86
N GLY G 11 -23.44 -12.53 28.90
CA GLY G 11 -23.77 -11.11 29.04
C GLY G 11 -23.14 -10.33 27.90
N CYS G 12 -21.88 -10.63 27.56
CA CYS G 12 -21.17 -9.97 26.45
C CYS G 12 -21.96 -10.13 25.15
N LEU G 13 -22.28 -11.36 24.74
CA LEU G 13 -22.95 -11.53 23.43
C LEU G 13 -24.39 -11.04 23.49
N ALA G 14 -25.09 -11.20 24.61
CA ALA G 14 -26.48 -10.71 24.74
C ALA G 14 -26.47 -9.17 24.71
N GLY G 15 -25.53 -8.55 25.41
CA GLY G 15 -25.37 -7.07 25.41
C GLY G 15 -25.14 -6.55 24.00
N ALA G 16 -24.29 -7.22 23.21
CA ALA G 16 -24.06 -6.83 21.80
C ALA G 16 -25.35 -7.00 21.00
N LEU G 17 -26.07 -8.10 21.19
CA LEU G 17 -27.33 -8.37 20.46
C LEU G 17 -28.33 -7.26 20.81
N LEU G 18 -28.48 -6.94 22.08
CA LEU G 18 -29.41 -5.85 22.52
C LEU G 18 -29.03 -4.53 21.84
N GLY G 19 -27.75 -4.18 21.86
CA GLY G 19 -27.30 -2.91 21.26
C GLY G 19 -27.66 -2.84 19.79
N ASP G 20 -27.41 -3.91 19.05
CA ASP G 20 -27.76 -3.98 17.61
C ASP G 20 -29.29 -3.85 17.47
N CYS G 21 -30.05 -4.73 18.11
CA CYS G 21 -31.53 -4.84 17.90
C CYS G 21 -32.20 -3.54 18.37
N VAL G 22 -31.86 -3.07 19.55
CA VAL G 22 -32.52 -1.87 20.15
C VAL G 22 -31.96 -0.64 19.45
N GLY G 23 -30.65 -0.56 19.20
CA GLY G 23 -30.05 0.56 18.47
C GLY G 23 -30.62 0.71 17.07
N SER G 24 -30.83 -0.40 16.35
CA SER G 24 -31.35 -0.41 14.96
C SER G 24 -32.78 0.10 14.97
N PHE G 25 -33.56 -0.30 15.97
CA PHE G 25 -34.95 0.19 16.10
C PHE G 25 -34.95 1.74 16.06
N TYR G 26 -34.10 2.40 16.83
CA TYR G 26 -34.04 3.89 16.87
C TYR G 26 -33.46 4.47 15.58
N ALA G 27 -32.42 3.85 15.02
CA ALA G 27 -31.82 4.28 13.73
C ALA G 27 -32.85 4.27 12.58
N ALA G 28 -33.88 3.40 12.64
CA ALA G 28 -34.90 3.23 11.57
C ALA G 28 -35.88 4.43 11.57
N HIS G 29 -35.80 5.29 12.58
CA HIS G 29 -36.56 6.55 12.73
C HIS G 29 -35.53 7.70 12.71
N ASP G 30 -35.67 8.65 11.79
CA ASP G 30 -34.65 9.72 11.56
C ASP G 30 -34.86 10.80 12.64
N THR G 31 -35.28 10.39 13.84
CA THR G 31 -35.21 11.17 15.10
C THR G 31 -34.86 10.21 16.25
N VAL G 32 -34.13 10.73 17.24
CA VAL G 32 -33.88 10.06 18.55
C VAL G 32 -33.40 11.13 19.55
N ASP G 33 -34.04 11.22 20.70
CA ASP G 33 -33.49 11.92 21.90
C ASP G 33 -33.76 11.01 23.11
N LEU G 34 -33.22 11.39 24.26
CA LEU G 34 -33.35 10.58 25.50
C LEU G 34 -34.85 10.32 25.80
N THR G 35 -35.70 11.34 25.70
CA THR G 35 -37.16 11.25 26.00
C THR G 35 -37.82 10.20 25.09
N SER G 36 -37.51 10.22 23.79
CA SER G 36 -38.12 9.29 22.80
C SER G 36 -37.63 7.86 23.10
N VAL G 37 -36.34 7.71 23.46
CA VAL G 37 -35.73 6.39 23.82
C VAL G 37 -36.44 5.84 25.07
N LEU G 38 -36.52 6.63 26.14
CA LEU G 38 -37.17 6.23 27.42
C LEU G 38 -38.65 5.88 27.18
N ARG G 39 -39.30 6.56 26.23
CA ARG G 39 -40.73 6.29 25.86
C ARG G 39 -40.84 4.89 25.21
N HIS G 40 -40.02 4.57 24.21
CA HIS G 40 -40.16 3.33 23.40
C HIS G 40 -39.58 2.10 24.09
N VAL G 41 -38.80 2.24 25.17
CA VAL G 41 -38.20 1.07 25.88
C VAL G 41 -39.25 0.42 26.81
N GLN G 42 -40.48 0.95 26.88
CA GLN G 42 -41.66 0.30 27.53
C GLN G 42 -42.00 -1.01 26.80
N SER G 43 -41.86 -1.02 25.46
CA SER G 43 -42.11 -2.17 24.54
C SER G 43 -41.31 -3.40 24.97
N LEU G 44 -40.10 -3.19 25.48
CA LEU G 44 -39.16 -4.27 25.90
C LEU G 44 -39.60 -4.84 27.26
N GLU G 45 -40.29 -4.04 28.10
CA GLU G 45 -40.90 -4.48 29.39
C GLU G 45 -42.27 -5.12 29.10
N GLU G 57 -43.91 -8.44 17.99
CA GLU G 57 -42.90 -9.06 17.10
C GLU G 57 -41.46 -8.79 17.64
N ALA G 58 -40.54 -9.69 17.31
CA ALA G 58 -39.11 -9.56 17.67
C ALA G 58 -38.53 -8.31 17.00
N LEU G 59 -37.56 -7.68 17.65
CA LEU G 59 -36.58 -6.77 17.02
C LEU G 59 -35.60 -7.56 16.14
N TYR G 60 -35.50 -7.19 14.87
CA TYR G 60 -34.51 -7.78 13.93
CA TYR G 60 -34.51 -7.71 13.88
C TYR G 60 -33.10 -7.29 14.26
N TYR G 61 -32.12 -8.18 14.11
CA TYR G 61 -30.69 -7.80 14.18
C TYR G 61 -30.24 -7.35 12.80
N THR G 62 -29.04 -6.78 12.71
CA THR G 62 -28.54 -6.21 11.43
C THR G 62 -27.23 -6.92 11.10
N ASP G 63 -26.45 -6.34 10.20
CA ASP G 63 -25.13 -6.85 9.81
C ASP G 63 -24.21 -6.99 11.01
N ASP G 64 -24.37 -6.15 12.04
CA ASP G 64 -23.51 -6.19 13.25
C ASP G 64 -23.57 -7.62 13.82
N THR G 65 -24.76 -8.12 14.07
CA THR G 65 -24.99 -9.44 14.66
C THR G 65 -24.71 -10.51 13.60
N ALA G 66 -25.13 -10.32 12.36
CA ALA G 66 -24.92 -11.36 11.31
C ALA G 66 -23.42 -11.67 11.25
N MET G 67 -22.57 -10.64 11.28
CA MET G 67 -21.12 -10.83 11.15
C MET G 67 -20.53 -11.33 12.48
N ALA G 68 -21.02 -10.87 13.62
CA ALA G 68 -20.55 -11.35 14.93
C ALA G 68 -20.84 -12.86 15.01
N ARG G 69 -22.00 -13.29 14.52
CA ARG G 69 -22.37 -14.72 14.55
C ARG G 69 -21.40 -15.52 13.68
N ALA G 70 -21.13 -15.06 12.46
CA ALA G 70 -20.20 -15.73 11.52
C ALA G 70 -18.81 -15.80 12.16
N LEU G 71 -18.36 -14.73 12.83
CA LEU G 71 -17.02 -14.71 13.45
C LEU G 71 -16.96 -15.80 14.55
N VAL G 72 -17.96 -15.83 15.40
CA VAL G 72 -18.02 -16.78 16.54
C VAL G 72 -18.17 -18.20 16.00
N GLN G 73 -19.01 -18.42 14.99
CA GLN G 73 -19.21 -19.76 14.38
C GLN G 73 -17.89 -20.24 13.77
N SER G 74 -17.11 -19.35 13.18
CA SER G 74 -15.79 -19.72 12.62
C SER G 74 -14.84 -20.14 13.73
N LEU G 75 -14.75 -19.35 14.80
CA LEU G 75 -13.87 -19.67 15.94
C LEU G 75 -14.25 -21.05 16.51
N LEU G 76 -15.54 -21.34 16.62
CA LEU G 76 -16.03 -22.63 17.18
C LEU G 76 -15.73 -23.77 16.22
N ALA G 77 -15.97 -23.59 14.92
CA ALA G 77 -15.75 -24.64 13.90
C ALA G 77 -14.27 -25.06 13.87
N LYS G 78 -13.32 -24.14 13.98
CA LYS G 78 -11.88 -24.43 13.81
C LYS G 78 -11.17 -24.42 15.16
N GLU G 79 -11.86 -24.07 16.24
CA GLU G 79 -11.31 -23.96 17.61
C GLU G 79 -10.09 -23.06 17.59
N ALA G 80 -10.12 -22.03 16.74
CA ALA G 80 -9.02 -21.09 16.48
C ALA G 80 -9.47 -20.11 15.40
N PHE G 81 -8.77 -19.00 15.29
CA PHE G 81 -8.86 -18.09 14.13
C PHE G 81 -8.35 -18.81 12.88
N ASP G 82 -9.19 -18.85 11.87
CA ASP G 82 -8.85 -19.38 10.53
C ASP G 82 -9.37 -18.37 9.51
N GLU G 83 -8.48 -17.61 8.87
CA GLU G 83 -8.87 -16.48 7.99
C GLU G 83 -9.71 -16.98 6.81
N VAL G 84 -9.41 -18.16 6.28
CA VAL G 84 -10.16 -18.69 5.11
C VAL G 84 -11.56 -19.09 5.56
N ASP G 85 -11.69 -19.82 6.67
CA ASP G 85 -13.00 -20.26 7.20
C ASP G 85 -13.85 -19.02 7.49
N MET G 86 -13.27 -18.03 8.14
CA MET G 86 -14.01 -16.83 8.57
C MET G 86 -14.39 -16.00 7.35
N ALA G 87 -13.50 -15.83 6.39
CA ALA G 87 -13.81 -15.11 5.11
C ALA G 87 -14.99 -15.79 4.44
N HIS G 88 -14.98 -17.12 4.37
CA HIS G 88 -16.05 -17.89 3.68
C HIS G 88 -17.37 -17.70 4.43
N ARG G 89 -17.33 -17.73 5.75
CA ARG G 89 -18.57 -17.58 6.56
C ARG G 89 -19.13 -16.16 6.41
N PHE G 90 -18.28 -15.13 6.39
CA PHE G 90 -18.74 -13.73 6.14
C PHE G 90 -19.42 -13.66 4.77
N ALA G 91 -18.77 -14.18 3.73
CA ALA G 91 -19.26 -14.09 2.33
C ALA G 91 -20.58 -14.88 2.22
N GLN G 92 -20.65 -16.06 2.82
CA GLN G 92 -21.88 -16.91 2.75
C GLN G 92 -23.01 -16.23 3.52
N GLU G 93 -22.72 -15.59 4.64
CA GLU G 93 -23.79 -14.92 5.43
C GLU G 93 -24.34 -13.76 4.58
N TYR G 94 -23.45 -13.00 3.97
CA TYR G 94 -23.85 -11.88 3.08
C TYR G 94 -24.76 -12.41 1.96
N LYS G 95 -24.33 -13.47 1.28
CA LYS G 95 -25.10 -14.07 0.16
C LYS G 95 -26.49 -14.49 0.64
N LYS G 96 -26.58 -15.07 1.84
CA LYS G 96 -27.82 -15.61 2.41
C LYS G 96 -28.77 -14.46 2.74
N ASP G 97 -28.25 -13.33 3.23
CA ASP G 97 -29.13 -12.19 3.56
C ASP G 97 -28.38 -10.89 3.35
N PRO G 98 -28.38 -10.37 2.11
CA PRO G 98 -27.64 -9.17 1.79
C PRO G 98 -28.31 -7.87 2.25
N ASP G 99 -29.50 -7.94 2.83
CA ASP G 99 -30.33 -6.77 3.15
C ASP G 99 -30.25 -6.42 4.64
N ARG G 100 -29.33 -7.01 5.40
CA ARG G 100 -29.24 -6.80 6.87
C ARG G 100 -28.79 -5.39 7.23
N GLY G 101 -28.16 -4.61 6.33
CA GLY G 101 -27.77 -3.21 6.60
C GLY G 101 -26.25 -2.95 6.52
N TYR G 102 -25.56 -3.72 5.71
CA TYR G 102 -24.09 -3.67 5.50
C TYR G 102 -23.70 -2.31 4.94
N GLY G 103 -22.53 -1.82 5.31
CA GLY G 103 -21.88 -0.68 4.67
C GLY G 103 -21.78 -0.88 3.18
N ALA G 104 -21.97 0.18 2.40
CA ALA G 104 -21.98 0.09 0.93
C ALA G 104 -20.58 -0.33 0.46
N GLY G 105 -19.53 0.02 1.19
CA GLY G 105 -18.16 -0.33 0.79
C GLY G 105 -17.84 -1.80 0.96
N VAL G 106 -18.11 -2.37 2.13
CA VAL G 106 -17.70 -3.76 2.50
C VAL G 106 -18.38 -4.77 1.56
N VAL G 107 -19.52 -4.44 0.95
CA VAL G 107 -20.16 -5.42 0.04
CA VAL G 107 -20.22 -5.29 -0.06
C VAL G 107 -19.19 -5.79 -1.10
N THR G 108 -18.33 -4.89 -1.55
CA THR G 108 -17.30 -5.20 -2.56
C THR G 108 -16.41 -6.37 -2.09
N VAL G 109 -16.00 -6.37 -0.83
CA VAL G 109 -15.17 -7.47 -0.26
C VAL G 109 -15.95 -8.79 -0.34
N PHE G 110 -17.23 -8.82 0.04
CA PHE G 110 -18.02 -10.07 0.04
C PHE G 110 -18.18 -10.56 -1.40
N LYS G 111 -18.40 -9.65 -2.35
CA LYS G 111 -18.63 -10.05 -3.77
C LYS G 111 -17.34 -10.62 -4.34
N LYS G 112 -16.18 -10.11 -3.96
CA LYS G 112 -14.89 -10.72 -4.40
C LYS G 112 -14.75 -12.11 -3.76
N LEU G 113 -15.03 -12.24 -2.47
CA LEU G 113 -14.84 -13.53 -1.76
C LEU G 113 -15.85 -14.56 -2.29
N LEU G 114 -16.99 -14.13 -2.82
CA LEU G 114 -18.02 -15.05 -3.38
C LEU G 114 -17.60 -15.52 -4.76
N ASN G 115 -16.86 -14.72 -5.50
CA ASN G 115 -16.63 -15.05 -6.92
C ASN G 115 -15.57 -16.16 -6.97
N PRO G 116 -15.55 -16.95 -8.06
CA PRO G 116 -14.72 -18.16 -8.09
C PRO G 116 -13.22 -17.86 -8.23
N LYS G 117 -12.82 -16.59 -8.43
CA LYS G 117 -11.41 -16.20 -8.68
C LYS G 117 -10.47 -16.73 -7.59
N CYS G 118 -9.33 -17.21 -8.04
CA CYS G 118 -8.19 -17.64 -7.18
C CYS G 118 -7.54 -16.41 -6.54
N ARG G 119 -7.49 -16.27 -5.21
CA ARG G 119 -6.98 -15.05 -4.54
C ARG G 119 -6.57 -15.32 -3.09
N ASP G 120 -5.75 -14.44 -2.53
CA ASP G 120 -5.48 -14.30 -1.08
C ASP G 120 -6.74 -13.71 -0.44
N VAL G 121 -7.37 -14.36 0.53
CA VAL G 121 -8.63 -13.86 1.15
C VAL G 121 -8.44 -12.47 1.79
N PHE G 122 -7.22 -12.02 2.10
CA PHE G 122 -6.95 -10.67 2.63
C PHE G 122 -6.87 -9.60 1.54
N GLU G 123 -6.78 -9.99 0.27
CA GLU G 123 -6.50 -9.03 -0.81
C GLU G 123 -7.71 -8.14 -1.06
N PRO G 124 -8.97 -8.61 -1.13
CA PRO G 124 -10.09 -7.71 -1.36
C PRO G 124 -10.15 -6.55 -0.34
N ALA G 125 -9.93 -6.82 0.93
CA ALA G 125 -9.93 -5.72 1.95
C ALA G 125 -8.80 -4.73 1.63
N ARG G 126 -7.61 -5.20 1.21
CA ARG G 126 -6.45 -4.32 0.94
C ARG G 126 -6.73 -3.42 -0.27
N ALA G 127 -7.55 -3.88 -1.22
CA ALA G 127 -7.83 -3.16 -2.46
C ALA G 127 -8.89 -2.06 -2.23
N GLN G 128 -9.64 -2.13 -1.12
CA GLN G 128 -10.72 -1.14 -0.84
C GLN G 128 -10.21 0.30 -0.88
N PHE G 129 -11.04 1.21 -1.40
CA PHE G 129 -10.80 2.67 -1.32
C PHE G 129 -9.42 2.98 -1.92
N ASN G 130 -9.23 2.54 -3.16
CA ASN G 130 -8.00 2.84 -3.93
C ASN G 130 -6.78 2.26 -3.20
N GLY G 131 -6.93 1.10 -2.55
CA GLY G 131 -5.81 0.42 -1.88
C GLY G 131 -5.52 0.96 -0.49
N LYS G 132 -6.31 1.87 0.07
CA LYS G 132 -6.04 2.43 1.42
C LYS G 132 -6.76 1.64 2.52
N GLY G 133 -7.75 0.80 2.15
CA GLY G 133 -8.48 -0.01 3.14
C GLY G 133 -9.61 0.79 3.77
N SER G 134 -10.62 0.11 4.33
CA SER G 134 -11.76 0.76 5.00
C SER G 134 -11.38 1.13 6.43
N TYR G 135 -11.76 2.32 6.87
CA TYR G 135 -11.64 2.77 8.28
C TYR G 135 -13.03 2.73 8.92
N GLY G 136 -14.01 2.07 8.29
CA GLY G 136 -15.34 1.89 8.88
C GLY G 136 -15.31 1.09 10.19
N ASN G 137 -16.37 1.15 10.98
CA ASN G 137 -16.51 0.48 12.29
C ASN G 137 -16.96 -0.99 12.11
N GLY G 138 -17.08 -1.51 10.89
CA GLY G 138 -17.53 -2.92 10.68
C GLY G 138 -16.55 -3.94 11.25
N GLY G 139 -15.25 -3.67 11.27
CA GLY G 139 -14.32 -4.64 11.88
C GLY G 139 -14.51 -4.71 13.39
N ALA G 140 -14.84 -3.56 14.00
CA ALA G 140 -15.02 -3.46 15.47
C ALA G 140 -16.41 -3.96 15.89
N MET G 141 -17.44 -3.83 15.04
CA MET G 141 -18.83 -4.09 15.49
C MET G 141 -18.99 -5.57 15.83
N ARG G 142 -18.13 -6.43 15.27
CA ARG G 142 -18.31 -7.89 15.30
C ARG G 142 -17.23 -8.59 16.14
N VAL G 143 -16.29 -7.86 16.72
CA VAL G 143 -14.99 -8.42 17.19
C VAL G 143 -15.08 -9.08 18.58
N ALA G 144 -16.13 -8.86 19.36
CA ALA G 144 -16.18 -9.22 20.79
C ALA G 144 -15.83 -10.71 21.00
N GLY G 145 -16.28 -11.56 20.09
CA GLY G 145 -16.01 -13.01 20.16
C GLY G 145 -14.54 -13.33 20.29
N ILE G 146 -13.68 -12.52 19.68
CA ILE G 146 -12.20 -12.73 19.77
C ILE G 146 -11.77 -12.71 21.24
N SER G 147 -12.32 -11.80 22.03
CA SER G 147 -11.89 -11.64 23.43
C SER G 147 -12.50 -12.73 24.31
N LEU G 148 -13.50 -13.44 23.82
CA LEU G 148 -14.06 -14.61 24.52
C LEU G 148 -13.22 -15.86 24.18
N ALA G 149 -12.62 -15.92 23.01
CA ALA G 149 -11.87 -17.12 22.54
C ALA G 149 -10.43 -17.06 23.04
N TYR G 150 -9.83 -15.87 23.10
CA TYR G 150 -8.38 -15.69 23.39
C TYR G 150 -8.25 -14.95 24.72
N SER G 151 -7.57 -15.54 25.71
CA SER G 151 -7.47 -14.94 27.05
C SER G 151 -6.25 -14.01 27.12
N SER G 152 -5.22 -14.26 26.32
CA SER G 152 -3.97 -13.48 26.35
C SER G 152 -4.17 -12.16 25.59
N VAL G 153 -3.73 -11.04 26.18
CA VAL G 153 -3.88 -9.69 25.56
C VAL G 153 -3.12 -9.65 24.23
N GLN G 154 -2.01 -10.38 24.09
CA GLN G 154 -1.23 -10.45 22.82
C GLN G 154 -2.08 -11.13 21.74
N ASP G 155 -2.74 -12.23 22.06
CA ASP G 155 -3.63 -12.96 21.11
C ASP G 155 -4.86 -12.11 20.78
N VAL G 156 -5.44 -11.42 21.75
CA VAL G 156 -6.61 -10.53 21.53
C VAL G 156 -6.23 -9.49 20.47
N GLN G 157 -5.08 -8.83 20.61
CA GLN G 157 -4.61 -7.81 19.62
C GLN G 157 -4.37 -8.48 18.26
N LYS G 158 -3.65 -9.59 18.24
CA LYS G 158 -3.29 -10.28 17.00
C LYS G 158 -4.54 -10.70 16.21
N PHE G 159 -5.49 -11.35 16.85
CA PHE G 159 -6.64 -11.97 16.16
C PHE G 159 -7.77 -10.94 15.99
N ALA G 160 -7.86 -9.90 16.83
CA ALA G 160 -8.77 -8.76 16.53
C ALA G 160 -8.28 -8.11 15.24
N ARG G 161 -6.98 -7.91 15.11
CA ARG G 161 -6.39 -7.28 13.90
C ARG G 161 -6.72 -8.16 12.69
N LEU G 162 -6.40 -9.46 12.72
CA LEU G 162 -6.56 -10.34 11.55
C LEU G 162 -8.03 -10.48 11.18
N SER G 163 -8.93 -10.64 12.16
CA SER G 163 -10.38 -10.78 11.87
C SER G 163 -10.85 -9.49 11.21
N ALA G 164 -10.41 -8.33 11.69
CA ALA G 164 -10.80 -7.01 11.12
C ALA G 164 -10.28 -6.90 9.69
N GLN G 165 -9.04 -7.33 9.43
CA GLN G 165 -8.36 -7.15 8.14
C GLN G 165 -9.07 -7.95 7.04
N LEU G 166 -9.94 -8.91 7.36
CA LEU G 166 -10.75 -9.57 6.30
C LEU G 166 -11.61 -8.57 5.56
N THR G 167 -11.98 -7.45 6.20
CA THR G 167 -12.83 -6.41 5.54
C THR G 167 -12.20 -5.03 5.64
N HIS G 168 -11.34 -4.77 6.63
CA HIS G 168 -10.90 -3.43 7.05
C HIS G 168 -9.37 -3.41 7.10
N ALA G 169 -8.71 -3.07 5.98
CA ALA G 169 -7.23 -3.17 5.86
C ALA G 169 -6.56 -1.86 6.33
N SER G 170 -7.33 -0.78 6.51
CA SER G 170 -6.80 0.49 7.05
C SER G 170 -6.55 0.29 8.54
N SER G 171 -5.39 0.71 9.02
CA SER G 171 -5.09 0.72 10.46
C SER G 171 -6.15 1.54 11.20
N LEU G 172 -6.75 2.57 10.59
CA LEU G 172 -7.82 3.32 11.30
CA LEU G 172 -7.85 3.34 11.26
C LEU G 172 -9.03 2.41 11.52
N GLY G 173 -9.24 1.42 10.66
CA GLY G 173 -10.30 0.40 10.80
C GLY G 173 -9.89 -0.70 11.78
N TYR G 174 -8.72 -1.33 11.57
CA TYR G 174 -8.35 -2.50 12.39
C TYR G 174 -7.93 -2.05 13.79
N ASN G 175 -7.37 -0.85 13.99
CA ASN G 175 -6.99 -0.42 15.35
C ASN G 175 -8.25 -0.11 16.16
N GLY G 176 -9.34 0.30 15.52
CA GLY G 176 -10.63 0.43 16.20
C GLY G 176 -11.13 -0.94 16.65
N ALA G 177 -10.98 -1.98 15.84
CA ALA G 177 -11.37 -3.36 16.20
C ALA G 177 -10.51 -3.84 17.36
N ILE G 178 -9.22 -3.56 17.33
CA ILE G 178 -8.32 -3.96 18.43
C ILE G 178 -8.78 -3.24 19.70
N LEU G 179 -9.06 -1.95 19.63
CA LEU G 179 -9.45 -1.16 20.83
C LEU G 179 -10.71 -1.77 21.44
N GLN G 180 -11.70 -2.09 20.60
CA GLN G 180 -12.98 -2.70 21.05
C GLN G 180 -12.71 -4.07 21.67
N ALA G 181 -11.87 -4.91 21.04
CA ALA G 181 -11.52 -6.24 21.56
C ALA G 181 -10.78 -6.09 22.92
N LEU G 182 -9.95 -5.08 23.04
CA LEU G 182 -9.22 -4.84 24.31
C LEU G 182 -10.20 -4.38 25.39
N ALA G 183 -11.20 -3.57 25.05
CA ALA G 183 -12.18 -3.08 26.04
C ALA G 183 -12.99 -4.28 26.55
N VAL G 184 -13.41 -5.18 25.67
CA VAL G 184 -14.12 -6.41 26.09
C VAL G 184 -13.20 -7.26 26.98
N HIS G 185 -11.96 -7.47 26.55
CA HIS G 185 -10.93 -8.22 27.29
C HIS G 185 -10.82 -7.67 28.72
N LEU G 186 -10.69 -6.37 28.87
CA LEU G 186 -10.55 -5.74 30.21
C LEU G 186 -11.85 -5.88 31.01
N ALA G 187 -13.00 -5.71 30.37
CA ALA G 187 -14.31 -5.79 31.04
C ALA G 187 -14.47 -7.17 31.67
N LEU G 188 -13.99 -8.24 31.00
CA LEU G 188 -14.09 -9.63 31.50
C LEU G 188 -13.31 -9.80 32.82
N GLN G 189 -12.32 -8.95 33.10
CA GLN G 189 -11.51 -9.06 34.36
C GLN G 189 -12.28 -8.46 35.53
N GLY G 190 -13.42 -7.84 35.29
CA GLY G 190 -14.32 -7.37 36.35
C GLY G 190 -13.90 -6.05 36.94
N GLU G 191 -14.27 -5.82 38.20
CA GLU G 191 -14.35 -4.46 38.79
C GLU G 191 -13.02 -3.71 38.62
N SER G 192 -13.15 -2.49 38.11
CA SER G 192 -12.04 -1.56 37.79
C SER G 192 -12.57 -0.13 37.95
N SER G 193 -11.70 0.78 38.38
CA SER G 193 -11.93 2.23 38.21
C SER G 193 -11.97 2.53 36.72
N SER G 194 -12.73 3.53 36.32
CA SER G 194 -12.71 4.05 34.94
C SER G 194 -11.28 4.52 34.61
N GLU G 195 -10.57 5.14 35.57
CA GLU G 195 -9.20 5.65 35.34
C GLU G 195 -8.27 4.49 34.98
N HIS G 196 -8.30 3.39 35.72
CA HIS G 196 -7.41 2.22 35.47
C HIS G 196 -7.75 1.59 34.10
N PHE G 197 -9.04 1.46 33.80
CA PHE G 197 -9.55 0.88 32.54
C PHE G 197 -8.99 1.69 31.36
N LEU G 198 -9.19 3.02 31.42
CA LEU G 198 -8.80 3.95 30.35
C LEU G 198 -7.27 3.97 30.18
N LYS G 199 -6.52 4.00 31.28
CA LYS G 199 -5.04 4.05 31.20
C LYS G 199 -4.51 2.78 30.55
N GLN G 200 -5.07 1.63 30.88
CA GLN G 200 -4.68 0.35 30.25
C GLN G 200 -4.93 0.43 28.75
N LEU G 201 -6.11 0.89 28.31
CA LEU G 201 -6.41 0.99 26.86
C LEU G 201 -5.43 1.98 26.22
N LEU G 202 -5.16 3.12 26.88
CA LEU G 202 -4.27 4.16 26.31
C LEU G 202 -2.86 3.58 26.14
N GLY G 203 -2.39 2.80 27.11
CA GLY G 203 -1.06 2.15 27.07
C GLY G 203 -0.93 1.28 25.83
N HIS G 204 -1.93 0.46 25.53
CA HIS G 204 -1.96 -0.42 24.34
C HIS G 204 -2.01 0.43 23.07
N MET G 205 -2.90 1.43 23.02
CA MET G 205 -3.10 2.18 21.75
C MET G 205 -1.86 3.03 21.46
N GLU G 206 -1.20 3.61 22.46
CA GLU G 206 0.03 4.41 22.22
CA GLU G 206 0.06 4.38 22.28
C GLU G 206 1.09 3.49 21.60
N ASP G 207 1.19 2.26 22.07
CA ASP G 207 2.09 1.24 21.51
C ASP G 207 1.72 0.96 20.04
N LEU G 208 0.46 0.59 19.77
CA LEU G 208 0.00 0.18 18.42
C LEU G 208 0.11 1.34 17.44
N GLU G 209 -0.20 2.56 17.86
CA GLU G 209 -0.27 3.70 16.91
C GLU G 209 1.14 4.24 16.59
N GLY G 210 2.20 3.76 17.27
CA GLY G 210 3.59 4.06 16.94
C GLY G 210 4.10 3.24 15.76
N ASP G 211 3.40 2.16 15.40
CA ASP G 211 3.74 1.30 14.24
C ASP G 211 3.69 2.12 12.93
N ALA G 212 4.63 1.84 12.02
CA ALA G 212 4.77 2.57 10.73
C ALA G 212 3.44 2.58 9.98
N GLN G 213 2.73 1.43 9.91
CA GLN G 213 1.44 1.36 9.15
C GLN G 213 0.43 2.35 9.75
N SER G 214 0.33 2.39 11.08
CA SER G 214 -0.59 3.32 11.79
C SER G 214 -0.18 4.76 11.51
N VAL G 215 1.12 5.08 11.60
CA VAL G 215 1.61 6.48 11.39
C VAL G 215 1.26 6.90 9.97
N LEU G 216 1.53 6.02 8.99
CA LEU G 216 1.30 6.29 7.55
C LEU G 216 -0.17 6.53 7.31
N ASP G 217 -1.03 5.61 7.75
CA ASP G 217 -2.49 5.72 7.49
C ASP G 217 -3.02 7.02 8.11
N ALA G 218 -2.61 7.38 9.32
CA ALA G 218 -3.07 8.61 10.03
C ALA G 218 -2.69 9.85 9.20
N ARG G 219 -1.44 9.91 8.73
CA ARG G 219 -0.92 11.12 8.04
C ARG G 219 -1.59 11.23 6.68
N GLU G 220 -1.83 10.14 5.97
CA GLU G 220 -2.49 10.21 4.63
C GLU G 220 -3.93 10.72 4.73
N LEU G 221 -4.54 10.72 5.93
CA LEU G 221 -5.90 11.27 6.13
C LEU G 221 -5.84 12.61 6.86
N GLY G 222 -4.66 13.20 7.02
CA GLY G 222 -4.49 14.50 7.69
C GLY G 222 -5.02 14.45 9.11
N MET G 223 -4.80 13.34 9.81
CA MET G 223 -5.24 13.13 11.20
C MET G 223 -4.07 13.38 12.11
N GLU G 224 -4.36 13.78 13.35
CA GLU G 224 -3.38 13.86 14.46
C GLU G 224 -2.62 12.54 14.49
N GLU G 225 -1.36 12.55 14.94
CA GLU G 225 -0.63 11.31 15.26
C GLU G 225 -1.43 10.58 16.34
N ARG G 226 -1.55 9.25 16.28
CA ARG G 226 -2.17 8.46 17.38
C ARG G 226 -3.58 8.98 17.63
N PRO G 227 -4.47 8.90 16.62
CA PRO G 227 -5.86 9.35 16.79
C PRO G 227 -6.66 8.59 17.87
N TYR G 228 -6.46 7.28 18.04
CA TYR G 228 -7.20 6.56 19.12
C TYR G 228 -6.69 7.02 20.50
N SER G 229 -5.38 7.12 20.65
CA SER G 229 -4.71 7.58 21.89
C SER G 229 -5.24 8.97 22.29
N SER G 230 -5.29 9.89 21.33
CA SER G 230 -5.83 11.26 21.53
CA SER G 230 -5.83 11.26 21.51
C SER G 230 -7.28 11.18 21.98
N ARG G 231 -8.11 10.34 21.34
CA ARG G 231 -9.54 10.28 21.73
C ARG G 231 -9.66 9.65 23.13
N LEU G 232 -8.79 8.68 23.47
CA LEU G 232 -8.86 8.06 24.82
C LEU G 232 -8.52 9.12 25.89
N LYS G 233 -7.57 10.01 25.60
CA LYS G 233 -7.23 11.13 26.53
C LYS G 233 -8.43 12.07 26.62
N LYS G 234 -9.13 12.34 25.50
CA LYS G 234 -10.33 13.22 25.52
C LYS G 234 -11.42 12.55 26.35
N ILE G 235 -11.56 11.22 26.27
CA ILE G 235 -12.55 10.49 27.13
C ILE G 235 -12.26 10.81 28.59
N GLY G 236 -11.00 10.70 29.01
CA GLY G 236 -10.59 10.98 30.41
C GLY G 236 -10.99 12.39 30.83
N GLU G 237 -10.75 13.38 29.96
CA GLU G 237 -11.14 14.80 30.22
C GLU G 237 -12.66 14.90 30.31
N LEU G 238 -13.39 14.22 29.42
CA LEU G 238 -14.88 14.27 29.45
C LEU G 238 -15.40 13.67 30.76
N LEU G 239 -14.87 12.53 31.18
CA LEU G 239 -15.31 11.83 32.42
C LEU G 239 -14.95 12.68 33.65
N ASP G 240 -13.91 13.49 33.58
CA ASP G 240 -13.47 14.34 34.72
C ASP G 240 -14.44 15.51 34.91
N GLN G 241 -15.23 15.86 33.89
CA GLN G 241 -16.16 17.03 33.95
C GLN G 241 -17.42 16.63 34.71
N ALA G 242 -17.96 17.57 35.49
CA ALA G 242 -19.13 17.33 36.38
C ALA G 242 -20.32 16.93 35.52
N SER G 243 -20.55 17.65 34.43
CA SER G 243 -21.58 17.27 33.43
C SER G 243 -21.08 17.67 32.05
N VAL G 244 -21.50 16.91 31.06
CA VAL G 244 -21.15 17.12 29.63
C VAL G 244 -22.43 16.84 28.87
N THR G 245 -22.76 17.69 27.92
CA THR G 245 -23.96 17.50 27.07
C THR G 245 -23.65 16.44 26.01
N ARG G 246 -24.69 15.85 25.45
N ARG G 246 -24.71 15.83 25.48
CA ARG G 246 -24.60 14.91 24.31
CA ARG G 246 -24.65 14.91 24.32
C ARG G 246 -23.90 15.62 23.14
C ARG G 246 -23.91 15.61 23.17
N GLU G 247 -24.23 16.89 22.92
CA GLU G 247 -23.62 17.71 21.85
C GLU G 247 -22.11 17.73 22.04
N GLU G 248 -21.64 18.01 23.26
CA GLU G 248 -20.18 18.06 23.53
C GLU G 248 -19.58 16.68 23.29
N VAL G 249 -20.23 15.61 23.73
CA VAL G 249 -19.67 14.23 23.58
C VAL G 249 -19.49 13.96 22.09
N VAL G 250 -20.51 14.21 21.29
CA VAL G 250 -20.51 13.90 19.85
C VAL G 250 -19.50 14.80 19.13
N SER G 251 -19.42 16.07 19.53
CA SER G 251 -18.45 17.04 18.97
CA SER G 251 -18.44 17.04 18.97
C SER G 251 -17.01 16.53 19.19
N GLU G 252 -16.72 16.04 20.38
CA GLU G 252 -15.36 15.56 20.73
C GLU G 252 -15.08 14.18 20.15
N LEU G 253 -16.03 13.24 20.21
CA LEU G 253 -15.72 11.80 19.95
C LEU G 253 -16.33 11.34 18.61
N GLY G 254 -17.49 11.87 18.23
CA GLY G 254 -18.24 11.43 17.06
C GLY G 254 -19.32 10.42 17.38
N ASN G 255 -20.15 10.13 16.38
CA ASN G 255 -21.24 9.13 16.47
C ASN G 255 -21.48 8.54 15.09
N GLY G 256 -20.39 8.31 14.34
CA GLY G 256 -20.48 8.01 12.89
C GLY G 256 -20.04 6.61 12.51
N ILE G 257 -19.94 6.38 11.21
CA ILE G 257 -19.66 5.04 10.63
C ILE G 257 -18.15 4.77 10.63
N ALA G 258 -17.29 5.77 10.83
CA ALA G 258 -15.83 5.54 10.98
C ALA G 258 -15.53 4.93 12.36
N ALA G 259 -14.59 3.98 12.41
CA ALA G 259 -14.20 3.30 13.65
C ALA G 259 -13.73 4.36 14.66
N PHE G 260 -13.05 5.40 14.20
CA PHE G 260 -12.45 6.40 15.10
C PHE G 260 -13.51 7.39 15.59
N GLU G 261 -14.73 7.37 15.02
CA GLU G 261 -15.85 8.23 15.47
C GLU G 261 -16.96 7.40 16.10
N SER G 262 -16.66 6.17 16.54
CA SER G 262 -17.68 5.29 17.14
C SER G 262 -17.07 4.42 18.26
N VAL G 263 -15.90 3.82 18.07
CA VAL G 263 -15.35 2.90 19.11
C VAL G 263 -15.04 3.69 20.39
N PRO G 264 -14.32 4.83 20.34
CA PRO G 264 -14.12 5.61 21.57
C PRO G 264 -15.44 6.05 22.19
N THR G 265 -16.42 6.41 21.38
CA THR G 265 -17.75 6.84 21.86
C THR G 265 -18.40 5.71 22.67
N ALA G 266 -18.37 4.47 22.15
CA ALA G 266 -18.91 3.30 22.88
C ALA G 266 -18.20 3.16 24.24
N ILE G 267 -16.88 3.30 24.27
CA ILE G 267 -16.08 3.13 25.52
C ILE G 267 -16.45 4.24 26.51
N TYR G 268 -16.59 5.48 26.03
CA TYR G 268 -17.05 6.61 26.85
C TYR G 268 -18.41 6.26 27.47
N CYS G 269 -19.35 5.73 26.69
CA CYS G 269 -20.71 5.43 27.22
C CYS G 269 -20.58 4.37 28.34
N PHE G 270 -19.76 3.35 28.12
CA PHE G 270 -19.55 2.27 29.11
C PHE G 270 -19.00 2.91 30.41
N LEU G 271 -17.95 3.71 30.31
CA LEU G 271 -17.28 4.29 31.51
C LEU G 271 -18.22 5.30 32.18
N ARG G 272 -18.85 6.19 31.41
CA ARG G 272 -19.75 7.23 31.96
C ARG G 272 -20.89 6.56 32.74
N CYS G 273 -21.51 5.53 32.17
CA CYS G 273 -22.77 4.97 32.70
C CYS G 273 -22.52 3.99 33.87
N MET G 274 -21.28 3.79 34.31
CA MET G 274 -21.02 3.12 35.61
C MET G 274 -21.66 3.96 36.73
N GLU G 275 -21.82 5.28 36.53
CA GLU G 275 -22.47 6.20 37.49
C GLU G 275 -23.93 6.41 37.10
N PRO G 276 -24.84 6.63 38.08
CA PRO G 276 -26.22 7.02 37.77
C PRO G 276 -26.26 8.38 37.07
N ASP G 277 -27.31 8.57 36.27
CA ASP G 277 -27.55 9.78 35.44
C ASP G 277 -28.87 10.38 35.92
N PRO G 278 -28.91 11.64 36.40
CA PRO G 278 -30.15 12.27 36.84
C PRO G 278 -31.27 12.21 35.78
N GLU G 279 -30.91 12.13 34.49
CA GLU G 279 -31.90 12.13 33.37
C GLU G 279 -32.41 10.71 33.05
N ILE G 280 -31.80 9.65 33.60
CA ILE G 280 -32.23 8.24 33.30
C ILE G 280 -32.75 7.62 34.59
N PRO G 281 -34.03 7.18 34.64
CA PRO G 281 -34.60 6.61 35.86
C PRO G 281 -33.68 5.57 36.52
N SER G 282 -33.64 5.60 37.86
CA SER G 282 -32.78 4.72 38.69
C SER G 282 -33.31 3.28 38.60
N ALA G 283 -34.53 3.08 38.10
CA ALA G 283 -35.10 1.74 37.91
C ALA G 283 -34.27 0.95 36.90
N PHE G 284 -33.55 1.62 35.97
CA PHE G 284 -32.72 0.94 34.96
C PHE G 284 -31.40 0.50 35.63
N ASN G 285 -30.91 -0.70 35.35
CA ASN G 285 -29.59 -1.14 35.84
C ASN G 285 -28.51 -0.48 34.96
N SER G 286 -27.25 -0.69 35.32
CA SER G 286 -26.09 -0.06 34.64
C SER G 286 -26.03 -0.48 33.17
N LEU G 287 -26.32 -1.73 32.83
CA LEU G 287 -26.27 -2.21 31.42
CA LEU G 287 -26.25 -2.20 31.42
C LEU G 287 -27.35 -1.48 30.63
N GLN G 288 -28.57 -1.43 31.17
CA GLN G 288 -29.70 -0.77 30.47
C GLN G 288 -29.37 0.71 30.28
N ARG G 289 -28.81 1.34 31.31
CA ARG G 289 -28.46 2.78 31.27
C ARG G 289 -27.45 3.00 30.16
N THR G 290 -26.42 2.14 30.08
CA THR G 290 -25.36 2.23 29.06
C THR G 290 -26.00 2.16 27.67
N LEU G 291 -26.92 1.24 27.44
CA LEU G 291 -27.60 1.11 26.11
C LEU G 291 -28.45 2.35 25.82
N ILE G 292 -29.25 2.79 26.78
CA ILE G 292 -30.16 3.96 26.60
C ILE G 292 -29.30 5.19 26.26
N TYR G 293 -28.26 5.43 27.03
CA TYR G 293 -27.42 6.63 26.86
C TYR G 293 -26.74 6.57 25.48
N SER G 294 -26.13 5.42 25.13
CA SER G 294 -25.40 5.34 23.84
C SER G 294 -26.39 5.64 22.70
N ILE G 295 -27.60 5.09 22.77
CA ILE G 295 -28.61 5.33 21.70
C ILE G 295 -28.99 6.81 21.67
N SER G 296 -29.05 7.47 22.84
CA SER G 296 -29.45 8.90 22.92
C SER G 296 -28.43 9.78 22.17
N LEU G 297 -27.21 9.29 21.89
CA LEU G 297 -26.19 10.11 21.17
C LEU G 297 -26.53 10.19 19.67
N GLY G 298 -27.42 9.33 19.17
CA GLY G 298 -27.81 9.36 17.76
C GLY G 298 -26.68 8.89 16.84
N GLY G 299 -26.82 9.13 15.54
CA GLY G 299 -25.86 8.69 14.52
C GLY G 299 -25.97 7.18 14.29
N ASP G 300 -24.83 6.51 14.23
CA ASP G 300 -24.73 5.07 13.90
C ASP G 300 -25.05 4.25 15.16
N THR G 301 -26.31 4.31 15.62
CA THR G 301 -26.72 3.86 16.97
C THR G 301 -26.65 2.33 17.05
N ASP G 302 -26.94 1.62 15.96
CA ASP G 302 -26.81 0.13 15.97
C ASP G 302 -25.38 -0.26 16.39
N THR G 303 -24.38 0.40 15.82
CA THR G 303 -22.98 -0.03 15.97
C THR G 303 -22.42 0.53 17.27
N ILE G 304 -22.72 1.76 17.61
CA ILE G 304 -22.23 2.31 18.89
C ILE G 304 -22.84 1.51 20.05
N ALA G 305 -24.14 1.21 20.00
CA ALA G 305 -24.81 0.48 21.09
C ALA G 305 -24.36 -1.00 21.12
N THR G 306 -24.12 -1.64 19.96
CA THR G 306 -23.64 -3.04 19.97
C THR G 306 -22.27 -3.10 20.67
N MET G 307 -21.40 -2.13 20.43
CA MET G 307 -20.05 -2.13 21.02
C MET G 307 -20.15 -1.78 22.50
N ALA G 308 -20.92 -0.75 22.86
CA ALA G 308 -21.09 -0.38 24.29
C ALA G 308 -21.71 -1.58 25.03
N GLY G 309 -22.67 -2.28 24.40
CA GLY G 309 -23.37 -3.42 24.97
C GLY G 309 -22.45 -4.62 25.19
N ALA G 310 -21.51 -4.87 24.28
CA ALA G 310 -20.57 -5.99 24.40
C ALA G 310 -19.70 -5.75 25.63
N ILE G 311 -19.21 -4.52 25.78
CA ILE G 311 -18.30 -4.19 26.91
C ILE G 311 -19.12 -4.28 28.20
N ALA G 312 -20.29 -3.62 28.26
CA ALA G 312 -21.14 -3.59 29.46
C ALA G 312 -21.59 -5.01 29.84
N GLY G 313 -21.95 -5.83 28.86
CA GLY G 313 -22.33 -7.23 29.08
C GLY G 313 -21.21 -8.06 29.68
N ALA G 314 -19.99 -7.92 29.18
CA ALA G 314 -18.80 -8.62 29.69
C ALA G 314 -18.51 -8.19 31.13
N TYR G 315 -18.81 -6.94 31.44
CA TYR G 315 -18.47 -6.31 32.75
C TYR G 315 -19.54 -6.64 33.79
N TYR G 316 -20.82 -6.45 33.47
CA TYR G 316 -21.93 -6.63 34.44
C TYR G 316 -22.44 -8.06 34.43
N GLY G 317 -22.25 -8.82 33.36
CA GLY G 317 -22.69 -10.22 33.21
C GLY G 317 -24.17 -10.32 32.98
N MET G 318 -24.63 -11.54 32.83
CA MET G 318 -26.00 -11.92 32.43
C MET G 318 -27.02 -11.45 33.49
N ASP G 319 -26.61 -11.23 34.75
CA ASP G 319 -27.52 -10.74 35.82
C ASP G 319 -28.15 -9.40 35.40
N GLN G 320 -27.47 -8.59 34.60
CA GLN G 320 -27.98 -7.25 34.24
C GLN G 320 -28.64 -7.28 32.87
N VAL G 321 -28.63 -8.40 32.18
CA VAL G 321 -29.40 -8.55 30.92
C VAL G 321 -30.84 -8.85 31.31
N PRO G 322 -31.79 -7.93 31.09
CA PRO G 322 -33.18 -8.21 31.44
C PRO G 322 -33.74 -9.26 30.49
N GLU G 323 -34.44 -10.25 31.04
CA GLU G 323 -35.05 -11.36 30.25
C GLU G 323 -36.00 -10.78 29.21
N SER G 324 -36.83 -9.79 29.58
CA SER G 324 -37.84 -9.25 28.65
C SER G 324 -37.12 -8.55 27.47
N TRP G 325 -35.96 -7.92 27.69
CA TRP G 325 -35.17 -7.27 26.62
C TRP G 325 -34.51 -8.35 25.73
N GLN G 326 -33.82 -9.30 26.34
CA GLN G 326 -33.15 -10.42 25.63
C GLN G 326 -34.17 -11.14 24.73
N GLN G 327 -35.33 -11.48 25.28
CA GLN G 327 -36.38 -12.27 24.59
C GLN G 327 -37.04 -11.46 23.47
N SER G 328 -36.88 -10.15 23.42
CA SER G 328 -37.37 -9.30 22.31
C SER G 328 -36.43 -9.36 21.10
N CYS G 329 -35.25 -9.97 21.20
CA CYS G 329 -34.21 -9.89 20.14
C CYS G 329 -34.23 -11.16 19.28
N GLU G 330 -34.28 -10.97 17.96
CA GLU G 330 -34.17 -12.07 16.98
C GLU G 330 -32.89 -12.85 17.28
N GLY G 331 -33.02 -14.17 17.42
CA GLY G 331 -31.88 -15.09 17.54
C GLY G 331 -31.27 -15.09 18.92
N TYR G 332 -31.95 -14.60 19.97
CA TYR G 332 -31.30 -14.54 21.31
C TYR G 332 -30.96 -15.96 21.77
N GLU G 333 -31.71 -16.98 21.33
CA GLU G 333 -31.51 -18.38 21.76
C GLU G 333 -30.19 -18.85 21.17
N GLU G 334 -29.96 -18.59 19.89
CA GLU G 334 -28.70 -18.98 19.22
C GLU G 334 -27.52 -18.20 19.81
N THR G 335 -27.70 -16.92 20.15
CA THR G 335 -26.63 -16.10 20.78
C THR G 335 -26.20 -16.77 22.09
N ASP G 336 -27.16 -17.18 22.90
CA ASP G 336 -26.87 -17.83 24.21
C ASP G 336 -26.15 -19.16 24.01
N ILE G 337 -26.58 -19.97 23.05
CA ILE G 337 -25.91 -21.26 22.66
CA ILE G 337 -25.91 -21.26 22.69
C ILE G 337 -24.47 -20.94 22.26
N LEU G 338 -24.25 -19.91 21.45
CA LEU G 338 -22.89 -19.59 20.95
C LEU G 338 -22.01 -19.12 22.12
N ALA G 339 -22.54 -18.35 23.06
CA ALA G 339 -21.77 -17.87 24.24
C ALA G 339 -21.34 -19.08 25.09
N GLN G 340 -22.28 -20.01 25.31
CA GLN G 340 -22.00 -21.24 26.08
C GLN G 340 -20.94 -22.06 25.36
N SER G 341 -21.03 -22.22 24.04
CA SER G 341 -20.05 -23.01 23.26
C SER G 341 -18.68 -22.36 23.35
N LEU G 342 -18.58 -21.04 23.18
CA LEU G 342 -17.28 -20.35 23.33
C LEU G 342 -16.70 -20.67 24.71
N HIS G 343 -17.53 -20.57 25.75
CA HIS G 343 -17.09 -20.83 27.15
C HIS G 343 -16.54 -22.28 27.28
N ARG G 344 -17.24 -23.24 26.70
CA ARG G 344 -16.87 -24.68 26.76
C ARG G 344 -15.56 -24.90 25.99
N VAL G 345 -15.46 -24.36 24.77
CA VAL G 345 -14.33 -24.68 23.87
C VAL G 345 -13.08 -23.94 24.37
N PHE G 346 -13.20 -22.70 24.84
CA PHE G 346 -12.00 -21.83 25.01
C PHE G 346 -11.72 -21.54 26.49
N GLN G 347 -12.68 -21.69 27.37
CA GLN G 347 -12.54 -21.25 28.79
C GLN G 347 -12.40 -22.52 29.64
C N7P H 1 -23.33 9.03 7.12
O N7P H 1 -22.43 8.39 7.73
CA N7P H 1 -23.57 9.05 5.66
N N7P H 1 -22.33 8.71 4.98
C1 N7P H 1 -21.30 9.51 5.09
O1 N7P H 1 -21.35 10.55 5.77
C2 N7P H 1 -20.08 9.06 4.38
CD N7P H 1 -22.44 7.49 4.24
CG N7P H 1 -23.87 7.09 4.41
CB N7P H 1 -24.62 8.03 5.28
N ALA H 2 -24.46 9.62 8.01
CA ALA H 2 -24.43 9.68 9.49
C ALA H 2 -24.47 8.25 10.05
N LYS H 3 -25.02 7.30 9.32
CA LYS H 3 -25.33 5.96 9.90
C LYS H 3 -25.53 4.96 8.76
N SER H 4 -25.49 3.68 9.08
CA SER H 4 -25.92 2.56 8.19
C SER H 4 -27.07 1.86 8.92
N ALA H 5 -28.15 1.69 8.17
CA ALA H 5 -29.41 1.02 8.58
C ALA H 5 -30.01 0.28 7.41
N PRO H 6 -30.66 -0.88 7.64
CA PRO H 6 -31.37 -1.59 6.60
C PRO H 6 -32.52 -0.75 6.07
N ALA H 7 -32.91 -0.94 4.80
CA ALA H 7 -34.23 -0.53 4.26
C ALA H 7 -35.32 -1.35 4.97
MG MG I . 21.50 -0.78 -18.88
MG MG J . 22.14 -3.08 -16.17
C1 EDO K . 3.77 10.82 -5.94
O1 EDO K . 2.54 11.44 -5.76
C2 EDO K . 3.59 9.42 -6.31
O2 EDO K . 3.09 8.69 -5.23
C1 EDO L . 22.15 12.68 -21.56
O1 EDO L . 23.10 11.70 -21.92
C2 EDO L . 21.45 12.42 -20.24
O2 EDO L . 22.28 12.27 -19.07
C1 EDO M . 6.92 -6.78 -12.59
O1 EDO M . 6.10 -6.28 -13.63
C2 EDO M . 6.17 -7.71 -11.73
O2 EDO M . 5.10 -7.03 -11.10
C ACT N . -3.66 -2.07 -17.54
O ACT N . -3.74 -1.48 -18.63
OXT ACT N . -3.44 -1.49 -16.45
CH3 ACT N . -3.83 -3.58 -17.50
C ACT O . 7.11 -8.53 -3.88
O ACT O . 7.62 -7.54 -3.30
OXT ACT O . 7.73 -9.25 -4.73
CH3 ACT O . 5.68 -8.90 -3.54
C ACT P . 3.37 1.68 -3.41
O ACT P . 2.27 1.89 -3.97
OXT ACT P . 4.05 0.63 -3.58
CH3 ACT P . 3.90 2.75 -2.46
C ACT Q . 16.54 -7.70 -15.13
O ACT Q . 16.73 -6.77 -14.22
OXT ACT Q . 15.43 -8.08 -15.51
CH3 ACT Q . 17.73 -8.39 -15.82
C ACT R . 25.02 -7.30 -0.30
O ACT R . 25.20 -6.20 0.28
OXT ACT R . 25.40 -7.54 -1.45
CH3 ACT R . 24.29 -8.45 0.42
C ACT S . 11.68 16.03 0.44
O ACT S . 12.28 17.16 0.32
OXT ACT S . 10.62 15.74 -0.16
CH3 ACT S . 12.25 14.97 1.42
N1 AR6 T . 10.21 -7.74 -5.37
C2 AR6 T . 10.97 -8.64 -6.03
N3 AR6 T . 11.91 -8.44 -6.95
C4 AR6 T . 12.05 -7.12 -7.18
C5 AR6 T . 11.34 -6.09 -6.58
C6 AR6 T . 10.36 -6.43 -5.64
N6 AR6 T . 9.61 -5.54 -4.98
N7 AR6 T . 11.78 -4.87 -7.06
C8 AR6 T . 12.72 -5.17 -7.93
N9 AR6 T . 12.92 -6.52 -8.06
PA AR6 T . 13.21 -3.40 -12.46
PB AR6 T . 15.20 -1.35 -13.31
C1' AR6 T . 13.89 -7.20 -8.88
O1A AR6 T . 12.72 -4.51 -13.29
O1B AR6 T . 15.32 -0.99 -11.88
C1D AR6 T . 18.88 -3.53 -16.19
C2' AR6 T . 13.27 -7.90 -10.06
O2' AR6 T . 14.06 -8.99 -10.51
O2A AR6 T . 12.16 -2.44 -11.95
O2B AR6 T . 14.60 -0.37 -14.28
C2D AR6 T . 19.13 -2.01 -16.15
O2D AR6 T . 19.99 -1.50 -17.20
C3' AR6 T . 13.28 -6.73 -11.05
O3' AR6 T . 13.00 -7.13 -12.38
O3A AR6 T . 14.32 -2.70 -13.43
C3D AR6 T . 19.54 -1.89 -14.66
O3D AR6 T . 20.96 -2.11 -14.58
C4' AR6 T . 14.72 -6.25 -10.83
O4' AR6 T . 14.79 -6.24 -9.38
C4D AR6 T . 18.75 -3.00 -13.91
O4D AR6 T . 18.25 -3.88 -14.93
C5' AR6 T . 15.10 -4.89 -11.39
O5' AR6 T . 14.03 -3.91 -11.19
C5D AR6 T . 17.57 -2.60 -13.06
O5D AR6 T . 16.63 -1.80 -13.84
MG MG U . 16.84 -20.31 2.23
MG MG V . 18.60 -18.06 -0.17
MG MG W . 40.57 -29.05 -14.31
C1 EDO X . -14.04 -17.36 0.73
O1 EDO X . -13.84 -16.89 -0.57
C2 EDO X . -12.85 -18.09 1.13
O2 EDO X . -12.66 -19.22 0.34
C1 EDO Y . 39.24 -27.45 -11.63
O1 EDO Y . 39.05 -28.60 -12.48
C2 EDO Y . 39.02 -26.21 -12.37
O2 EDO Y . 37.65 -25.95 -12.74
C1 EDO Z . 14.17 -33.70 4.10
O1 EDO Z . 14.96 -32.79 4.82
C2 EDO Z . 14.05 -33.45 2.63
O2 EDO Z . 15.24 -33.05 1.98
C1 EDO AA . 4.83 -11.81 -7.62
O1 EDO AA . 4.05 -11.31 -8.67
C2 EDO AA . 4.99 -10.79 -6.59
O2 EDO AA . 6.04 -9.93 -6.89
C1 EDO BA . 14.25 -12.52 -2.38
O1 EDO BA . 14.64 -13.69 -3.17
C2 EDO BA . 13.03 -11.80 -2.87
O2 EDO BA . 13.19 -10.61 -3.70
C1 EDO CA . 0.36 -27.81 -15.44
O1 EDO CA . 0.00 -28.36 -16.66
C2 EDO CA . 1.42 -26.81 -15.61
O2 EDO CA . 1.01 -25.59 -16.17
C ACT DA . 2.51 -8.97 -10.14
O ACT DA . 3.45 -8.93 -10.92
OXT ACT DA . 2.34 -8.14 -9.22
CH3 ACT DA . 1.49 -10.09 -10.33
C ACT EA . 8.34 -9.74 -15.35
O ACT EA . 8.95 -9.17 -14.41
OXT ACT EA . 8.61 -10.90 -15.75
CH3 ACT EA . 7.20 -8.97 -16.01
C ACT FA . 46.79 -31.55 3.92
O ACT FA . 45.70 -30.94 4.04
OXT ACT FA . 46.97 -32.57 3.19
CH3 ACT FA . 48.01 -31.02 4.66
C ACT GA . 0.52 -5.83 -20.04
C ACT GA . 0.81 -5.11 -18.65
O ACT GA . 0.31 -4.64 -20.34
O ACT GA . 0.68 -5.91 -17.71
OXT ACT GA . 1.66 -6.29 -19.73
OXT ACT GA . 1.91 -4.72 -19.11
CH3 ACT GA . -0.68 -6.78 -19.99
CH3 ACT GA . -0.46 -4.54 -19.29
C ACT HA . 30.62 -30.96 -22.58
O ACT HA . 30.11 -29.83 -22.64
OXT ACT HA . 30.11 -31.98 -23.11
CH3 ACT HA . 31.96 -31.16 -21.84
C ACT IA . 26.16 -14.90 -14.72
O ACT IA . 25.00 -14.88 -15.18
OXT ACT IA . 26.85 -15.90 -14.71
CH3 ACT IA . 26.77 -13.59 -14.14
C ACT JA . 9.16 -34.78 -19.97
O ACT JA . 8.05 -34.34 -19.49
OXT ACT JA . 9.62 -35.98 -19.79
CH3 ACT JA . 10.01 -33.81 -20.79
C ACT KA . 3.40 -18.61 -17.33
O ACT KA . 4.49 -18.32 -17.87
OXT ACT KA . 2.85 -17.92 -16.45
CH3 ACT KA . 2.71 -19.90 -17.82
N1 AR6 LA . 10.53 -11.00 -13.08
C2 AR6 LA . 11.25 -10.27 -12.21
N3 AR6 LA . 11.96 -10.66 -11.15
C4 AR6 LA . 11.86 -12.00 -10.98
C5 AR6 LA . 11.14 -12.87 -11.76
C6 AR6 LA . 10.46 -12.34 -12.88
N6 AR6 LA . 9.75 -13.09 -13.73
N7 AR6 LA . 11.27 -14.16 -11.28
C8 AR6 LA . 12.03 -14.05 -10.22
N9 AR6 LA . 12.42 -12.75 -9.98
PA AR6 LA . 11.06 -15.95 -5.83
PB AR6 LA . 12.35 -18.40 -4.74
C1' AR6 LA . 13.32 -12.27 -8.91
O1A AR6 LA . 10.56 -14.80 -5.05
O1B AR6 LA . 12.79 -18.82 -6.12
C1D AR6 LA . 15.56 -16.97 -0.86
C2' AR6 LA . 12.56 -11.52 -7.83
O2' AR6 LA . 13.43 -10.57 -7.28
O2A AR6 LA . 10.09 -16.74 -6.65
O2B AR6 LA . 11.36 -19.28 -4.16
C2D AR6 LA . 15.51 -18.51 -0.87
O2D AR6 LA . 15.97 -19.17 0.35
C3' AR6 LA . 12.22 -12.67 -6.89
O3' AR6 LA . 11.79 -12.13 -5.65
O3A AR6 LA . 11.83 -16.91 -4.77
C3D AR6 LA . 16.26 -18.75 -2.25
O3D AR6 LA . 17.68 -18.82 -2.06
C4' AR6 LA . 13.53 -13.40 -6.86
O4' AR6 LA . 13.94 -13.37 -8.26
C4D AR6 LA . 15.88 -17.52 -3.12
O4D AR6 LA . 15.32 -16.53 -2.22
C5' AR6 LA . 13.52 -14.84 -6.36
O5' AR6 LA . 12.28 -15.45 -6.75
C5D AR6 LA . 14.90 -17.73 -4.25
O5D AR6 LA . 13.66 -18.28 -3.79
MG MG MA . -13.63 22.43 2.26
MG MG NA . -15.61 20.04 4.25
C1 EDO OA . -21.93 12.27 -18.13
O1 EDO OA . -21.80 10.85 -18.02
C2 EDO OA . -21.62 12.76 -19.48
O2 EDO OA . -22.45 12.20 -20.45
C1 EDO PA . -16.59 31.90 -6.92
O1 EDO PA . -17.52 31.50 -5.94
C2 EDO PA . -15.23 32.01 -6.38
O2 EDO PA . -15.06 32.90 -5.30
C1 EDO QA . -12.20 2.50 -7.23
O1 EDO QA . -10.93 3.02 -7.71
C2 EDO QA . -12.22 2.04 -5.80
O2 EDO QA . -10.91 1.77 -5.21
C1 EDO RA . 1.85 8.81 -20.66
O1 EDO RA . 1.12 7.62 -20.83
C2 EDO RA . 0.99 9.94 -20.34
O2 EDO RA . -0.11 9.99 -21.23
C1 EDO SA . -12.32 5.30 -4.47
O1 EDO SA . -12.58 5.48 -5.81
C2 EDO SA . -11.79 6.54 -3.89
O2 EDO SA . -10.92 6.18 -2.83
C1 EDO TA . -12.74 11.63 2.94
O1 EDO TA . -13.22 10.36 3.51
C2 EDO TA . -13.11 12.92 3.62
O2 EDO TA . -14.13 13.71 2.95
C1 EDO UA . -27.87 0.48 3.83
O1 EDO UA . -28.66 -0.61 4.26
C2 EDO UA . -26.49 0.53 4.39
O2 EDO UA . -25.51 0.90 3.43
C ACT VA . -12.74 -1.59 -5.55
O ACT VA . -13.38 -0.73 -4.88
OXT ACT VA . -13.25 -2.31 -6.46
CH3 ACT VA . -11.27 -1.74 -5.23
C ACT WA . -38.53 26.32 12.15
O ACT WA . -38.92 27.36 11.48
OXT ACT WA . -38.07 25.23 11.64
CH3 ACT WA . -38.68 26.43 13.67
C ACT XA . -19.38 1.68 -3.16
O ACT XA . -20.29 2.43 -3.62
OXT ACT XA . -18.63 1.99 -2.21
CH3 ACT XA . -19.14 0.34 -3.82
C ACT YA . -21.59 5.64 -12.80
O ACT YA . -20.41 5.47 -12.42
OXT ACT YA . -22.58 5.39 -12.11
CH3 ACT YA . -21.87 6.14 -14.21
C ACT ZA . -43.77 21.03 0.53
O ACT ZA . -44.35 21.09 -0.57
OXT ACT ZA . -43.03 20.09 0.86
CH3 ACT ZA . -43.98 22.19 1.52
C ACT AB . -30.21 11.69 8.04
O ACT AB . -30.03 12.09 6.87
OXT ACT AB . -31.25 11.11 8.44
CH3 ACT AB . -29.10 11.89 9.08
C ACT BB . -32.06 18.18 -17.77
O ACT BB . -32.34 19.42 -17.65
OXT ACT BB . -31.05 17.73 -18.41
CH3 ACT BB . -33.02 17.14 -17.15
N1 AR6 CB . -19.13 4.71 -1.52
C2 AR6 CB . -18.57 4.89 -0.31
N3 AR6 CB . -18.26 6.04 0.32
C4 AR6 CB . -18.54 7.11 -0.48
C5 AR6 CB . -19.06 7.08 -1.76
C6 AR6 CB . -19.38 5.81 -2.29
N6 AR6 CB . -19.92 5.67 -3.47
N7 AR6 CB . -19.22 8.37 -2.28
C8 AR6 CB . -18.75 9.15 -1.33
N9 AR6 CB . -18.33 8.44 -0.21
PA AR6 CB . -15.49 12.66 -1.90
PB AR6 CB . -16.18 15.54 -2.03
C1' AR6 CB . -17.79 8.98 1.05
O1A AR6 CB . -14.23 12.07 -1.38
O1B AR6 CB . -17.62 15.25 -2.41
C1D AR6 CB . -14.26 17.80 2.24
C2' AR6 CB . -16.30 8.72 1.22
O2' AR6 CB . -15.95 8.64 2.59
O2A AR6 CB . -15.82 12.46 -3.35
O2B AR6 CB . -15.43 16.23 -3.11
C2D AR6 CB . -14.82 18.91 1.33
O2D AR6 CB . -14.38 20.24 1.72
C3' AR6 CB . -15.73 9.96 0.56
O3' AR6 CB . -14.33 10.10 0.82
O3A AR6 CB . -15.38 14.27 -1.56
C3D AR6 CB . -16.34 18.56 1.45
O3D AR6 CB . -16.83 19.22 2.61
C4' AR6 CB . -16.67 11.02 1.12
O4' AR6 CB . -17.97 10.38 1.04
C4D AR6 CB . -16.42 17.03 1.65
O4D AR6 CB . -15.07 16.61 2.01
C5' AR6 CB . -16.75 12.36 0.42
O5' AR6 CB . -16.68 12.17 -0.99
C5D AR6 CB . -16.88 16.16 0.50
O5D AR6 CB . -16.16 16.46 -0.69
MG MG DB . -26.04 -2.53 11.29
MG MG EB . -24.99 0.97 11.16
C1 EDO FB . -2.75 -10.55 6.61
O1 EDO FB . -1.42 -10.90 6.84
C2 EDO FB . -2.98 -9.17 6.94
O2 EDO FB . -2.67 -8.30 5.89
C1 EDO GB . -24.03 -13.88 18.65
O1 EDO GB . -25.05 -12.91 18.68
C2 EDO GB . -22.66 -13.39 18.34
O2 EDO GB . -22.25 -12.23 19.05
C1 EDO HB . -14.57 1.32 -2.67
O1 EDO HB . -13.22 0.81 -2.83
C2 EDO HB . -15.34 0.37 -1.84
O2 EDO HB . -15.48 -0.88 -2.53
C ACT IB . -9.57 6.98 -0.14
O ACT IB . -10.73 7.37 -0.46
OXT ACT IB . -9.18 6.80 1.05
CH3 ACT IB . -8.58 6.73 -1.28
C ACT JB . -2.85 -8.38 1.91
O ACT JB . -3.18 -8.95 0.83
OXT ACT JB . -2.80 -8.94 3.01
CH3 ACT JB . -2.49 -6.90 1.89
C ACT KB . -22.93 3.10 4.47
O ACT KB . -22.62 2.84 3.29
OXT ACT KB . -22.13 2.95 5.50
CH3 ACT KB . -24.35 3.67 4.67
C ACT LB . -6.48 9.28 30.92
O ACT LB . -6.18 10.13 30.04
OXT ACT LB . -6.14 8.09 30.86
CH3 ACT LB . -7.32 9.72 32.14
C ACT MB . -15.55 14.52 15.32
O ACT MB . -16.65 14.75 15.80
OXT ACT MB . -14.78 13.60 15.72
CH3 ACT MB . -15.10 15.46 14.18
C ACT NB . -12.01 -9.00 -8.59
O ACT NB . -10.96 -8.89 -7.85
OXT ACT NB . -12.76 -10.02 -8.60
CH3 ACT NB . -12.36 -7.87 -9.55
C ACT OB . 0.05 -8.04 18.45
O ACT OB . 0.12 -8.38 17.24
OXT ACT OB . 0.03 -8.86 19.44
CH3 ACT OB . 0.01 -6.53 18.78
N1 AR6 PB . -11.90 6.34 2.18
C2 AR6 PB . -13.11 6.88 2.04
N3 AR6 PB . -14.25 6.56 2.66
C4 AR6 PB . -14.06 5.51 3.49
C5 AR6 PB . -12.89 4.82 3.69
C6 AR6 PB . -11.75 5.26 2.99
N6 AR6 PB . -10.55 4.73 3.12
N7 AR6 PB . -13.10 3.82 4.63
C8 AR6 PB . -14.36 3.91 4.96
N9 AR6 PB . -15.00 4.91 4.28
PA AR6 PB . -17.57 0.18 5.03
PB AR6 PB . -18.49 -1.10 7.53
C1' AR6 PB . -16.39 5.33 4.41
O1A AR6 PB . -18.35 0.38 3.77
O1B AR6 PB . -17.31 -0.50 8.24
C1D AR6 PB . -23.41 0.04 8.40
C2' AR6 PB . -17.20 4.92 3.19
O2' AR6 PB . -18.32 5.78 3.03
O2A AR6 PB . -16.27 -0.61 5.02
O2B AR6 PB . -18.53 -2.56 7.36
C2D AR6 PB . -23.02 -0.90 9.55
O2D AR6 PB . -24.18 -1.50 10.20
C3' AR6 PB . -17.59 3.50 3.59
O3' AR6 PB . -18.66 2.99 2.79
O3A AR6 PB . -18.61 -0.45 6.11
C3D AR6 PB . -22.03 0.05 10.31
O3D AR6 PB . -22.82 0.79 11.20
C4' AR6 PB . -18.03 3.78 5.03
O4' AR6 PB . -16.97 4.65 5.52
C4D AR6 PB . -21.42 1.01 9.23
O4D AR6 PB . -22.30 0.88 8.09
C5' AR6 PB . -18.20 2.61 5.96
O5' AR6 PB . -17.20 1.58 5.68
C5D AR6 PB . -19.99 0.77 8.81
O5D AR6 PB . -19.85 -0.55 8.20
#